data_1JF8
# 
_entry.id   1JF8 
# 
_audit_conform.dict_name       mmcif_pdbx.dic 
_audit_conform.dict_version    5.389 
_audit_conform.dict_location   http://mmcif.pdb.org/dictionaries/ascii/mmcif_pdbx.dic 
# 
loop_
_database_2.database_id 
_database_2.database_code 
_database_2.pdbx_database_accession 
_database_2.pdbx_DOI 
PDB   1JF8         pdb_00001jf8 10.2210/pdb1jf8/pdb 
RCSB  RCSB013701   ?            ?                   
WWPDB D_1000013701 ?            ?                   
# 
loop_
_pdbx_audit_revision_history.ordinal 
_pdbx_audit_revision_history.data_content_type 
_pdbx_audit_revision_history.major_revision 
_pdbx_audit_revision_history.minor_revision 
_pdbx_audit_revision_history.revision_date 
1 'Structure model' 1 0 2001-10-03 
2 'Structure model' 1 1 2008-04-27 
3 'Structure model' 1 2 2011-07-13 
4 'Structure model' 1 3 2021-10-27 
5 'Structure model' 1 4 2024-02-07 
6 'Structure model' 1 5 2024-04-03 
# 
_pdbx_audit_revision_details.ordinal             1 
_pdbx_audit_revision_details.revision_ordinal    1 
_pdbx_audit_revision_details.data_content_type   'Structure model' 
_pdbx_audit_revision_details.provider            repository 
_pdbx_audit_revision_details.type                'Initial release' 
_pdbx_audit_revision_details.description         ? 
_pdbx_audit_revision_details.details             ? 
# 
loop_
_pdbx_audit_revision_group.ordinal 
_pdbx_audit_revision_group.revision_ordinal 
_pdbx_audit_revision_group.data_content_type 
_pdbx_audit_revision_group.group 
1 2 'Structure model' 'Version format compliance' 
2 3 'Structure model' 'Version format compliance' 
3 4 'Structure model' 'Data collection'           
4 4 'Structure model' 'Database references'       
5 4 'Structure model' 'Derived calculations'      
6 5 'Structure model' 'Data collection'           
7 6 'Structure model' 'Refinement description'    
# 
loop_
_pdbx_audit_revision_category.ordinal 
_pdbx_audit_revision_category.revision_ordinal 
_pdbx_audit_revision_category.data_content_type 
_pdbx_audit_revision_category.category 
1 4 'Structure model' database_2                    
2 4 'Structure model' diffrn_source                 
3 4 'Structure model' pdbx_struct_conn_angle        
4 4 'Structure model' struct_conn                   
5 4 'Structure model' struct_ref_seq_dif            
6 4 'Structure model' struct_site                   
7 5 'Structure model' chem_comp_atom                
8 5 'Structure model' chem_comp_bond                
9 6 'Structure model' pdbx_initial_refinement_model 
# 
loop_
_pdbx_audit_revision_item.ordinal 
_pdbx_audit_revision_item.revision_ordinal 
_pdbx_audit_revision_item.data_content_type 
_pdbx_audit_revision_item.item 
1  4 'Structure model' '_database_2.pdbx_DOI'                        
2  4 'Structure model' '_database_2.pdbx_database_accession'         
3  4 'Structure model' '_diffrn_source.pdbx_synchrotron_site'        
4  4 'Structure model' '_pdbx_struct_conn_angle.ptnr1_auth_comp_id'  
5  4 'Structure model' '_pdbx_struct_conn_angle.ptnr1_auth_seq_id'   
6  4 'Structure model' '_pdbx_struct_conn_angle.ptnr1_label_asym_id' 
7  4 'Structure model' '_pdbx_struct_conn_angle.ptnr1_label_atom_id' 
8  4 'Structure model' '_pdbx_struct_conn_angle.ptnr1_label_comp_id' 
9  4 'Structure model' '_pdbx_struct_conn_angle.ptnr1_label_seq_id'  
10 4 'Structure model' '_pdbx_struct_conn_angle.ptnr3_auth_comp_id'  
11 4 'Structure model' '_pdbx_struct_conn_angle.ptnr3_auth_seq_id'   
12 4 'Structure model' '_pdbx_struct_conn_angle.ptnr3_label_asym_id' 
13 4 'Structure model' '_pdbx_struct_conn_angle.ptnr3_label_atom_id' 
14 4 'Structure model' '_pdbx_struct_conn_angle.ptnr3_label_comp_id' 
15 4 'Structure model' '_pdbx_struct_conn_angle.ptnr3_label_seq_id'  
16 4 'Structure model' '_pdbx_struct_conn_angle.value'               
17 4 'Structure model' '_struct_conn.pdbx_dist_value'                
18 4 'Structure model' '_struct_conn.ptnr1_auth_comp_id'             
19 4 'Structure model' '_struct_conn.ptnr1_auth_seq_id'              
20 4 'Structure model' '_struct_conn.ptnr1_label_asym_id'            
21 4 'Structure model' '_struct_conn.ptnr1_label_atom_id'            
22 4 'Structure model' '_struct_conn.ptnr1_label_comp_id'            
23 4 'Structure model' '_struct_conn.ptnr1_label_seq_id'             
24 4 'Structure model' '_struct_conn.ptnr2_auth_comp_id'             
25 4 'Structure model' '_struct_conn.ptnr2_auth_seq_id'              
26 4 'Structure model' '_struct_conn.ptnr2_label_asym_id'            
27 4 'Structure model' '_struct_conn.ptnr2_label_atom_id'            
28 4 'Structure model' '_struct_conn.ptnr2_label_comp_id'            
29 4 'Structure model' '_struct_conn.ptnr2_label_seq_id'             
30 4 'Structure model' '_struct_ref_seq_dif.details'                 
31 4 'Structure model' '_struct_site.pdbx_auth_asym_id'              
32 4 'Structure model' '_struct_site.pdbx_auth_comp_id'              
33 4 'Structure model' '_struct_site.pdbx_auth_seq_id'               
# 
_pdbx_database_status.status_code                     REL 
_pdbx_database_status.entry_id                        1JF8 
_pdbx_database_status.recvd_initial_deposition_date   2001-06-20 
_pdbx_database_status.deposit_site                    RCSB 
_pdbx_database_status.process_site                    RCSB 
_pdbx_database_status.status_code_sf                  REL 
_pdbx_database_status.SG_entry                        . 
_pdbx_database_status.pdb_format_compatible           Y 
_pdbx_database_status.status_code_mr                  ? 
_pdbx_database_status.status_code_cs                  ? 
_pdbx_database_status.status_code_nmr_data            ? 
_pdbx_database_status.methods_development_category    ? 
# 
_pdbx_database_related.db_name        PDB 
_pdbx_database_related.db_id          1JFV 
_pdbx_database_related.details        'Structure of oxidised C10S, C15A pI258 arsenate reductase' 
_pdbx_database_related.content_type   unspecified 
# 
loop_
_audit_author.name 
_audit_author.pdbx_ordinal 
'Zegers, I.'    1 
'Martins, J.C.' 2 
'Willem, R.'    3 
'Wyns, L.'      4 
'Messens, J.'   5 
# 
_citation.id                        primary 
_citation.title                     'Arsenate reductase from S. aureus plasmid pI258 is a phosphatase drafted for redox duty.' 
_citation.journal_abbrev            Nat.Struct.Biol. 
_citation.journal_volume            8 
_citation.page_first                843 
_citation.page_last                 847 
_citation.year                      2001 
_citation.journal_id_ASTM           NSBIEW 
_citation.country                   US 
_citation.journal_id_ISSN           1072-8368 
_citation.journal_id_CSD            2024 
_citation.book_publisher            ? 
_citation.pdbx_database_id_PubMed   11573087 
_citation.pdbx_database_id_DOI      10.1038/nsb1001-843 
# 
loop_
_citation_author.citation_id 
_citation_author.name 
_citation_author.ordinal 
_citation_author.identifier_ORCID 
primary 'Zegers, I.'    1 ? 
primary 'Martins, J.C.' 2 ? 
primary 'Willem, R.'    3 ? 
primary 'Wyns, L.'      4 ? 
primary 'Messens, J.'   5 ? 
# 
loop_
_entity.id 
_entity.type 
_entity.src_method 
_entity.pdbx_description 
_entity.formula_weight 
_entity.pdbx_number_of_molecules 
_entity.pdbx_ec 
_entity.pdbx_mutation 
_entity.pdbx_fragment 
_entity.details 
1 polymer     man 'arsenate reductase'                     14783.608 1   ? C10S,C15A ? ? 
2 non-polymer syn 'BICARBONATE ION'                        61.017    1   ? ?         ? ? 
3 non-polymer syn 'POTASSIUM ION'                          39.098    1   ? ?         ? ? 
4 non-polymer syn 2-AMINO-2-HYDROXYMETHYL-PROPANE-1,3-DIOL 122.143   1   ? ?         ? ? 
5 water       nat water                                    18.015    220 ? ?         ? ? 
# 
_entity_name_com.entity_id   1 
_entity_name_com.name        'ARSENICAL PUMP MODIFIER' 
# 
_entity_poly.entity_id                      1 
_entity_poly.type                           'polypeptide(L)' 
_entity_poly.nstd_linkage                   no 
_entity_poly.nstd_monomer                   no 
_entity_poly.pdbx_seq_one_letter_code       
;MDKKTIYFISTGNSARSQMAEGWGKEILGEGWNVYSAGIETHGVNPKAIEAMKEVDIDISNHTSDLIDNDILKQSDLVVT
LCSDADNNCPILPPNVKKEHWGFDDPAGKEWSEFQRVRDEIKLAIEKFKLR
;
_entity_poly.pdbx_seq_one_letter_code_can   
;MDKKTIYFISTGNSARSQMAEGWGKEILGEGWNVYSAGIETHGVNPKAIEAMKEVDIDISNHTSDLIDNDILKQSDLVVT
LCSDADNNCPILPPNVKKEHWGFDDPAGKEWSEFQRVRDEIKLAIEKFKLR
;
_entity_poly.pdbx_strand_id                 A 
_entity_poly.pdbx_target_identifier         ? 
# 
loop_
_pdbx_entity_nonpoly.entity_id 
_pdbx_entity_nonpoly.name 
_pdbx_entity_nonpoly.comp_id 
2 'BICARBONATE ION'                        BCT 
3 'POTASSIUM ION'                          K   
4 2-AMINO-2-HYDROXYMETHYL-PROPANE-1,3-DIOL TRS 
5 water                                    HOH 
# 
loop_
_entity_poly_seq.entity_id 
_entity_poly_seq.num 
_entity_poly_seq.mon_id 
_entity_poly_seq.hetero 
1 1   MET n 
1 2   ASP n 
1 3   LYS n 
1 4   LYS n 
1 5   THR n 
1 6   ILE n 
1 7   TYR n 
1 8   PHE n 
1 9   ILE n 
1 10  SER n 
1 11  THR n 
1 12  GLY n 
1 13  ASN n 
1 14  SER n 
1 15  ALA n 
1 16  ARG n 
1 17  SER n 
1 18  GLN n 
1 19  MET n 
1 20  ALA n 
1 21  GLU n 
1 22  GLY n 
1 23  TRP n 
1 24  GLY n 
1 25  LYS n 
1 26  GLU n 
1 27  ILE n 
1 28  LEU n 
1 29  GLY n 
1 30  GLU n 
1 31  GLY n 
1 32  TRP n 
1 33  ASN n 
1 34  VAL n 
1 35  TYR n 
1 36  SER n 
1 37  ALA n 
1 38  GLY n 
1 39  ILE n 
1 40  GLU n 
1 41  THR n 
1 42  HIS n 
1 43  GLY n 
1 44  VAL n 
1 45  ASN n 
1 46  PRO n 
1 47  LYS n 
1 48  ALA n 
1 49  ILE n 
1 50  GLU n 
1 51  ALA n 
1 52  MET n 
1 53  LYS n 
1 54  GLU n 
1 55  VAL n 
1 56  ASP n 
1 57  ILE n 
1 58  ASP n 
1 59  ILE n 
1 60  SER n 
1 61  ASN n 
1 62  HIS n 
1 63  THR n 
1 64  SER n 
1 65  ASP n 
1 66  LEU n 
1 67  ILE n 
1 68  ASP n 
1 69  ASN n 
1 70  ASP n 
1 71  ILE n 
1 72  LEU n 
1 73  LYS n 
1 74  GLN n 
1 75  SER n 
1 76  ASP n 
1 77  LEU n 
1 78  VAL n 
1 79  VAL n 
1 80  THR n 
1 81  LEU n 
1 82  CYS n 
1 83  SER n 
1 84  ASP n 
1 85  ALA n 
1 86  ASP n 
1 87  ASN n 
1 88  ASN n 
1 89  CYS n 
1 90  PRO n 
1 91  ILE n 
1 92  LEU n 
1 93  PRO n 
1 94  PRO n 
1 95  ASN n 
1 96  VAL n 
1 97  LYS n 
1 98  LYS n 
1 99  GLU n 
1 100 HIS n 
1 101 TRP n 
1 102 GLY n 
1 103 PHE n 
1 104 ASP n 
1 105 ASP n 
1 106 PRO n 
1 107 ALA n 
1 108 GLY n 
1 109 LYS n 
1 110 GLU n 
1 111 TRP n 
1 112 SER n 
1 113 GLU n 
1 114 PHE n 
1 115 GLN n 
1 116 ARG n 
1 117 VAL n 
1 118 ARG n 
1 119 ASP n 
1 120 GLU n 
1 121 ILE n 
1 122 LYS n 
1 123 LEU n 
1 124 ALA n 
1 125 ILE n 
1 126 GLU n 
1 127 LYS n 
1 128 PHE n 
1 129 LYS n 
1 130 LEU n 
1 131 ARG n 
# 
_entity_src_gen.entity_id                          1 
_entity_src_gen.pdbx_src_id                        1 
_entity_src_gen.pdbx_alt_source_flag               sample 
_entity_src_gen.pdbx_seq_type                      ? 
_entity_src_gen.pdbx_beg_seq_num                   ? 
_entity_src_gen.pdbx_end_seq_num                   ? 
_entity_src_gen.gene_src_common_name               ? 
_entity_src_gen.gene_src_genus                     Staphylococcus 
_entity_src_gen.pdbx_gene_src_gene                 arsc 
_entity_src_gen.gene_src_species                   ? 
_entity_src_gen.gene_src_strain                    ? 
_entity_src_gen.gene_src_tissue                    ? 
_entity_src_gen.gene_src_tissue_fraction           ? 
_entity_src_gen.gene_src_details                   ? 
_entity_src_gen.pdbx_gene_src_fragment             ? 
_entity_src_gen.pdbx_gene_src_scientific_name      'Staphylococcus aureus' 
_entity_src_gen.pdbx_gene_src_ncbi_taxonomy_id     1280 
_entity_src_gen.pdbx_gene_src_variant              ? 
_entity_src_gen.pdbx_gene_src_cell_line            ? 
_entity_src_gen.pdbx_gene_src_atcc                 ? 
_entity_src_gen.pdbx_gene_src_organ                ? 
_entity_src_gen.pdbx_gene_src_organelle            ? 
_entity_src_gen.pdbx_gene_src_cell                 ? 
_entity_src_gen.pdbx_gene_src_cellular_location    ? 
_entity_src_gen.host_org_common_name               ? 
_entity_src_gen.pdbx_host_org_scientific_name      'Escherichia coli' 
_entity_src_gen.pdbx_host_org_ncbi_taxonomy_id     562 
_entity_src_gen.host_org_genus                     Escherichia 
_entity_src_gen.pdbx_host_org_gene                 ? 
_entity_src_gen.pdbx_host_org_organ                ? 
_entity_src_gen.host_org_species                   ? 
_entity_src_gen.pdbx_host_org_tissue               ? 
_entity_src_gen.pdbx_host_org_tissue_fraction      ? 
_entity_src_gen.pdbx_host_org_strain               JM109 
_entity_src_gen.pdbx_host_org_variant              ? 
_entity_src_gen.pdbx_host_org_cell_line            ? 
_entity_src_gen.pdbx_host_org_atcc                 ? 
_entity_src_gen.pdbx_host_org_culture_collection   ? 
_entity_src_gen.pdbx_host_org_cell                 ? 
_entity_src_gen.pdbx_host_org_organelle            ? 
_entity_src_gen.pdbx_host_org_cellular_location    ? 
_entity_src_gen.pdbx_host_org_vector_type          plasmid 
_entity_src_gen.pdbx_host_org_vector               ? 
_entity_src_gen.host_org_details                   ? 
_entity_src_gen.expression_system_id               ? 
_entity_src_gen.plasmid_name                       pTrc99 
_entity_src_gen.plasmid_details                    ? 
_entity_src_gen.pdbx_description                   ? 
# 
loop_
_chem_comp.id 
_chem_comp.type 
_chem_comp.mon_nstd_flag 
_chem_comp.name 
_chem_comp.pdbx_synonyms 
_chem_comp.formula 
_chem_comp.formula_weight 
ALA 'L-peptide linking' y ALANINE                                  ?             'C3 H7 N O2'     89.093  
ARG 'L-peptide linking' y ARGININE                                 ?             'C6 H15 N4 O2 1' 175.209 
ASN 'L-peptide linking' y ASPARAGINE                               ?             'C4 H8 N2 O3'    132.118 
ASP 'L-peptide linking' y 'ASPARTIC ACID'                          ?             'C4 H7 N O4'     133.103 
BCT non-polymer         . 'BICARBONATE ION'                        ?             'C H O3 -1'      61.017  
CYS 'L-peptide linking' y CYSTEINE                                 ?             'C3 H7 N O2 S'   121.158 
GLN 'L-peptide linking' y GLUTAMINE                                ?             'C5 H10 N2 O3'   146.144 
GLU 'L-peptide linking' y 'GLUTAMIC ACID'                          ?             'C5 H9 N O4'     147.129 
GLY 'peptide linking'   y GLYCINE                                  ?             'C2 H5 N O2'     75.067  
HIS 'L-peptide linking' y HISTIDINE                                ?             'C6 H10 N3 O2 1' 156.162 
HOH non-polymer         . WATER                                    ?             'H2 O'           18.015  
ILE 'L-peptide linking' y ISOLEUCINE                               ?             'C6 H13 N O2'    131.173 
K   non-polymer         . 'POTASSIUM ION'                          ?             'K 1'            39.098  
LEU 'L-peptide linking' y LEUCINE                                  ?             'C6 H13 N O2'    131.173 
LYS 'L-peptide linking' y LYSINE                                   ?             'C6 H15 N2 O2 1' 147.195 
MET 'L-peptide linking' y METHIONINE                               ?             'C5 H11 N O2 S'  149.211 
PHE 'L-peptide linking' y PHENYLALANINE                            ?             'C9 H11 N O2'    165.189 
PRO 'L-peptide linking' y PROLINE                                  ?             'C5 H9 N O2'     115.130 
SER 'L-peptide linking' y SERINE                                   ?             'C3 H7 N O3'     105.093 
THR 'L-peptide linking' y THREONINE                                ?             'C4 H9 N O3'     119.119 
TRP 'L-peptide linking' y TRYPTOPHAN                               ?             'C11 H12 N2 O2'  204.225 
TRS non-polymer         . 2-AMINO-2-HYDROXYMETHYL-PROPANE-1,3-DIOL 'TRIS BUFFER' 'C4 H12 N O3 1'  122.143 
TYR 'L-peptide linking' y TYROSINE                                 ?             'C9 H11 N O3'    181.189 
VAL 'L-peptide linking' y VALINE                                   ?             'C5 H11 N O2'    117.146 
# 
loop_
_pdbx_poly_seq_scheme.asym_id 
_pdbx_poly_seq_scheme.entity_id 
_pdbx_poly_seq_scheme.seq_id 
_pdbx_poly_seq_scheme.mon_id 
_pdbx_poly_seq_scheme.ndb_seq_num 
_pdbx_poly_seq_scheme.pdb_seq_num 
_pdbx_poly_seq_scheme.auth_seq_num 
_pdbx_poly_seq_scheme.pdb_mon_id 
_pdbx_poly_seq_scheme.auth_mon_id 
_pdbx_poly_seq_scheme.pdb_strand_id 
_pdbx_poly_seq_scheme.pdb_ins_code 
_pdbx_poly_seq_scheme.hetero 
A 1 1   MET 1   1   ?   ?   ?   A . n 
A 1 2   ASP 2   2   2   ASP ASP A . n 
A 1 3   LYS 3   3   3   LYS LYS A . n 
A 1 4   LYS 4   4   4   LYS LYS A . n 
A 1 5   THR 5   5   5   THR THR A . n 
A 1 6   ILE 6   6   6   ILE ILE A . n 
A 1 7   TYR 7   7   7   TYR TYR A . n 
A 1 8   PHE 8   8   8   PHE PHE A . n 
A 1 9   ILE 9   9   9   ILE ILE A . n 
A 1 10  SER 10  10  10  SER SER A . n 
A 1 11  THR 11  11  11  THR THR A . n 
A 1 12  GLY 12  12  12  GLY GLY A . n 
A 1 13  ASN 13  13  13  ASN ASN A . n 
A 1 14  SER 14  14  14  SER SER A . n 
A 1 15  ALA 15  15  15  ALA ALA A . n 
A 1 16  ARG 16  16  16  ARG ARG A . n 
A 1 17  SER 17  17  17  SER SER A . n 
A 1 18  GLN 18  18  18  GLN GLN A . n 
A 1 19  MET 19  19  19  MET MET A . n 
A 1 20  ALA 20  20  20  ALA ALA A . n 
A 1 21  GLU 21  21  21  GLU GLU A . n 
A 1 22  GLY 22  22  22  GLY GLY A . n 
A 1 23  TRP 23  23  23  TRP TRP A . n 
A 1 24  GLY 24  24  24  GLY GLY A . n 
A 1 25  LYS 25  25  25  LYS LYS A . n 
A 1 26  GLU 26  26  26  GLU GLU A . n 
A 1 27  ILE 27  27  27  ILE ILE A . n 
A 1 28  LEU 28  28  28  LEU LEU A . n 
A 1 29  GLY 29  29  29  GLY GLY A . n 
A 1 30  GLU 30  30  30  GLU GLU A . n 
A 1 31  GLY 31  31  31  GLY GLY A . n 
A 1 32  TRP 32  32  32  TRP TRP A . n 
A 1 33  ASN 33  33  33  ASN ASN A . n 
A 1 34  VAL 34  34  34  VAL VAL A . n 
A 1 35  TYR 35  35  35  TYR TYR A . n 
A 1 36  SER 36  36  36  SER SER A . n 
A 1 37  ALA 37  37  37  ALA ALA A . n 
A 1 38  GLY 38  38  38  GLY GLY A . n 
A 1 39  ILE 39  39  39  ILE ILE A . n 
A 1 40  GLU 40  40  40  GLU GLU A . n 
A 1 41  THR 41  41  41  THR THR A . n 
A 1 42  HIS 42  42  42  HIS HIS A . n 
A 1 43  GLY 43  43  43  GLY GLY A . n 
A 1 44  VAL 44  44  44  VAL VAL A . n 
A 1 45  ASN 45  45  45  ASN ASN A . n 
A 1 46  PRO 46  46  46  PRO PRO A . n 
A 1 47  LYS 47  47  47  LYS LYS A . n 
A 1 48  ALA 48  48  48  ALA ALA A . n 
A 1 49  ILE 49  49  49  ILE ILE A . n 
A 1 50  GLU 50  50  50  GLU GLU A . n 
A 1 51  ALA 51  51  51  ALA ALA A . n 
A 1 52  MET 52  52  52  MET MET A . n 
A 1 53  LYS 53  53  53  LYS LYS A . n 
A 1 54  GLU 54  54  54  GLU GLU A . n 
A 1 55  VAL 55  55  55  VAL VAL A . n 
A 1 56  ASP 56  56  56  ASP ASP A . n 
A 1 57  ILE 57  57  57  ILE ILE A . n 
A 1 58  ASP 58  58  58  ASP ASP A . n 
A 1 59  ILE 59  59  59  ILE ILE A . n 
A 1 60  SER 60  60  60  SER SER A . n 
A 1 61  ASN 61  61  61  ASN ASN A . n 
A 1 62  HIS 62  62  62  HIS HIS A . n 
A 1 63  THR 63  63  63  THR THR A . n 
A 1 64  SER 64  64  64  SER SER A . n 
A 1 65  ASP 65  65  65  ASP ASP A . n 
A 1 66  LEU 66  66  66  LEU LEU A . n 
A 1 67  ILE 67  67  67  ILE ILE A . n 
A 1 68  ASP 68  68  68  ASP ASP A . n 
A 1 69  ASN 69  69  69  ASN ASN A . n 
A 1 70  ASP 70  70  70  ASP ASP A . n 
A 1 71  ILE 71  71  71  ILE ILE A . n 
A 1 72  LEU 72  72  72  LEU LEU A . n 
A 1 73  LYS 73  73  73  LYS LYS A . n 
A 1 74  GLN 74  74  74  GLN GLN A . n 
A 1 75  SER 75  75  75  SER SER A . n 
A 1 76  ASP 76  76  76  ASP ASP A . n 
A 1 77  LEU 77  77  77  LEU LEU A . n 
A 1 78  VAL 78  78  78  VAL VAL A . n 
A 1 79  VAL 79  79  79  VAL VAL A . n 
A 1 80  THR 80  80  80  THR THR A . n 
A 1 81  LEU 81  81  81  LEU LEU A . n 
A 1 82  CYS 82  82  82  CYS CYS A . n 
A 1 83  SER 83  83  83  SER SER A . n 
A 1 84  ASP 84  84  84  ASP ASP A . n 
A 1 85  ALA 85  85  85  ALA ALA A . n 
A 1 86  ASP 86  86  86  ASP ASP A . n 
A 1 87  ASN 87  87  87  ASN ASN A . n 
A 1 88  ASN 88  88  88  ASN ASN A . n 
A 1 89  CYS 89  89  89  CYS CYS A . n 
A 1 90  PRO 90  90  90  PRO PRO A . n 
A 1 91  ILE 91  91  91  ILE ILE A . n 
A 1 92  LEU 92  92  92  LEU LEU A . n 
A 1 93  PRO 93  93  93  PRO PRO A . n 
A 1 94  PRO 94  94  94  PRO PRO A . n 
A 1 95  ASN 95  95  95  ASN ASN A . n 
A 1 96  VAL 96  96  96  VAL VAL A . n 
A 1 97  LYS 97  97  97  LYS LYS A . n 
A 1 98  LYS 98  98  98  LYS LYS A . n 
A 1 99  GLU 99  99  99  GLU GLU A . n 
A 1 100 HIS 100 100 100 HIS HIS A . n 
A 1 101 TRP 101 101 101 TRP TRP A . n 
A 1 102 GLY 102 102 102 GLY GLY A . n 
A 1 103 PHE 103 103 103 PHE PHE A . n 
A 1 104 ASP 104 104 104 ASP ASP A . n 
A 1 105 ASP 105 105 105 ASP ASP A . n 
A 1 106 PRO 106 106 106 PRO PRO A . n 
A 1 107 ALA 107 107 107 ALA ALA A . n 
A 1 108 GLY 108 108 108 GLY GLY A . n 
A 1 109 LYS 109 109 109 LYS LYS A . n 
A 1 110 GLU 110 110 110 GLU GLU A . n 
A 1 111 TRP 111 111 111 TRP TRP A . n 
A 1 112 SER 112 112 112 SER SER A . n 
A 1 113 GLU 113 113 113 GLU GLU A . n 
A 1 114 PHE 114 114 114 PHE PHE A . n 
A 1 115 GLN 115 115 115 GLN GLN A . n 
A 1 116 ARG 116 116 116 ARG ARG A . n 
A 1 117 VAL 117 117 117 VAL VAL A . n 
A 1 118 ARG 118 118 118 ARG ARG A . n 
A 1 119 ASP 119 119 119 ASP ASP A . n 
A 1 120 GLU 120 120 120 GLU GLU A . n 
A 1 121 ILE 121 121 121 ILE ILE A . n 
A 1 122 LYS 122 122 122 LYS LYS A . n 
A 1 123 LEU 123 123 123 LEU LEU A . n 
A 1 124 ALA 124 124 124 ALA ALA A . n 
A 1 125 ILE 125 125 125 ILE ILE A . n 
A 1 126 GLU 126 126 126 GLU GLU A . n 
A 1 127 LYS 127 127 127 LYS LYS A . n 
A 1 128 PHE 128 128 128 PHE PHE A . n 
A 1 129 LYS 129 129 129 LYS LYS A . n 
A 1 130 LEU 130 130 130 LEU LEU A . n 
A 1 131 ARG 131 131 131 ARG ARG A . n 
# 
loop_
_pdbx_nonpoly_scheme.asym_id 
_pdbx_nonpoly_scheme.entity_id 
_pdbx_nonpoly_scheme.mon_id 
_pdbx_nonpoly_scheme.ndb_seq_num 
_pdbx_nonpoly_scheme.pdb_seq_num 
_pdbx_nonpoly_scheme.auth_seq_num 
_pdbx_nonpoly_scheme.pdb_mon_id 
_pdbx_nonpoly_scheme.auth_mon_id 
_pdbx_nonpoly_scheme.pdb_strand_id 
_pdbx_nonpoly_scheme.pdb_ins_code 
B 2 BCT 1   132 132 BCT BIC A . 
C 3 K   1   133 133 K   K1  A . 
D 4 TRS 1   134 134 TRS TRX A . 
E 5 HOH 1   135 135 HOH WAT A . 
E 5 HOH 2   136 136 HOH WAT A . 
E 5 HOH 3   137 137 HOH WAT A . 
E 5 HOH 4   138 138 HOH WAT A . 
E 5 HOH 5   139 139 HOH WAT A . 
E 5 HOH 6   140 140 HOH WAT A . 
E 5 HOH 7   141 141 HOH WAT A . 
E 5 HOH 8   142 142 HOH WAT A . 
E 5 HOH 9   143 143 HOH WAT A . 
E 5 HOH 10  144 144 HOH WAT A . 
E 5 HOH 11  145 145 HOH WAT A . 
E 5 HOH 12  146 146 HOH WAT A . 
E 5 HOH 13  147 147 HOH WAT A . 
E 5 HOH 14  148 148 HOH WAT A . 
E 5 HOH 15  149 149 HOH WAT A . 
E 5 HOH 16  150 150 HOH WAT A . 
E 5 HOH 17  151 151 HOH WAT A . 
E 5 HOH 18  152 152 HOH WAT A . 
E 5 HOH 19  153 153 HOH WAT A . 
E 5 HOH 20  154 154 HOH WAT A . 
E 5 HOH 21  155 155 HOH WAT A . 
E 5 HOH 22  156 156 HOH WAT A . 
E 5 HOH 23  157 157 HOH WAT A . 
E 5 HOH 24  158 158 HOH WAT A . 
E 5 HOH 25  159 159 HOH WAT A . 
E 5 HOH 26  160 160 HOH WAT A . 
E 5 HOH 27  161 161 HOH WAT A . 
E 5 HOH 28  162 162 HOH WAT A . 
E 5 HOH 29  163 163 HOH WAT A . 
E 5 HOH 30  164 164 HOH WAT A . 
E 5 HOH 31  165 165 HOH WAT A . 
E 5 HOH 32  166 166 HOH WAT A . 
E 5 HOH 33  167 167 HOH WAT A . 
E 5 HOH 34  168 168 HOH WAT A . 
E 5 HOH 35  169 169 HOH WAT A . 
E 5 HOH 36  170 170 HOH WAT A . 
E 5 HOH 37  171 171 HOH WAT A . 
E 5 HOH 38  172 172 HOH WAT A . 
E 5 HOH 39  173 173 HOH WAT A . 
E 5 HOH 40  174 174 HOH WAT A . 
E 5 HOH 41  175 175 HOH WAT A . 
E 5 HOH 42  176 176 HOH WAT A . 
E 5 HOH 43  177 177 HOH WAT A . 
E 5 HOH 44  178 178 HOH WAT A . 
E 5 HOH 45  179 179 HOH WAT A . 
E 5 HOH 46  180 180 HOH WAT A . 
E 5 HOH 47  181 181 HOH WAT A . 
E 5 HOH 48  182 182 HOH WAT A . 
E 5 HOH 49  183 183 HOH WAT A . 
E 5 HOH 50  184 184 HOH WAT A . 
E 5 HOH 51  185 185 HOH WAT A . 
E 5 HOH 52  186 186 HOH WAT A . 
E 5 HOH 53  187 187 HOH WAT A . 
E 5 HOH 54  188 188 HOH WAT A . 
E 5 HOH 55  189 189 HOH WAT A . 
E 5 HOH 56  190 190 HOH WAT A . 
E 5 HOH 57  191 191 HOH WAT A . 
E 5 HOH 58  192 192 HOH WAT A . 
E 5 HOH 59  193 193 HOH WAT A . 
E 5 HOH 60  194 194 HOH WAT A . 
E 5 HOH 61  195 195 HOH WAT A . 
E 5 HOH 62  196 196 HOH WAT A . 
E 5 HOH 63  197 197 HOH WAT A . 
E 5 HOH 64  198 198 HOH WAT A . 
E 5 HOH 65  199 199 HOH WAT A . 
E 5 HOH 66  200 200 HOH WAT A . 
E 5 HOH 67  201 201 HOH WAT A . 
E 5 HOH 68  202 202 HOH WAT A . 
E 5 HOH 69  203 203 HOH WAT A . 
E 5 HOH 70  204 204 HOH WAT A . 
E 5 HOH 71  205 205 HOH WAT A . 
E 5 HOH 72  206 206 HOH WAT A . 
E 5 HOH 73  207 207 HOH WAT A . 
E 5 HOH 74  208 208 HOH WAT A . 
E 5 HOH 75  209 209 HOH WAT A . 
E 5 HOH 76  210 210 HOH WAT A . 
E 5 HOH 77  211 211 HOH WAT A . 
E 5 HOH 78  212 212 HOH WAT A . 
E 5 HOH 79  213 213 HOH WAT A . 
E 5 HOH 80  214 214 HOH WAT A . 
E 5 HOH 81  215 215 HOH WAT A . 
E 5 HOH 82  216 216 HOH WAT A . 
E 5 HOH 83  217 217 HOH WAT A . 
E 5 HOH 84  218 218 HOH WAT A . 
E 5 HOH 85  219 219 HOH WAT A . 
E 5 HOH 86  220 220 HOH WAT A . 
E 5 HOH 87  221 221 HOH WAT A . 
E 5 HOH 88  222 222 HOH WAT A . 
E 5 HOH 89  223 223 HOH WAT A . 
E 5 HOH 90  224 224 HOH WAT A . 
E 5 HOH 91  225 225 HOH WAT A . 
E 5 HOH 92  226 226 HOH WAT A . 
E 5 HOH 93  227 227 HOH WAT A . 
E 5 HOH 94  228 228 HOH WAT A . 
E 5 HOH 95  229 229 HOH WAT A . 
E 5 HOH 96  230 230 HOH WAT A . 
E 5 HOH 97  231 231 HOH WAT A . 
E 5 HOH 98  232 232 HOH WAT A . 
E 5 HOH 99  233 233 HOH WAT A . 
E 5 HOH 100 234 234 HOH WAT A . 
E 5 HOH 101 235 235 HOH WAT A . 
E 5 HOH 102 236 236 HOH WAT A . 
E 5 HOH 103 237 237 HOH WAT A . 
E 5 HOH 104 238 238 HOH WAT A . 
E 5 HOH 105 239 239 HOH WAT A . 
E 5 HOH 106 240 240 HOH WAT A . 
E 5 HOH 107 241 241 HOH WAT A . 
E 5 HOH 108 242 242 HOH WAT A . 
E 5 HOH 109 243 243 HOH WAT A . 
E 5 HOH 110 244 244 HOH WAT A . 
E 5 HOH 111 245 245 HOH WAT A . 
E 5 HOH 112 246 246 HOH WAT A . 
E 5 HOH 113 247 247 HOH WAT A . 
E 5 HOH 114 248 248 HOH WAT A . 
E 5 HOH 115 249 249 HOH WAT A . 
E 5 HOH 116 250 250 HOH WAT A . 
E 5 HOH 117 251 251 HOH WAT A . 
E 5 HOH 118 252 252 HOH WAT A . 
E 5 HOH 119 253 253 HOH WAT A . 
E 5 HOH 120 254 254 HOH WAT A . 
E 5 HOH 121 255 255 HOH WAT A . 
E 5 HOH 122 256 256 HOH WAT A . 
E 5 HOH 123 257 257 HOH WAT A . 
E 5 HOH 124 258 258 HOH WAT A . 
E 5 HOH 125 259 259 HOH WAT A . 
E 5 HOH 126 260 260 HOH WAT A . 
E 5 HOH 127 261 261 HOH WAT A . 
E 5 HOH 128 262 262 HOH WAT A . 
E 5 HOH 129 263 263 HOH WAT A . 
E 5 HOH 130 264 264 HOH WAT A . 
E 5 HOH 131 265 265 HOH WAT A . 
E 5 HOH 132 266 266 HOH WAT A . 
E 5 HOH 133 267 267 HOH WAT A . 
E 5 HOH 134 268 268 HOH WAT A . 
E 5 HOH 135 269 269 HOH WAT A . 
E 5 HOH 136 270 270 HOH WAT A . 
E 5 HOH 137 271 271 HOH WAT A . 
E 5 HOH 138 272 272 HOH WAT A . 
E 5 HOH 139 273 273 HOH WAT A . 
E 5 HOH 140 274 274 HOH WAT A . 
E 5 HOH 141 275 275 HOH WAT A . 
E 5 HOH 142 276 276 HOH WAT A . 
E 5 HOH 143 277 277 HOH WAT A . 
E 5 HOH 144 278 278 HOH WAT A . 
E 5 HOH 145 279 279 HOH WAT A . 
E 5 HOH 146 280 280 HOH WAT A . 
E 5 HOH 147 281 281 HOH WAT A . 
E 5 HOH 148 282 282 HOH WAT A . 
E 5 HOH 149 283 283 HOH WAT A . 
E 5 HOH 150 284 284 HOH WAT A . 
E 5 HOH 151 285 285 HOH WAT A . 
E 5 HOH 152 286 286 HOH WAT A . 
E 5 HOH 153 287 287 HOH WAT A . 
E 5 HOH 154 288 288 HOH WAT A . 
E 5 HOH 155 289 289 HOH WAT A . 
E 5 HOH 156 290 290 HOH WAT A . 
E 5 HOH 157 291 291 HOH WAT A . 
E 5 HOH 158 292 292 HOH WAT A . 
E 5 HOH 159 293 293 HOH WAT A . 
E 5 HOH 160 294 294 HOH WAT A . 
E 5 HOH 161 295 295 HOH WAT A . 
E 5 HOH 162 296 296 HOH WAT A . 
E 5 HOH 163 297 297 HOH WAT A . 
E 5 HOH 164 298 298 HOH WAT A . 
E 5 HOH 165 299 299 HOH WAT A . 
E 5 HOH 166 300 300 HOH WAT A . 
E 5 HOH 167 301 301 HOH WAT A . 
E 5 HOH 168 302 302 HOH WAT A . 
E 5 HOH 169 303 303 HOH WAT A . 
E 5 HOH 170 304 304 HOH WAT A . 
E 5 HOH 171 305 305 HOH WAT A . 
E 5 HOH 172 306 306 HOH WAT A . 
E 5 HOH 173 307 307 HOH WAT A . 
E 5 HOH 174 308 308 HOH WAT A . 
E 5 HOH 175 309 309 HOH WAT A . 
E 5 HOH 176 310 310 HOH WAT A . 
E 5 HOH 177 311 311 HOH WAT A . 
E 5 HOH 178 312 312 HOH WAT A . 
E 5 HOH 179 313 313 HOH WAT A . 
E 5 HOH 180 314 314 HOH WAT A . 
E 5 HOH 181 315 315 HOH WAT A . 
E 5 HOH 182 316 316 HOH WAT A . 
E 5 HOH 183 317 317 HOH WAT A . 
E 5 HOH 184 318 318 HOH WAT A . 
E 5 HOH 185 319 319 HOH WAT A . 
E 5 HOH 186 320 320 HOH WAT A . 
E 5 HOH 187 321 321 HOH WAT A . 
E 5 HOH 188 322 322 HOH WAT A . 
E 5 HOH 189 323 323 HOH WAT A . 
E 5 HOH 190 324 324 HOH WAT A . 
E 5 HOH 191 325 325 HOH WAT A . 
E 5 HOH 192 326 326 HOH WAT A . 
E 5 HOH 193 327 327 HOH WAT A . 
E 5 HOH 194 328 328 HOH WAT A . 
E 5 HOH 195 329 329 HOH WAT A . 
E 5 HOH 196 330 330 HOH WAT A . 
E 5 HOH 197 331 331 HOH WAT A . 
E 5 HOH 198 332 332 HOH WAT A . 
E 5 HOH 199 333 333 HOH WAT A . 
E 5 HOH 200 334 334 HOH WAT A . 
E 5 HOH 201 335 335 HOH WAT A . 
E 5 HOH 202 336 336 HOH WAT A . 
E 5 HOH 203 337 337 HOH WAT A . 
E 5 HOH 204 338 338 HOH WAT A . 
E 5 HOH 205 339 339 HOH WAT A . 
E 5 HOH 206 340 340 HOH WAT A . 
E 5 HOH 207 341 341 HOH WAT A . 
E 5 HOH 208 342 342 HOH WAT A . 
E 5 HOH 209 343 343 HOH WAT A . 
E 5 HOH 210 344 344 HOH WAT A . 
E 5 HOH 211 345 345 HOH WAT A . 
E 5 HOH 212 346 346 HOH WAT A . 
E 5 HOH 213 347 347 HOH WAT A . 
E 5 HOH 214 348 348 HOH WAT A . 
E 5 HOH 215 349 349 HOH WAT A . 
E 5 HOH 216 350 350 HOH WAT A . 
E 5 HOH 217 351 351 HOH WAT A . 
E 5 HOH 218 352 352 HOH WAT A . 
E 5 HOH 219 353 353 HOH WAT A . 
E 5 HOH 220 354 354 HOH WAT A . 
# 
loop_
_software.name 
_software.classification 
_software.version 
_software.citation_id 
_software.pdbx_ordinal 
AMoRE phasing          .            ? 1 
CNS   refinement       .            ? 2 
DENZO 'data reduction' .            ? 3 
CCP4  'data scaling'   '(TRUNCATE)' ? 4 
# 
_cell.entry_id           1JF8 
_cell.length_a           33.9 
_cell.length_b           34.2 
_cell.length_c           99.4 
_cell.angle_alpha        90 
_cell.angle_beta         90 
_cell.angle_gamma        90 
_cell.Z_PDB              4 
_cell.pdbx_unique_axis   ? 
# 
_symmetry.entry_id                         1JF8 
_symmetry.space_group_name_H-M             'P 21 21 21' 
_symmetry.pdbx_full_space_group_name_H-M   ? 
_symmetry.cell_setting                     ? 
_symmetry.Int_Tables_number                19 
# 
_exptl.entry_id          1JF8 
_exptl.method            'X-RAY DIFFRACTION' 
_exptl.crystals_number   1 
# 
_exptl_crystal.id                    1 
_exptl_crystal.density_meas          ? 
_exptl_crystal.density_Matthews      1.95 
_exptl_crystal.density_percent_sol   36.86 
_exptl_crystal.description           ? 
# 
_exptl_crystal_grow.crystal_id      1 
_exptl_crystal_grow.method          'VAPOR DIFFUSION, HANGING DROP' 
_exptl_crystal_grow.temp            293 
_exptl_crystal_grow.temp_details    ? 
_exptl_crystal_grow.pH              8 
_exptl_crystal_grow.pdbx_details    
'Peg4000, Tris, potassium chloride, sodium arsenite, pH 8, VAPOR DIFFUSION, HANGING DROP, temperature 293K' 
_exptl_crystal_grow.pdbx_pH_range   . 
# 
_diffrn.id                     1 
_diffrn.ambient_temp           100 
_diffrn.ambient_temp_details   ? 
_diffrn.crystal_id             1 
# 
_diffrn_detector.diffrn_id              1 
_diffrn_detector.detector               'IMAGE PLATE' 
_diffrn_detector.type                   MARRESEARCH 
_diffrn_detector.pdbx_collection_date   2000-02-23 
_diffrn_detector.details                ? 
# 
_diffrn_radiation.diffrn_id                        1 
_diffrn_radiation.wavelength_id                    1 
_diffrn_radiation.pdbx_monochromatic_or_laue_m_l   M 
_diffrn_radiation.monochromator                    ? 
_diffrn_radiation.pdbx_diffrn_protocol             'SINGLE WAVELENGTH' 
_diffrn_radiation.pdbx_scattering_type             x-ray 
# 
_diffrn_radiation_wavelength.id           1 
_diffrn_radiation_wavelength.wavelength   1.000 
_diffrn_radiation_wavelength.wt           1.0 
# 
_diffrn_source.diffrn_id                   1 
_diffrn_source.source                      SYNCHROTRON 
_diffrn_source.type                        'EMBL/DESY, HAMBURG BEAMLINE X31' 
_diffrn_source.pdbx_synchrotron_site       'EMBL/DESY, HAMBURG' 
_diffrn_source.pdbx_synchrotron_beamline   X31 
_diffrn_source.pdbx_wavelength             ? 
_diffrn_source.pdbx_wavelength_list        1.000 
# 
_reflns.entry_id                     1JF8 
_reflns.observed_criterion_sigma_I   0 
_reflns.observed_criterion_sigma_F   0 
_reflns.d_resolution_low             18.0 
_reflns.d_resolution_high            1.12 
_reflns.number_obs                   44496 
_reflns.number_all                   44496 
_reflns.percent_possible_obs         98.3 
_reflns.pdbx_Rmerge_I_obs            0.0390000 
_reflns.pdbx_Rsym_value              ? 
_reflns.pdbx_netI_over_sigmaI        20.7 
_reflns.B_iso_Wilson_estimate        9.2 
_reflns.pdbx_redundancy              6.6 
_reflns.R_free_details               ? 
_reflns.limit_h_max                  ? 
_reflns.limit_h_min                  ? 
_reflns.limit_k_max                  ? 
_reflns.limit_k_min                  ? 
_reflns.limit_l_max                  ? 
_reflns.limit_l_min                  ? 
_reflns.observed_criterion_F_max     ? 
_reflns.observed_criterion_F_min     ? 
_reflns.pdbx_diffrn_id               1 
_reflns.pdbx_ordinal                 1 
# 
_reflns_shell.d_res_high             1.12 
_reflns_shell.d_res_low              1.16 
_reflns_shell.percent_possible_all   95.8 
_reflns_shell.Rmerge_I_obs           0.3590000 
_reflns_shell.pdbx_Rsym_value        ? 
_reflns_shell.meanI_over_sigI_obs    2.4 
_reflns_shell.pdbx_redundancy        3 
_reflns_shell.percent_possible_obs   ? 
_reflns_shell.number_unique_all      4254 
_reflns_shell.pdbx_diffrn_id         ? 
_reflns_shell.pdbx_ordinal           1 
# 
_refine.entry_id                                 1JF8 
_refine.ls_number_reflns_obs                     44434 
_refine.ls_number_reflns_all                     44434 
_refine.pdbx_ls_sigma_I                          0 
_refine.pdbx_ls_sigma_F                          0 
_refine.pdbx_data_cutoff_high_absF               ? 
_refine.pdbx_data_cutoff_low_absF                ? 
_refine.ls_d_res_low                             18 
_refine.ls_d_res_high                            1.12 
_refine.ls_percent_reflns_obs                    98.0 
_refine.ls_R_factor_obs                          ? 
_refine.ls_R_factor_all                          ? 
_refine.ls_R_factor_R_work                       0.2078000 
_refine.ls_R_factor_R_free                       0.2271000 
_refine.ls_R_factor_R_free_error                 ? 
_refine.ls_R_factor_R_free_error_details         ? 
_refine.ls_percent_reflns_R_free                 10 
_refine.ls_number_reflns_R_free                  4483 
_refine.ls_number_parameters                     ? 
_refine.ls_number_restraints                     ? 
_refine.occupancy_min                            ? 
_refine.occupancy_max                            ? 
_refine.B_iso_mean                               ? 
_refine.aniso_B[1][1]                            ? 
_refine.aniso_B[2][2]                            ? 
_refine.aniso_B[3][3]                            ? 
_refine.aniso_B[1][2]                            ? 
_refine.aniso_B[1][3]                            ? 
_refine.aniso_B[2][3]                            ? 
_refine.solvent_model_details                    ? 
_refine.solvent_model_param_ksol                 ? 
_refine.solvent_model_param_bsol                 ? 
_refine.pdbx_ls_cross_valid_method               THROUGHOUT 
_refine.details                                  ? 
_refine.pdbx_starting_model                      'structure of oxidised pI258 ArsC' 
_refine.pdbx_method_to_determine_struct          'MOLECULAR REPLACEMENT' 
_refine.pdbx_isotropic_thermal_model             isotropic 
_refine.pdbx_stereochemistry_target_values       'Engh and Huber' 
_refine.pdbx_stereochem_target_val_spec_case     ? 
_refine.pdbx_R_Free_selection_details            random 
_refine.pdbx_overall_ESU_R_Free                  ? 
_refine.overall_SU_B                             ? 
_refine.ls_redundancy_reflns_obs                 ? 
_refine.B_iso_min                                ? 
_refine.B_iso_max                                ? 
_refine.correlation_coeff_Fo_to_Fc               ? 
_refine.correlation_coeff_Fo_to_Fc_free          ? 
_refine.overall_SU_R_Cruickshank_DPI             ? 
_refine.overall_SU_R_free                        ? 
_refine.overall_SU_ML                            ? 
_refine.pdbx_overall_ESU_R                       ? 
_refine.pdbx_data_cutoff_high_rms_absF           ? 
_refine.pdbx_refine_id                           'X-RAY DIFFRACTION' 
_refine.pdbx_diffrn_id                           1 
_refine.pdbx_TLS_residual_ADP_flag               ? 
_refine.pdbx_solvent_vdw_probe_radii             ? 
_refine.pdbx_solvent_ion_probe_radii             ? 
_refine.pdbx_solvent_shrinkage_radii             ? 
_refine.pdbx_overall_phase_error                 ? 
_refine.pdbx_overall_SU_R_free_Cruickshank_DPI   ? 
_refine.pdbx_overall_SU_R_Blow_DPI               ? 
_refine.pdbx_overall_SU_R_free_Blow_DPI          ? 
# 
_refine_hist.pdbx_refine_id                   'X-RAY DIFFRACTION' 
_refine_hist.cycle_id                         LAST 
_refine_hist.pdbx_number_atoms_protein        1030 
_refine_hist.pdbx_number_atoms_nucleic_acid   0 
_refine_hist.pdbx_number_atoms_ligand         13 
_refine_hist.number_atoms_solvent             220 
_refine_hist.number_atoms_total               1263 
_refine_hist.d_res_high                       1.12 
_refine_hist.d_res_low                        18 
# 
loop_
_refine_ls_restr.type 
_refine_ls_restr.dev_ideal 
_refine_ls_restr.dev_ideal_target 
_refine_ls_restr.weight 
_refine_ls_restr.number 
_refine_ls_restr.pdbx_refine_id 
_refine_ls_restr.pdbx_restraint_function 
c_bond_d    0.0108 ? ? ? 'X-RAY DIFFRACTION' ? 
c_angle_deg 1.543  ? ? ? 'X-RAY DIFFRACTION' ? 
# 
_refine_ls_shell.pdbx_total_number_of_bins_used   ? 
_refine_ls_shell.d_res_high                       1.12 
_refine_ls_shell.d_res_low                        1.17 
_refine_ls_shell.number_reflns_R_work             ? 
_refine_ls_shell.R_factor_R_work                  0.3306000 
_refine_ls_shell.percent_reflns_obs               98 
_refine_ls_shell.R_factor_R_free                  0.3200000 
_refine_ls_shell.R_factor_R_free_error            0.02 
_refine_ls_shell.percent_reflns_R_free            10.4 
_refine_ls_shell.number_reflns_R_free             68 
_refine_ls_shell.number_reflns_obs                651 
_refine_ls_shell.redundancy_reflns_obs            ? 
_refine_ls_shell.number_reflns_all                ? 
_refine_ls_shell.pdbx_refine_id                   'X-RAY DIFFRACTION' 
_refine_ls_shell.R_factor_all                     ? 
# 
_struct.entry_id                  1JF8 
_struct.title                     'X-ray structure of reduced C10S, C15A arsenate reductase from pI258' 
_struct.pdbx_model_details        ? 
_struct.pdbx_CASP_flag            ? 
_struct.pdbx_model_type_details   ? 
# 
_struct_keywords.entry_id        1JF8 
_struct_keywords.pdbx_keywords   OXIDOREDUCTASE 
_struct_keywords.text            'PTPase I fold, P-loop, sulfinic acid, OXIDOREDUCTASE' 
# 
loop_
_struct_asym.id 
_struct_asym.pdbx_blank_PDB_chainid_flag 
_struct_asym.pdbx_modified 
_struct_asym.entity_id 
_struct_asym.details 
A N N 1 ? 
B N N 2 ? 
C N N 3 ? 
D N N 4 ? 
E N N 5 ? 
# 
_struct_ref.id                         1 
_struct_ref.db_name                    UNP 
_struct_ref.db_code                    ARSC_STAAU 
_struct_ref.entity_id                  1 
_struct_ref.pdbx_seq_one_letter_code   
;MDKKTIYFICTGNSCRSQMAEGWGKEILGEGWNVYSAGIETHGVNPKAIEAMKEVDIDISNHTSDLIDNDILKQSDLVVT
LCSDADNNCPILPPNVKKEHWGFDDPAGKEWSEFQRVRDEIKLAIEKFKLR
;
_struct_ref.pdbx_align_begin           1 
_struct_ref.pdbx_db_accession          P0A006 
_struct_ref.pdbx_db_isoform            ? 
# 
_struct_ref_seq.align_id                      1 
_struct_ref_seq.ref_id                        1 
_struct_ref_seq.pdbx_PDB_id_code              1JF8 
_struct_ref_seq.pdbx_strand_id                A 
_struct_ref_seq.seq_align_beg                 1 
_struct_ref_seq.pdbx_seq_align_beg_ins_code   ? 
_struct_ref_seq.seq_align_end                 131 
_struct_ref_seq.pdbx_seq_align_end_ins_code   ? 
_struct_ref_seq.pdbx_db_accession             P0A006 
_struct_ref_seq.db_align_beg                  1 
_struct_ref_seq.pdbx_db_align_beg_ins_code    ? 
_struct_ref_seq.db_align_end                  131 
_struct_ref_seq.pdbx_db_align_end_ins_code    ? 
_struct_ref_seq.pdbx_auth_seq_align_beg       1 
_struct_ref_seq.pdbx_auth_seq_align_end       131 
# 
loop_
_struct_ref_seq_dif.align_id 
_struct_ref_seq_dif.pdbx_pdb_id_code 
_struct_ref_seq_dif.mon_id 
_struct_ref_seq_dif.pdbx_pdb_strand_id 
_struct_ref_seq_dif.seq_num 
_struct_ref_seq_dif.pdbx_pdb_ins_code 
_struct_ref_seq_dif.pdbx_seq_db_name 
_struct_ref_seq_dif.pdbx_seq_db_accession_code 
_struct_ref_seq_dif.db_mon_id 
_struct_ref_seq_dif.pdbx_seq_db_seq_num 
_struct_ref_seq_dif.details 
_struct_ref_seq_dif.pdbx_auth_seq_num 
_struct_ref_seq_dif.pdbx_ordinal 
1 1JF8 SER A 10 ? UNP P0A006 CYS 10 'engineered mutation' 10 1 
1 1JF8 ALA A 15 ? UNP P0A006 CYS 15 'engineered mutation' 15 2 
# 
_pdbx_struct_assembly.id                   1 
_pdbx_struct_assembly.details              author_defined_assembly 
_pdbx_struct_assembly.method_details       ? 
_pdbx_struct_assembly.oligomeric_details   monomeric 
_pdbx_struct_assembly.oligomeric_count     1 
# 
_pdbx_struct_assembly_gen.assembly_id       1 
_pdbx_struct_assembly_gen.oper_expression   1 
_pdbx_struct_assembly_gen.asym_id_list      A,B,C,D,E 
# 
_pdbx_struct_oper_list.id                   1 
_pdbx_struct_oper_list.type                 'identity operation' 
_pdbx_struct_oper_list.name                 1_555 
_pdbx_struct_oper_list.symmetry_operation   x,y,z 
_pdbx_struct_oper_list.matrix[1][1]         1.0000000000 
_pdbx_struct_oper_list.matrix[1][2]         0.0000000000 
_pdbx_struct_oper_list.matrix[1][3]         0.0000000000 
_pdbx_struct_oper_list.vector[1]            0.0000000000 
_pdbx_struct_oper_list.matrix[2][1]         0.0000000000 
_pdbx_struct_oper_list.matrix[2][2]         1.0000000000 
_pdbx_struct_oper_list.matrix[2][3]         0.0000000000 
_pdbx_struct_oper_list.vector[2]            0.0000000000 
_pdbx_struct_oper_list.matrix[3][1]         0.0000000000 
_pdbx_struct_oper_list.matrix[3][2]         0.0000000000 
_pdbx_struct_oper_list.matrix[3][3]         1.0000000000 
_pdbx_struct_oper_list.vector[3]            0.0000000000 
# 
_struct_biol.id                    1 
_struct_biol.pdbx_parent_biol_id   ? 
_struct_biol.details               ? 
# 
loop_
_struct_conf.conf_type_id 
_struct_conf.id 
_struct_conf.pdbx_PDB_helix_id 
_struct_conf.beg_label_comp_id 
_struct_conf.beg_label_asym_id 
_struct_conf.beg_label_seq_id 
_struct_conf.pdbx_beg_PDB_ins_code 
_struct_conf.end_label_comp_id 
_struct_conf.end_label_asym_id 
_struct_conf.end_label_seq_id 
_struct_conf.pdbx_end_PDB_ins_code 
_struct_conf.beg_auth_comp_id 
_struct_conf.beg_auth_asym_id 
_struct_conf.beg_auth_seq_id 
_struct_conf.end_auth_comp_id 
_struct_conf.end_auth_asym_id 
_struct_conf.end_auth_seq_id 
_struct_conf.pdbx_PDB_helix_class 
_struct_conf.details 
_struct_conf.pdbx_PDB_helix_length 
HELX_P HELX_P1 1 ALA A 15  ? LEU A 28  ? ALA A 15  LEU A 28  1 ? 14 
HELX_P HELX_P2 2 ASN A 45  ? VAL A 55  ? ASN A 45  VAL A 55  1 ? 11 
HELX_P HELX_P3 3 ASP A 68  ? SER A 75  ? ASP A 68  SER A 75  1 ? 8  
HELX_P HELX_P4 4 CYS A 82  ? CYS A 89  ? CYS A 82  CYS A 89  1 ? 8  
HELX_P HELX_P5 5 GLU A 110 ? LEU A 130 ? GLU A 110 LEU A 130 1 ? 21 
# 
_struct_conf_type.id          HELX_P 
_struct_conf_type.criteria    ? 
_struct_conf_type.reference   ? 
# 
loop_
_struct_conn.id 
_struct_conn.conn_type_id 
_struct_conn.pdbx_leaving_atom_flag 
_struct_conn.pdbx_PDB_id 
_struct_conn.ptnr1_label_asym_id 
_struct_conn.ptnr1_label_comp_id 
_struct_conn.ptnr1_label_seq_id 
_struct_conn.ptnr1_label_atom_id 
_struct_conn.pdbx_ptnr1_label_alt_id 
_struct_conn.pdbx_ptnr1_PDB_ins_code 
_struct_conn.pdbx_ptnr1_standard_comp_id 
_struct_conn.ptnr1_symmetry 
_struct_conn.ptnr2_label_asym_id 
_struct_conn.ptnr2_label_comp_id 
_struct_conn.ptnr2_label_seq_id 
_struct_conn.ptnr2_label_atom_id 
_struct_conn.pdbx_ptnr2_label_alt_id 
_struct_conn.pdbx_ptnr2_PDB_ins_code 
_struct_conn.ptnr1_auth_asym_id 
_struct_conn.ptnr1_auth_comp_id 
_struct_conn.ptnr1_auth_seq_id 
_struct_conn.ptnr2_auth_asym_id 
_struct_conn.ptnr2_auth_comp_id 
_struct_conn.ptnr2_auth_seq_id 
_struct_conn.ptnr2_symmetry 
_struct_conn.pdbx_ptnr3_label_atom_id 
_struct_conn.pdbx_ptnr3_label_seq_id 
_struct_conn.pdbx_ptnr3_label_comp_id 
_struct_conn.pdbx_ptnr3_label_asym_id 
_struct_conn.pdbx_ptnr3_label_alt_id 
_struct_conn.pdbx_ptnr3_PDB_ins_code 
_struct_conn.details 
_struct_conn.pdbx_dist_value 
_struct_conn.pdbx_value_order 
_struct_conn.pdbx_role 
metalc1 metalc ? ? A ASN 13 OD1 ? ? ? 1_555 C K   . K ? ? A ASN 13  A K   133 1_555 ? ? ? ? ? ? ? 2.866 ? ? 
metalc2 metalc ? ? A SER 36 O   ? ? ? 1_555 C K   . K ? ? A SER 36  A K   133 1_555 ? ? ? ? ? ? ? 2.786 ? ? 
metalc3 metalc ? ? A SER 36 OG  ? ? ? 1_555 C K   . K ? ? A SER 36  A K   133 1_555 ? ? ? ? ? ? ? 3.073 ? ? 
metalc4 metalc ? ? A THR 63 O   ? ? ? 1_555 C K   . K ? ? A THR 63  A K   133 1_555 ? ? ? ? ? ? ? 2.843 ? ? 
metalc5 metalc ? ? A ASP 65 OD2 ? ? ? 1_555 C K   . K ? ? A ASP 65  A K   133 1_555 ? ? ? ? ? ? ? 2.625 ? ? 
metalc6 metalc ? ? C K   .  K   ? ? ? 1_555 E HOH . O ? ? A K   133 A HOH 144 1_555 ? ? ? ? ? ? ? 2.971 ? ? 
metalc7 metalc ? ? C K   .  K   ? ? ? 1_555 E HOH . O ? ? A K   133 A HOH 199 1_555 ? ? ? ? ? ? ? 2.511 ? ? 
# 
_struct_conn_type.id          metalc 
_struct_conn_type.criteria    ? 
_struct_conn_type.reference   ? 
# 
loop_
_pdbx_struct_conn_angle.id 
_pdbx_struct_conn_angle.ptnr1_label_atom_id 
_pdbx_struct_conn_angle.ptnr1_label_alt_id 
_pdbx_struct_conn_angle.ptnr1_label_asym_id 
_pdbx_struct_conn_angle.ptnr1_label_comp_id 
_pdbx_struct_conn_angle.ptnr1_label_seq_id 
_pdbx_struct_conn_angle.ptnr1_auth_atom_id 
_pdbx_struct_conn_angle.ptnr1_auth_asym_id 
_pdbx_struct_conn_angle.ptnr1_auth_comp_id 
_pdbx_struct_conn_angle.ptnr1_auth_seq_id 
_pdbx_struct_conn_angle.ptnr1_PDB_ins_code 
_pdbx_struct_conn_angle.ptnr1_symmetry 
_pdbx_struct_conn_angle.ptnr2_label_atom_id 
_pdbx_struct_conn_angle.ptnr2_label_alt_id 
_pdbx_struct_conn_angle.ptnr2_label_asym_id 
_pdbx_struct_conn_angle.ptnr2_label_comp_id 
_pdbx_struct_conn_angle.ptnr2_label_seq_id 
_pdbx_struct_conn_angle.ptnr2_auth_atom_id 
_pdbx_struct_conn_angle.ptnr2_auth_asym_id 
_pdbx_struct_conn_angle.ptnr2_auth_comp_id 
_pdbx_struct_conn_angle.ptnr2_auth_seq_id 
_pdbx_struct_conn_angle.ptnr2_PDB_ins_code 
_pdbx_struct_conn_angle.ptnr2_symmetry 
_pdbx_struct_conn_angle.ptnr3_label_atom_id 
_pdbx_struct_conn_angle.ptnr3_label_alt_id 
_pdbx_struct_conn_angle.ptnr3_label_asym_id 
_pdbx_struct_conn_angle.ptnr3_label_comp_id 
_pdbx_struct_conn_angle.ptnr3_label_seq_id 
_pdbx_struct_conn_angle.ptnr3_auth_atom_id 
_pdbx_struct_conn_angle.ptnr3_auth_asym_id 
_pdbx_struct_conn_angle.ptnr3_auth_comp_id 
_pdbx_struct_conn_angle.ptnr3_auth_seq_id 
_pdbx_struct_conn_angle.ptnr3_PDB_ins_code 
_pdbx_struct_conn_angle.ptnr3_symmetry 
_pdbx_struct_conn_angle.value 
_pdbx_struct_conn_angle.value_esd 
1  OD1 ? A ASN 13 ? A ASN 13  ? 1_555 K ? C K . ? A K 133 ? 1_555 O   ? A SER 36 ? A SER 36  ? 1_555 79.3  ? 
2  OD1 ? A ASN 13 ? A ASN 13  ? 1_555 K ? C K . ? A K 133 ? 1_555 OG  ? A SER 36 ? A SER 36  ? 1_555 77.7  ? 
3  O   ? A SER 36 ? A SER 36  ? 1_555 K ? C K . ? A K 133 ? 1_555 OG  ? A SER 36 ? A SER 36  ? 1_555 66.6  ? 
4  OD1 ? A ASN 13 ? A ASN 13  ? 1_555 K ? C K . ? A K 133 ? 1_555 O   ? A THR 63 ? A THR 63  ? 1_555 71.9  ? 
5  O   ? A SER 36 ? A SER 36  ? 1_555 K ? C K . ? A K 133 ? 1_555 O   ? A THR 63 ? A THR 63  ? 1_555 149.3 ? 
6  OG  ? A SER 36 ? A SER 36  ? 1_555 K ? C K . ? A K 133 ? 1_555 O   ? A THR 63 ? A THR 63  ? 1_555 115.8 ? 
7  OD1 ? A ASN 13 ? A ASN 13  ? 1_555 K ? C K . ? A K 133 ? 1_555 OD2 ? A ASP 65 ? A ASP 65  ? 1_555 103.4 ? 
8  O   ? A SER 36 ? A SER 36  ? 1_555 K ? C K . ? A K 133 ? 1_555 OD2 ? A ASP 65 ? A ASP 65  ? 1_555 97.0  ? 
9  OG  ? A SER 36 ? A SER 36  ? 1_555 K ? C K . ? A K 133 ? 1_555 OD2 ? A ASP 65 ? A ASP 65  ? 1_555 163.2 ? 
10 O   ? A THR 63 ? A THR 63  ? 1_555 K ? C K . ? A K 133 ? 1_555 OD2 ? A ASP 65 ? A ASP 65  ? 1_555 79.9  ? 
11 OD1 ? A ASN 13 ? A ASN 13  ? 1_555 K ? C K . ? A K 133 ? 1_555 O   ? E HOH .  ? A HOH 144 ? 1_555 147.6 ? 
12 O   ? A SER 36 ? A SER 36  ? 1_555 K ? C K . ? A K 133 ? 1_555 O   ? E HOH .  ? A HOH 144 ? 1_555 70.5  ? 
13 OG  ? A SER 36 ? A SER 36  ? 1_555 K ? C K . ? A K 133 ? 1_555 O   ? E HOH .  ? A HOH 144 ? 1_555 79.8  ? 
14 O   ? A THR 63 ? A THR 63  ? 1_555 K ? C K . ? A K 133 ? 1_555 O   ? E HOH .  ? A HOH 144 ? 1_555 139.8 ? 
15 OD2 ? A ASP 65 ? A ASP 65  ? 1_555 K ? C K . ? A K 133 ? 1_555 O   ? E HOH .  ? A HOH 144 ? 1_555 91.7  ? 
16 OD1 ? A ASN 13 ? A ASN 13  ? 1_555 K ? C K . ? A K 133 ? 1_555 O   ? E HOH .  ? A HOH 199 ? 1_555 114.1 ? 
17 O   ? A SER 36 ? A SER 36  ? 1_555 K ? C K . ? A K 133 ? 1_555 O   ? E HOH .  ? A HOH 199 ? 1_555 134.4 ? 
18 OG  ? A SER 36 ? A SER 36  ? 1_555 K ? C K . ? A K 133 ? 1_555 O   ? E HOH .  ? A HOH 199 ? 1_555 73.9  ? 
19 O   ? A THR 63 ? A THR 63  ? 1_555 K ? C K . ? A K 133 ? 1_555 O   ? E HOH .  ? A HOH 199 ? 1_555 69.5  ? 
20 OD2 ? A ASP 65 ? A ASP 65  ? 1_555 K ? C K . ? A K 133 ? 1_555 O   ? E HOH .  ? A HOH 199 ? 1_555 119.4 ? 
21 O   ? E HOH .  ? A HOH 144 ? 1_555 K ? C K . ? A K 133 ? 1_555 O   ? E HOH .  ? A HOH 199 ? 1_555 81.2  ? 
# 
_struct_sheet.id               A 
_struct_sheet.type             ? 
_struct_sheet.number_strands   4 
_struct_sheet.details          ? 
# 
loop_
_struct_sheet_order.sheet_id 
_struct_sheet_order.range_id_1 
_struct_sheet_order.range_id_2 
_struct_sheet_order.offset 
_struct_sheet_order.sense 
A 1 2 ? parallel 
A 2 3 ? parallel 
A 3 4 ? parallel 
# 
loop_
_struct_sheet_range.sheet_id 
_struct_sheet_range.id 
_struct_sheet_range.beg_label_comp_id 
_struct_sheet_range.beg_label_asym_id 
_struct_sheet_range.beg_label_seq_id 
_struct_sheet_range.pdbx_beg_PDB_ins_code 
_struct_sheet_range.end_label_comp_id 
_struct_sheet_range.end_label_asym_id 
_struct_sheet_range.end_label_seq_id 
_struct_sheet_range.pdbx_end_PDB_ins_code 
_struct_sheet_range.beg_auth_comp_id 
_struct_sheet_range.beg_auth_asym_id 
_struct_sheet_range.beg_auth_seq_id 
_struct_sheet_range.end_auth_comp_id 
_struct_sheet_range.end_auth_asym_id 
_struct_sheet_range.end_auth_seq_id 
A 1 TRP A 32 ? GLY A 38  ? TRP A 32 GLY A 38  
A 2 LYS A 4  ? SER A 10  ? LYS A 4  SER A 10  
A 3 LEU A 77 ? THR A 80  ? LEU A 77 THR A 80  
A 4 LYS A 97 ? HIS A 100 ? LYS A 97 HIS A 100 
# 
loop_
_pdbx_struct_sheet_hbond.sheet_id 
_pdbx_struct_sheet_hbond.range_id_1 
_pdbx_struct_sheet_hbond.range_id_2 
_pdbx_struct_sheet_hbond.range_1_label_atom_id 
_pdbx_struct_sheet_hbond.range_1_label_comp_id 
_pdbx_struct_sheet_hbond.range_1_label_asym_id 
_pdbx_struct_sheet_hbond.range_1_label_seq_id 
_pdbx_struct_sheet_hbond.range_1_PDB_ins_code 
_pdbx_struct_sheet_hbond.range_1_auth_atom_id 
_pdbx_struct_sheet_hbond.range_1_auth_comp_id 
_pdbx_struct_sheet_hbond.range_1_auth_asym_id 
_pdbx_struct_sheet_hbond.range_1_auth_seq_id 
_pdbx_struct_sheet_hbond.range_2_label_atom_id 
_pdbx_struct_sheet_hbond.range_2_label_comp_id 
_pdbx_struct_sheet_hbond.range_2_label_asym_id 
_pdbx_struct_sheet_hbond.range_2_label_seq_id 
_pdbx_struct_sheet_hbond.range_2_PDB_ins_code 
_pdbx_struct_sheet_hbond.range_2_auth_atom_id 
_pdbx_struct_sheet_hbond.range_2_auth_comp_id 
_pdbx_struct_sheet_hbond.range_2_auth_asym_id 
_pdbx_struct_sheet_hbond.range_2_auth_seq_id 
A 1 2 N ASN A 33 ? N ASN A 33 O LYS A 4  ? O LYS A 4  
A 2 3 N TYR A 7  ? N TYR A 7  O LEU A 77 ? O LEU A 77 
A 3 4 N VAL A 78 ? N VAL A 78 O LYS A 97 ? O LYS A 97 
# 
loop_
_struct_site.id 
_struct_site.pdbx_evidence_code 
_struct_site.pdbx_auth_asym_id 
_struct_site.pdbx_auth_comp_id 
_struct_site.pdbx_auth_seq_id 
_struct_site.pdbx_auth_ins_code 
_struct_site.pdbx_num_residues 
_struct_site.details 
AC1 Software A BCT 132 ? 9  'BINDING SITE FOR RESIDUE BCT A 132' 
AC2 Software A K   133 ? 6  'BINDING SITE FOR RESIDUE K A 133'   
AC3 Software A TRS 134 ? 10 'BINDING SITE FOR RESIDUE TRS A 134' 
# 
loop_
_struct_site_gen.id 
_struct_site_gen.site_id 
_struct_site_gen.pdbx_num_res 
_struct_site_gen.label_comp_id 
_struct_site_gen.label_asym_id 
_struct_site_gen.label_seq_id 
_struct_site_gen.pdbx_auth_ins_code 
_struct_site_gen.auth_comp_id 
_struct_site_gen.auth_asym_id 
_struct_site_gen.auth_seq_id 
_struct_site_gen.label_atom_id 
_struct_site_gen.label_alt_id 
_struct_site_gen.symmetry 
_struct_site_gen.details 
1  AC1 9  SER A 10  ? SER A 10  . ? 1_555 ? 
2  AC1 9  SER A 14  ? SER A 14  . ? 1_555 ? 
3  AC1 9  ALA A 15  ? ALA A 15  . ? 1_555 ? 
4  AC1 9  ARG A 16  ? ARG A 16  . ? 1_555 ? 
5  AC1 9  SER A 17  ? SER A 17  . ? 1_555 ? 
6  AC1 9  TRS D .   ? TRS A 134 . ? 1_555 ? 
7  AC1 9  HOH E .   ? HOH A 137 . ? 1_555 ? 
8  AC1 9  HOH E .   ? HOH A 145 . ? 1_555 ? 
9  AC1 9  HOH E .   ? HOH A 319 . ? 1_555 ? 
10 AC2 6  ASN A 13  ? ASN A 13  . ? 1_555 ? 
11 AC2 6  SER A 36  ? SER A 36  . ? 1_555 ? 
12 AC2 6  THR A 63  ? THR A 63  . ? 1_555 ? 
13 AC2 6  ASP A 65  ? ASP A 65  . ? 1_555 ? 
14 AC2 6  HOH E .   ? HOH A 144 . ? 1_555 ? 
15 AC2 6  HOH E .   ? HOH A 199 . ? 1_555 ? 
16 AC3 10 SER A 14  ? SER A 14  . ? 1_555 ? 
17 AC3 10 HIS A 42  ? HIS A 42  . ? 1_555 ? 
18 AC3 10 GLU A 54  ? GLU A 54  . ? 4_476 ? 
19 AC3 10 ASP A 105 ? ASP A 105 . ? 1_555 ? 
20 AC3 10 ALA A 107 ? ALA A 107 . ? 1_555 ? 
21 AC3 10 TRP A 111 ? TRP A 111 . ? 4_476 ? 
22 AC3 10 GLN A 115 ? GLN A 115 . ? 4_476 ? 
23 AC3 10 BCT B .   ? BCT A 132 . ? 1_555 ? 
24 AC3 10 HOH E .   ? HOH A 137 . ? 1_555 ? 
25 AC3 10 HOH E .   ? HOH A 310 . ? 1_555 ? 
# 
loop_
_pdbx_validate_close_contact.id 
_pdbx_validate_close_contact.PDB_model_num 
_pdbx_validate_close_contact.auth_atom_id_1 
_pdbx_validate_close_contact.auth_asym_id_1 
_pdbx_validate_close_contact.auth_comp_id_1 
_pdbx_validate_close_contact.auth_seq_id_1 
_pdbx_validate_close_contact.PDB_ins_code_1 
_pdbx_validate_close_contact.label_alt_id_1 
_pdbx_validate_close_contact.auth_atom_id_2 
_pdbx_validate_close_contact.auth_asym_id_2 
_pdbx_validate_close_contact.auth_comp_id_2 
_pdbx_validate_close_contact.auth_seq_id_2 
_pdbx_validate_close_contact.PDB_ins_code_2 
_pdbx_validate_close_contact.label_alt_id_2 
_pdbx_validate_close_contact.dist 
1 1 O A HOH 232 ? ? O A HOH 248 ? ? 2.10 
2 1 O A HOH 282 ? ? O A HOH 316 ? ? 2.15 
# 
_pdbx_validate_torsion.id              1 
_pdbx_validate_torsion.PDB_model_num   1 
_pdbx_validate_torsion.auth_comp_id    ALA 
_pdbx_validate_torsion.auth_asym_id    A 
_pdbx_validate_torsion.auth_seq_id     15 
_pdbx_validate_torsion.PDB_ins_code    ? 
_pdbx_validate_torsion.label_alt_id    ? 
_pdbx_validate_torsion.phi             -137.79 
_pdbx_validate_torsion.psi             -68.46 
# 
_pdbx_unobs_or_zero_occ_residues.id               1 
_pdbx_unobs_or_zero_occ_residues.PDB_model_num    1 
_pdbx_unobs_or_zero_occ_residues.polymer_flag     Y 
_pdbx_unobs_or_zero_occ_residues.occupancy_flag   1 
_pdbx_unobs_or_zero_occ_residues.auth_asym_id     A 
_pdbx_unobs_or_zero_occ_residues.auth_comp_id     MET 
_pdbx_unobs_or_zero_occ_residues.auth_seq_id      1 
_pdbx_unobs_or_zero_occ_residues.PDB_ins_code     ? 
_pdbx_unobs_or_zero_occ_residues.label_asym_id    A 
_pdbx_unobs_or_zero_occ_residues.label_comp_id    MET 
_pdbx_unobs_or_zero_occ_residues.label_seq_id     1 
# 
loop_
_chem_comp_atom.comp_id 
_chem_comp_atom.atom_id 
_chem_comp_atom.type_symbol 
_chem_comp_atom.pdbx_aromatic_flag 
_chem_comp_atom.pdbx_stereo_config 
_chem_comp_atom.pdbx_ordinal 
ALA N    N N N 1   
ALA CA   C N S 2   
ALA C    C N N 3   
ALA O    O N N 4   
ALA CB   C N N 5   
ALA OXT  O N N 6   
ALA H    H N N 7   
ALA H2   H N N 8   
ALA HA   H N N 9   
ALA HB1  H N N 10  
ALA HB2  H N N 11  
ALA HB3  H N N 12  
ALA HXT  H N N 13  
ARG N    N N N 14  
ARG CA   C N S 15  
ARG C    C N N 16  
ARG O    O N N 17  
ARG CB   C N N 18  
ARG CG   C N N 19  
ARG CD   C N N 20  
ARG NE   N N N 21  
ARG CZ   C N N 22  
ARG NH1  N N N 23  
ARG NH2  N N N 24  
ARG OXT  O N N 25  
ARG H    H N N 26  
ARG H2   H N N 27  
ARG HA   H N N 28  
ARG HB2  H N N 29  
ARG HB3  H N N 30  
ARG HG2  H N N 31  
ARG HG3  H N N 32  
ARG HD2  H N N 33  
ARG HD3  H N N 34  
ARG HE   H N N 35  
ARG HH11 H N N 36  
ARG HH12 H N N 37  
ARG HH21 H N N 38  
ARG HH22 H N N 39  
ARG HXT  H N N 40  
ASN N    N N N 41  
ASN CA   C N S 42  
ASN C    C N N 43  
ASN O    O N N 44  
ASN CB   C N N 45  
ASN CG   C N N 46  
ASN OD1  O N N 47  
ASN ND2  N N N 48  
ASN OXT  O N N 49  
ASN H    H N N 50  
ASN H2   H N N 51  
ASN HA   H N N 52  
ASN HB2  H N N 53  
ASN HB3  H N N 54  
ASN HD21 H N N 55  
ASN HD22 H N N 56  
ASN HXT  H N N 57  
ASP N    N N N 58  
ASP CA   C N S 59  
ASP C    C N N 60  
ASP O    O N N 61  
ASP CB   C N N 62  
ASP CG   C N N 63  
ASP OD1  O N N 64  
ASP OD2  O N N 65  
ASP OXT  O N N 66  
ASP H    H N N 67  
ASP H2   H N N 68  
ASP HA   H N N 69  
ASP HB2  H N N 70  
ASP HB3  H N N 71  
ASP HD2  H N N 72  
ASP HXT  H N N 73  
BCT C    C N N 74  
BCT O1   O N N 75  
BCT O2   O N N 76  
BCT O3   O N N 77  
BCT HO3  H N N 78  
CYS N    N N N 79  
CYS CA   C N R 80  
CYS C    C N N 81  
CYS O    O N N 82  
CYS CB   C N N 83  
CYS SG   S N N 84  
CYS OXT  O N N 85  
CYS H    H N N 86  
CYS H2   H N N 87  
CYS HA   H N N 88  
CYS HB2  H N N 89  
CYS HB3  H N N 90  
CYS HG   H N N 91  
CYS HXT  H N N 92  
GLN N    N N N 93  
GLN CA   C N S 94  
GLN C    C N N 95  
GLN O    O N N 96  
GLN CB   C N N 97  
GLN CG   C N N 98  
GLN CD   C N N 99  
GLN OE1  O N N 100 
GLN NE2  N N N 101 
GLN OXT  O N N 102 
GLN H    H N N 103 
GLN H2   H N N 104 
GLN HA   H N N 105 
GLN HB2  H N N 106 
GLN HB3  H N N 107 
GLN HG2  H N N 108 
GLN HG3  H N N 109 
GLN HE21 H N N 110 
GLN HE22 H N N 111 
GLN HXT  H N N 112 
GLU N    N N N 113 
GLU CA   C N S 114 
GLU C    C N N 115 
GLU O    O N N 116 
GLU CB   C N N 117 
GLU CG   C N N 118 
GLU CD   C N N 119 
GLU OE1  O N N 120 
GLU OE2  O N N 121 
GLU OXT  O N N 122 
GLU H    H N N 123 
GLU H2   H N N 124 
GLU HA   H N N 125 
GLU HB2  H N N 126 
GLU HB3  H N N 127 
GLU HG2  H N N 128 
GLU HG3  H N N 129 
GLU HE2  H N N 130 
GLU HXT  H N N 131 
GLY N    N N N 132 
GLY CA   C N N 133 
GLY C    C N N 134 
GLY O    O N N 135 
GLY OXT  O N N 136 
GLY H    H N N 137 
GLY H2   H N N 138 
GLY HA2  H N N 139 
GLY HA3  H N N 140 
GLY HXT  H N N 141 
HIS N    N N N 142 
HIS CA   C N S 143 
HIS C    C N N 144 
HIS O    O N N 145 
HIS CB   C N N 146 
HIS CG   C Y N 147 
HIS ND1  N Y N 148 
HIS CD2  C Y N 149 
HIS CE1  C Y N 150 
HIS NE2  N Y N 151 
HIS OXT  O N N 152 
HIS H    H N N 153 
HIS H2   H N N 154 
HIS HA   H N N 155 
HIS HB2  H N N 156 
HIS HB3  H N N 157 
HIS HD1  H N N 158 
HIS HD2  H N N 159 
HIS HE1  H N N 160 
HIS HE2  H N N 161 
HIS HXT  H N N 162 
HOH O    O N N 163 
HOH H1   H N N 164 
HOH H2   H N N 165 
ILE N    N N N 166 
ILE CA   C N S 167 
ILE C    C N N 168 
ILE O    O N N 169 
ILE CB   C N S 170 
ILE CG1  C N N 171 
ILE CG2  C N N 172 
ILE CD1  C N N 173 
ILE OXT  O N N 174 
ILE H    H N N 175 
ILE H2   H N N 176 
ILE HA   H N N 177 
ILE HB   H N N 178 
ILE HG12 H N N 179 
ILE HG13 H N N 180 
ILE HG21 H N N 181 
ILE HG22 H N N 182 
ILE HG23 H N N 183 
ILE HD11 H N N 184 
ILE HD12 H N N 185 
ILE HD13 H N N 186 
ILE HXT  H N N 187 
K   K    K N N 188 
LEU N    N N N 189 
LEU CA   C N S 190 
LEU C    C N N 191 
LEU O    O N N 192 
LEU CB   C N N 193 
LEU CG   C N N 194 
LEU CD1  C N N 195 
LEU CD2  C N N 196 
LEU OXT  O N N 197 
LEU H    H N N 198 
LEU H2   H N N 199 
LEU HA   H N N 200 
LEU HB2  H N N 201 
LEU HB3  H N N 202 
LEU HG   H N N 203 
LEU HD11 H N N 204 
LEU HD12 H N N 205 
LEU HD13 H N N 206 
LEU HD21 H N N 207 
LEU HD22 H N N 208 
LEU HD23 H N N 209 
LEU HXT  H N N 210 
LYS N    N N N 211 
LYS CA   C N S 212 
LYS C    C N N 213 
LYS O    O N N 214 
LYS CB   C N N 215 
LYS CG   C N N 216 
LYS CD   C N N 217 
LYS CE   C N N 218 
LYS NZ   N N N 219 
LYS OXT  O N N 220 
LYS H    H N N 221 
LYS H2   H N N 222 
LYS HA   H N N 223 
LYS HB2  H N N 224 
LYS HB3  H N N 225 
LYS HG2  H N N 226 
LYS HG3  H N N 227 
LYS HD2  H N N 228 
LYS HD3  H N N 229 
LYS HE2  H N N 230 
LYS HE3  H N N 231 
LYS HZ1  H N N 232 
LYS HZ2  H N N 233 
LYS HZ3  H N N 234 
LYS HXT  H N N 235 
MET N    N N N 236 
MET CA   C N S 237 
MET C    C N N 238 
MET O    O N N 239 
MET CB   C N N 240 
MET CG   C N N 241 
MET SD   S N N 242 
MET CE   C N N 243 
MET OXT  O N N 244 
MET H    H N N 245 
MET H2   H N N 246 
MET HA   H N N 247 
MET HB2  H N N 248 
MET HB3  H N N 249 
MET HG2  H N N 250 
MET HG3  H N N 251 
MET HE1  H N N 252 
MET HE2  H N N 253 
MET HE3  H N N 254 
MET HXT  H N N 255 
PHE N    N N N 256 
PHE CA   C N S 257 
PHE C    C N N 258 
PHE O    O N N 259 
PHE CB   C N N 260 
PHE CG   C Y N 261 
PHE CD1  C Y N 262 
PHE CD2  C Y N 263 
PHE CE1  C Y N 264 
PHE CE2  C Y N 265 
PHE CZ   C Y N 266 
PHE OXT  O N N 267 
PHE H    H N N 268 
PHE H2   H N N 269 
PHE HA   H N N 270 
PHE HB2  H N N 271 
PHE HB3  H N N 272 
PHE HD1  H N N 273 
PHE HD2  H N N 274 
PHE HE1  H N N 275 
PHE HE2  H N N 276 
PHE HZ   H N N 277 
PHE HXT  H N N 278 
PRO N    N N N 279 
PRO CA   C N S 280 
PRO C    C N N 281 
PRO O    O N N 282 
PRO CB   C N N 283 
PRO CG   C N N 284 
PRO CD   C N N 285 
PRO OXT  O N N 286 
PRO H    H N N 287 
PRO HA   H N N 288 
PRO HB2  H N N 289 
PRO HB3  H N N 290 
PRO HG2  H N N 291 
PRO HG3  H N N 292 
PRO HD2  H N N 293 
PRO HD3  H N N 294 
PRO HXT  H N N 295 
SER N    N N N 296 
SER CA   C N S 297 
SER C    C N N 298 
SER O    O N N 299 
SER CB   C N N 300 
SER OG   O N N 301 
SER OXT  O N N 302 
SER H    H N N 303 
SER H2   H N N 304 
SER HA   H N N 305 
SER HB2  H N N 306 
SER HB3  H N N 307 
SER HG   H N N 308 
SER HXT  H N N 309 
THR N    N N N 310 
THR CA   C N S 311 
THR C    C N N 312 
THR O    O N N 313 
THR CB   C N R 314 
THR OG1  O N N 315 
THR CG2  C N N 316 
THR OXT  O N N 317 
THR H    H N N 318 
THR H2   H N N 319 
THR HA   H N N 320 
THR HB   H N N 321 
THR HG1  H N N 322 
THR HG21 H N N 323 
THR HG22 H N N 324 
THR HG23 H N N 325 
THR HXT  H N N 326 
TRP N    N N N 327 
TRP CA   C N S 328 
TRP C    C N N 329 
TRP O    O N N 330 
TRP CB   C N N 331 
TRP CG   C Y N 332 
TRP CD1  C Y N 333 
TRP CD2  C Y N 334 
TRP NE1  N Y N 335 
TRP CE2  C Y N 336 
TRP CE3  C Y N 337 
TRP CZ2  C Y N 338 
TRP CZ3  C Y N 339 
TRP CH2  C Y N 340 
TRP OXT  O N N 341 
TRP H    H N N 342 
TRP H2   H N N 343 
TRP HA   H N N 344 
TRP HB2  H N N 345 
TRP HB3  H N N 346 
TRP HD1  H N N 347 
TRP HE1  H N N 348 
TRP HE3  H N N 349 
TRP HZ2  H N N 350 
TRP HZ3  H N N 351 
TRP HH2  H N N 352 
TRP HXT  H N N 353 
TRS C    C N N 354 
TRS C1   C N N 355 
TRS C2   C N N 356 
TRS C3   C N N 357 
TRS N    N N N 358 
TRS O1   O N N 359 
TRS O2   O N N 360 
TRS O3   O N N 361 
TRS H11  H N N 362 
TRS H12  H N N 363 
TRS H21  H N N 364 
TRS H22  H N N 365 
TRS H31  H N N 366 
TRS H32  H N N 367 
TRS HN1  H N N 368 
TRS HN2  H N N 369 
TRS HN3  H N N 370 
TRS HO1  H N N 371 
TRS HO2  H N N 372 
TRS HO3  H N N 373 
TYR N    N N N 374 
TYR CA   C N S 375 
TYR C    C N N 376 
TYR O    O N N 377 
TYR CB   C N N 378 
TYR CG   C Y N 379 
TYR CD1  C Y N 380 
TYR CD2  C Y N 381 
TYR CE1  C Y N 382 
TYR CE2  C Y N 383 
TYR CZ   C Y N 384 
TYR OH   O N N 385 
TYR OXT  O N N 386 
TYR H    H N N 387 
TYR H2   H N N 388 
TYR HA   H N N 389 
TYR HB2  H N N 390 
TYR HB3  H N N 391 
TYR HD1  H N N 392 
TYR HD2  H N N 393 
TYR HE1  H N N 394 
TYR HE2  H N N 395 
TYR HH   H N N 396 
TYR HXT  H N N 397 
VAL N    N N N 398 
VAL CA   C N S 399 
VAL C    C N N 400 
VAL O    O N N 401 
VAL CB   C N N 402 
VAL CG1  C N N 403 
VAL CG2  C N N 404 
VAL OXT  O N N 405 
VAL H    H N N 406 
VAL H2   H N N 407 
VAL HA   H N N 408 
VAL HB   H N N 409 
VAL HG11 H N N 410 
VAL HG12 H N N 411 
VAL HG13 H N N 412 
VAL HG21 H N N 413 
VAL HG22 H N N 414 
VAL HG23 H N N 415 
VAL HXT  H N N 416 
# 
loop_
_chem_comp_bond.comp_id 
_chem_comp_bond.atom_id_1 
_chem_comp_bond.atom_id_2 
_chem_comp_bond.value_order 
_chem_comp_bond.pdbx_aromatic_flag 
_chem_comp_bond.pdbx_stereo_config 
_chem_comp_bond.pdbx_ordinal 
ALA N   CA   sing N N 1   
ALA N   H    sing N N 2   
ALA N   H2   sing N N 3   
ALA CA  C    sing N N 4   
ALA CA  CB   sing N N 5   
ALA CA  HA   sing N N 6   
ALA C   O    doub N N 7   
ALA C   OXT  sing N N 8   
ALA CB  HB1  sing N N 9   
ALA CB  HB2  sing N N 10  
ALA CB  HB3  sing N N 11  
ALA OXT HXT  sing N N 12  
ARG N   CA   sing N N 13  
ARG N   H    sing N N 14  
ARG N   H2   sing N N 15  
ARG CA  C    sing N N 16  
ARG CA  CB   sing N N 17  
ARG CA  HA   sing N N 18  
ARG C   O    doub N N 19  
ARG C   OXT  sing N N 20  
ARG CB  CG   sing N N 21  
ARG CB  HB2  sing N N 22  
ARG CB  HB3  sing N N 23  
ARG CG  CD   sing N N 24  
ARG CG  HG2  sing N N 25  
ARG CG  HG3  sing N N 26  
ARG CD  NE   sing N N 27  
ARG CD  HD2  sing N N 28  
ARG CD  HD3  sing N N 29  
ARG NE  CZ   sing N N 30  
ARG NE  HE   sing N N 31  
ARG CZ  NH1  sing N N 32  
ARG CZ  NH2  doub N N 33  
ARG NH1 HH11 sing N N 34  
ARG NH1 HH12 sing N N 35  
ARG NH2 HH21 sing N N 36  
ARG NH2 HH22 sing N N 37  
ARG OXT HXT  sing N N 38  
ASN N   CA   sing N N 39  
ASN N   H    sing N N 40  
ASN N   H2   sing N N 41  
ASN CA  C    sing N N 42  
ASN CA  CB   sing N N 43  
ASN CA  HA   sing N N 44  
ASN C   O    doub N N 45  
ASN C   OXT  sing N N 46  
ASN CB  CG   sing N N 47  
ASN CB  HB2  sing N N 48  
ASN CB  HB3  sing N N 49  
ASN CG  OD1  doub N N 50  
ASN CG  ND2  sing N N 51  
ASN ND2 HD21 sing N N 52  
ASN ND2 HD22 sing N N 53  
ASN OXT HXT  sing N N 54  
ASP N   CA   sing N N 55  
ASP N   H    sing N N 56  
ASP N   H2   sing N N 57  
ASP CA  C    sing N N 58  
ASP CA  CB   sing N N 59  
ASP CA  HA   sing N N 60  
ASP C   O    doub N N 61  
ASP C   OXT  sing N N 62  
ASP CB  CG   sing N N 63  
ASP CB  HB2  sing N N 64  
ASP CB  HB3  sing N N 65  
ASP CG  OD1  doub N N 66  
ASP CG  OD2  sing N N 67  
ASP OD2 HD2  sing N N 68  
ASP OXT HXT  sing N N 69  
BCT C   O1   doub N N 70  
BCT C   O2   sing N N 71  
BCT C   O3   sing N N 72  
BCT O3  HO3  sing N N 73  
CYS N   CA   sing N N 74  
CYS N   H    sing N N 75  
CYS N   H2   sing N N 76  
CYS CA  C    sing N N 77  
CYS CA  CB   sing N N 78  
CYS CA  HA   sing N N 79  
CYS C   O    doub N N 80  
CYS C   OXT  sing N N 81  
CYS CB  SG   sing N N 82  
CYS CB  HB2  sing N N 83  
CYS CB  HB3  sing N N 84  
CYS SG  HG   sing N N 85  
CYS OXT HXT  sing N N 86  
GLN N   CA   sing N N 87  
GLN N   H    sing N N 88  
GLN N   H2   sing N N 89  
GLN CA  C    sing N N 90  
GLN CA  CB   sing N N 91  
GLN CA  HA   sing N N 92  
GLN C   O    doub N N 93  
GLN C   OXT  sing N N 94  
GLN CB  CG   sing N N 95  
GLN CB  HB2  sing N N 96  
GLN CB  HB3  sing N N 97  
GLN CG  CD   sing N N 98  
GLN CG  HG2  sing N N 99  
GLN CG  HG3  sing N N 100 
GLN CD  OE1  doub N N 101 
GLN CD  NE2  sing N N 102 
GLN NE2 HE21 sing N N 103 
GLN NE2 HE22 sing N N 104 
GLN OXT HXT  sing N N 105 
GLU N   CA   sing N N 106 
GLU N   H    sing N N 107 
GLU N   H2   sing N N 108 
GLU CA  C    sing N N 109 
GLU CA  CB   sing N N 110 
GLU CA  HA   sing N N 111 
GLU C   O    doub N N 112 
GLU C   OXT  sing N N 113 
GLU CB  CG   sing N N 114 
GLU CB  HB2  sing N N 115 
GLU CB  HB3  sing N N 116 
GLU CG  CD   sing N N 117 
GLU CG  HG2  sing N N 118 
GLU CG  HG3  sing N N 119 
GLU CD  OE1  doub N N 120 
GLU CD  OE2  sing N N 121 
GLU OE2 HE2  sing N N 122 
GLU OXT HXT  sing N N 123 
GLY N   CA   sing N N 124 
GLY N   H    sing N N 125 
GLY N   H2   sing N N 126 
GLY CA  C    sing N N 127 
GLY CA  HA2  sing N N 128 
GLY CA  HA3  sing N N 129 
GLY C   O    doub N N 130 
GLY C   OXT  sing N N 131 
GLY OXT HXT  sing N N 132 
HIS N   CA   sing N N 133 
HIS N   H    sing N N 134 
HIS N   H2   sing N N 135 
HIS CA  C    sing N N 136 
HIS CA  CB   sing N N 137 
HIS CA  HA   sing N N 138 
HIS C   O    doub N N 139 
HIS C   OXT  sing N N 140 
HIS CB  CG   sing N N 141 
HIS CB  HB2  sing N N 142 
HIS CB  HB3  sing N N 143 
HIS CG  ND1  sing Y N 144 
HIS CG  CD2  doub Y N 145 
HIS ND1 CE1  doub Y N 146 
HIS ND1 HD1  sing N N 147 
HIS CD2 NE2  sing Y N 148 
HIS CD2 HD2  sing N N 149 
HIS CE1 NE2  sing Y N 150 
HIS CE1 HE1  sing N N 151 
HIS NE2 HE2  sing N N 152 
HIS OXT HXT  sing N N 153 
HOH O   H1   sing N N 154 
HOH O   H2   sing N N 155 
ILE N   CA   sing N N 156 
ILE N   H    sing N N 157 
ILE N   H2   sing N N 158 
ILE CA  C    sing N N 159 
ILE CA  CB   sing N N 160 
ILE CA  HA   sing N N 161 
ILE C   O    doub N N 162 
ILE C   OXT  sing N N 163 
ILE CB  CG1  sing N N 164 
ILE CB  CG2  sing N N 165 
ILE CB  HB   sing N N 166 
ILE CG1 CD1  sing N N 167 
ILE CG1 HG12 sing N N 168 
ILE CG1 HG13 sing N N 169 
ILE CG2 HG21 sing N N 170 
ILE CG2 HG22 sing N N 171 
ILE CG2 HG23 sing N N 172 
ILE CD1 HD11 sing N N 173 
ILE CD1 HD12 sing N N 174 
ILE CD1 HD13 sing N N 175 
ILE OXT HXT  sing N N 176 
LEU N   CA   sing N N 177 
LEU N   H    sing N N 178 
LEU N   H2   sing N N 179 
LEU CA  C    sing N N 180 
LEU CA  CB   sing N N 181 
LEU CA  HA   sing N N 182 
LEU C   O    doub N N 183 
LEU C   OXT  sing N N 184 
LEU CB  CG   sing N N 185 
LEU CB  HB2  sing N N 186 
LEU CB  HB3  sing N N 187 
LEU CG  CD1  sing N N 188 
LEU CG  CD2  sing N N 189 
LEU CG  HG   sing N N 190 
LEU CD1 HD11 sing N N 191 
LEU CD1 HD12 sing N N 192 
LEU CD1 HD13 sing N N 193 
LEU CD2 HD21 sing N N 194 
LEU CD2 HD22 sing N N 195 
LEU CD2 HD23 sing N N 196 
LEU OXT HXT  sing N N 197 
LYS N   CA   sing N N 198 
LYS N   H    sing N N 199 
LYS N   H2   sing N N 200 
LYS CA  C    sing N N 201 
LYS CA  CB   sing N N 202 
LYS CA  HA   sing N N 203 
LYS C   O    doub N N 204 
LYS C   OXT  sing N N 205 
LYS CB  CG   sing N N 206 
LYS CB  HB2  sing N N 207 
LYS CB  HB3  sing N N 208 
LYS CG  CD   sing N N 209 
LYS CG  HG2  sing N N 210 
LYS CG  HG3  sing N N 211 
LYS CD  CE   sing N N 212 
LYS CD  HD2  sing N N 213 
LYS CD  HD3  sing N N 214 
LYS CE  NZ   sing N N 215 
LYS CE  HE2  sing N N 216 
LYS CE  HE3  sing N N 217 
LYS NZ  HZ1  sing N N 218 
LYS NZ  HZ2  sing N N 219 
LYS NZ  HZ3  sing N N 220 
LYS OXT HXT  sing N N 221 
MET N   CA   sing N N 222 
MET N   H    sing N N 223 
MET N   H2   sing N N 224 
MET CA  C    sing N N 225 
MET CA  CB   sing N N 226 
MET CA  HA   sing N N 227 
MET C   O    doub N N 228 
MET C   OXT  sing N N 229 
MET CB  CG   sing N N 230 
MET CB  HB2  sing N N 231 
MET CB  HB3  sing N N 232 
MET CG  SD   sing N N 233 
MET CG  HG2  sing N N 234 
MET CG  HG3  sing N N 235 
MET SD  CE   sing N N 236 
MET CE  HE1  sing N N 237 
MET CE  HE2  sing N N 238 
MET CE  HE3  sing N N 239 
MET OXT HXT  sing N N 240 
PHE N   CA   sing N N 241 
PHE N   H    sing N N 242 
PHE N   H2   sing N N 243 
PHE CA  C    sing N N 244 
PHE CA  CB   sing N N 245 
PHE CA  HA   sing N N 246 
PHE C   O    doub N N 247 
PHE C   OXT  sing N N 248 
PHE CB  CG   sing N N 249 
PHE CB  HB2  sing N N 250 
PHE CB  HB3  sing N N 251 
PHE CG  CD1  doub Y N 252 
PHE CG  CD2  sing Y N 253 
PHE CD1 CE1  sing Y N 254 
PHE CD1 HD1  sing N N 255 
PHE CD2 CE2  doub Y N 256 
PHE CD2 HD2  sing N N 257 
PHE CE1 CZ   doub Y N 258 
PHE CE1 HE1  sing N N 259 
PHE CE2 CZ   sing Y N 260 
PHE CE2 HE2  sing N N 261 
PHE CZ  HZ   sing N N 262 
PHE OXT HXT  sing N N 263 
PRO N   CA   sing N N 264 
PRO N   CD   sing N N 265 
PRO N   H    sing N N 266 
PRO CA  C    sing N N 267 
PRO CA  CB   sing N N 268 
PRO CA  HA   sing N N 269 
PRO C   O    doub N N 270 
PRO C   OXT  sing N N 271 
PRO CB  CG   sing N N 272 
PRO CB  HB2  sing N N 273 
PRO CB  HB3  sing N N 274 
PRO CG  CD   sing N N 275 
PRO CG  HG2  sing N N 276 
PRO CG  HG3  sing N N 277 
PRO CD  HD2  sing N N 278 
PRO CD  HD3  sing N N 279 
PRO OXT HXT  sing N N 280 
SER N   CA   sing N N 281 
SER N   H    sing N N 282 
SER N   H2   sing N N 283 
SER CA  C    sing N N 284 
SER CA  CB   sing N N 285 
SER CA  HA   sing N N 286 
SER C   O    doub N N 287 
SER C   OXT  sing N N 288 
SER CB  OG   sing N N 289 
SER CB  HB2  sing N N 290 
SER CB  HB3  sing N N 291 
SER OG  HG   sing N N 292 
SER OXT HXT  sing N N 293 
THR N   CA   sing N N 294 
THR N   H    sing N N 295 
THR N   H2   sing N N 296 
THR CA  C    sing N N 297 
THR CA  CB   sing N N 298 
THR CA  HA   sing N N 299 
THR C   O    doub N N 300 
THR C   OXT  sing N N 301 
THR CB  OG1  sing N N 302 
THR CB  CG2  sing N N 303 
THR CB  HB   sing N N 304 
THR OG1 HG1  sing N N 305 
THR CG2 HG21 sing N N 306 
THR CG2 HG22 sing N N 307 
THR CG2 HG23 sing N N 308 
THR OXT HXT  sing N N 309 
TRP N   CA   sing N N 310 
TRP N   H    sing N N 311 
TRP N   H2   sing N N 312 
TRP CA  C    sing N N 313 
TRP CA  CB   sing N N 314 
TRP CA  HA   sing N N 315 
TRP C   O    doub N N 316 
TRP C   OXT  sing N N 317 
TRP CB  CG   sing N N 318 
TRP CB  HB2  sing N N 319 
TRP CB  HB3  sing N N 320 
TRP CG  CD1  doub Y N 321 
TRP CG  CD2  sing Y N 322 
TRP CD1 NE1  sing Y N 323 
TRP CD1 HD1  sing N N 324 
TRP CD2 CE2  doub Y N 325 
TRP CD2 CE3  sing Y N 326 
TRP NE1 CE2  sing Y N 327 
TRP NE1 HE1  sing N N 328 
TRP CE2 CZ2  sing Y N 329 
TRP CE3 CZ3  doub Y N 330 
TRP CE3 HE3  sing N N 331 
TRP CZ2 CH2  doub Y N 332 
TRP CZ2 HZ2  sing N N 333 
TRP CZ3 CH2  sing Y N 334 
TRP CZ3 HZ3  sing N N 335 
TRP CH2 HH2  sing N N 336 
TRP OXT HXT  sing N N 337 
TRS C   C1   sing N N 338 
TRS C   C2   sing N N 339 
TRS C   C3   sing N N 340 
TRS C   N    sing N N 341 
TRS C1  O1   sing N N 342 
TRS C1  H11  sing N N 343 
TRS C1  H12  sing N N 344 
TRS C2  O2   sing N N 345 
TRS C2  H21  sing N N 346 
TRS C2  H22  sing N N 347 
TRS C3  O3   sing N N 348 
TRS C3  H31  sing N N 349 
TRS C3  H32  sing N N 350 
TRS N   HN1  sing N N 351 
TRS N   HN2  sing N N 352 
TRS N   HN3  sing N N 353 
TRS O1  HO1  sing N N 354 
TRS O2  HO2  sing N N 355 
TRS O3  HO3  sing N N 356 
TYR N   CA   sing N N 357 
TYR N   H    sing N N 358 
TYR N   H2   sing N N 359 
TYR CA  C    sing N N 360 
TYR CA  CB   sing N N 361 
TYR CA  HA   sing N N 362 
TYR C   O    doub N N 363 
TYR C   OXT  sing N N 364 
TYR CB  CG   sing N N 365 
TYR CB  HB2  sing N N 366 
TYR CB  HB3  sing N N 367 
TYR CG  CD1  doub Y N 368 
TYR CG  CD2  sing Y N 369 
TYR CD1 CE1  sing Y N 370 
TYR CD1 HD1  sing N N 371 
TYR CD2 CE2  doub Y N 372 
TYR CD2 HD2  sing N N 373 
TYR CE1 CZ   doub Y N 374 
TYR CE1 HE1  sing N N 375 
TYR CE2 CZ   sing Y N 376 
TYR CE2 HE2  sing N N 377 
TYR CZ  OH   sing N N 378 
TYR OH  HH   sing N N 379 
TYR OXT HXT  sing N N 380 
VAL N   CA   sing N N 381 
VAL N   H    sing N N 382 
VAL N   H2   sing N N 383 
VAL CA  C    sing N N 384 
VAL CA  CB   sing N N 385 
VAL CA  HA   sing N N 386 
VAL C   O    doub N N 387 
VAL C   OXT  sing N N 388 
VAL CB  CG1  sing N N 389 
VAL CB  CG2  sing N N 390 
VAL CB  HB   sing N N 391 
VAL CG1 HG11 sing N N 392 
VAL CG1 HG12 sing N N 393 
VAL CG1 HG13 sing N N 394 
VAL CG2 HG21 sing N N 395 
VAL CG2 HG22 sing N N 396 
VAL CG2 HG23 sing N N 397 
VAL OXT HXT  sing N N 398 
# 
_pdbx_initial_refinement_model.accession_code   ? 
_pdbx_initial_refinement_model.id               1 
_pdbx_initial_refinement_model.entity_id_list   ? 
_pdbx_initial_refinement_model.type             'experimental model' 
_pdbx_initial_refinement_model.source_name      Other 
_pdbx_initial_refinement_model.details          'structure of oxidised pI258 ArsC' 
# 
_atom_sites.entry_id                    1JF8 
_atom_sites.fract_transf_matrix[1][1]   0.01078571 
_atom_sites.fract_transf_matrix[1][2]   0.02142258 
_atom_sites.fract_transf_matrix[1][3]   -0.01717360 
_atom_sites.fract_transf_matrix[2][1]   -0.00486561 
_atom_sites.fract_transf_matrix[2][2]   0.01948580 
_atom_sites.fract_transf_matrix[2][3]   0.02125105 
_atom_sites.fract_transf_matrix[3][1]   0.00921259 
_atom_sites.fract_transf_matrix[3][2]   -0.00169870 
_atom_sites.fract_transf_matrix[3][3]   0.00366690 
_atom_sites.fract_transf_vector[1]      0.187529 
_atom_sites.fract_transf_vector[2]      0.968304 
_atom_sites.fract_transf_vector[3]      0.377148 
# 
loop_
_atom_type.symbol 
C 
K 
N 
O 
S 
# 
loop_
_atom_site.group_PDB 
_atom_site.id 
_atom_site.type_symbol 
_atom_site.label_atom_id 
_atom_site.label_alt_id 
_atom_site.label_comp_id 
_atom_site.label_asym_id 
_atom_site.label_entity_id 
_atom_site.label_seq_id 
_atom_site.pdbx_PDB_ins_code 
_atom_site.Cartn_x 
_atom_site.Cartn_y 
_atom_site.Cartn_z 
_atom_site.occupancy 
_atom_site.B_iso_or_equiv 
_atom_site.pdbx_formal_charge 
_atom_site.auth_seq_id 
_atom_site.auth_comp_id 
_atom_site.auth_asym_id 
_atom_site.auth_atom_id 
_atom_site.pdbx_PDB_model_num 
ATOM   1    N N   . ASP A 1 2   ? -16.302 3.227   -13.971 1.00 48.01 ? 2   ASP A N   1 
ATOM   2    C CA  . ASP A 1 2   ? -15.646 4.550   -14.182 1.00 46.97 ? 2   ASP A CA  1 
ATOM   3    C C   . ASP A 1 2   ? -14.318 4.597   -13.422 1.00 47.18 ? 2   ASP A C   1 
ATOM   4    O O   . ASP A 1 2   ? -13.256 4.741   -14.035 1.00 43.48 ? 2   ASP A O   1 
ATOM   5    C CB  . ASP A 1 2   ? -16.572 5.677   -13.708 1.00 48.81 ? 2   ASP A CB  1 
ATOM   6    C CG  . ASP A 1 2   ? -16.132 7.045   -14.200 1.00 51.08 ? 2   ASP A CG  1 
ATOM   7    O OD1 . ASP A 1 2   ? -16.817 7.597   -15.080 1.00 57.19 ? 2   ASP A OD1 1 
ATOM   8    O OD2 . ASP A 1 2   ? -15.105 7.571   -13.716 1.00 38.74 ? 2   ASP A OD2 1 
ATOM   9    N N   . LYS A 1 3   ? -14.398 4.547   -12.089 1.00 24.74 ? 3   LYS A N   1 
ATOM   10   C CA  . LYS A 1 3   ? -13.219 4.559   -11.223 1.00 24.57 ? 3   LYS A CA  1 
ATOM   11   C C   . LYS A 1 3   ? -12.657 3.150   -11.112 1.00 18.58 ? 3   LYS A C   1 
ATOM   12   O O   . LYS A 1 3   ? -13.407 2.192   -10.885 1.00 23.23 ? 3   LYS A O   1 
ATOM   13   C CB  . LYS A 1 3   ? -13.566 5.057   -9.813  1.00 27.87 ? 3   LYS A CB  1 
ATOM   14   C CG  . LYS A 1 3   ? -13.604 6.569   -9.633  1.00 26.67 ? 3   LYS A CG  1 
ATOM   15   C CD  . LYS A 1 3   ? -14.037 6.949   -8.211  1.00 33.00 ? 3   LYS A CD  1 
ATOM   16   C CE  . LYS A 1 3   ? -12.884 7.489   -7.371  1.00 32.07 ? 3   LYS A CE  1 
ATOM   17   N NZ  . LYS A 1 3   ? -13.350 7.894   -6.014  1.00 33.65 ? 3   LYS A NZ  1 
ATOM   18   N N   . LYS A 1 4   ? -11.344 3.027   -11.285 1.00 19.23 ? 4   LYS A N   1 
ATOM   19   C CA  . LYS A 1 4   ? -10.671 1.737   -11.174 1.00 15.50 ? 4   LYS A CA  1 
ATOM   20   C C   . LYS A 1 4   ? -10.246 1.490   -9.723  1.00 12.29 ? 4   LYS A C   1 
ATOM   21   O O   . LYS A 1 4   ? -10.325 2.401   -8.895  1.00 15.82 ? 4   LYS A O   1 
ATOM   22   C CB  . LYS A 1 4   ? -9.478  1.677   -12.121 1.00 15.53 ? 4   LYS A CB  1 
ATOM   23   C CG  . LYS A 1 4   ? -9.839  1.750   -13.593 1.00 17.26 ? 4   LYS A CG  1 
ATOM   24   C CD  . LYS A 1 4   ? -8.612  1.606   -14.469 1.00 23.47 ? 4   LYS A CD  1 
ATOM   25   C CE  . LYS A 1 4   ? -8.880  2.109   -15.880 1.00 33.26 ? 4   LYS A CE  1 
ATOM   26   N NZ  . LYS A 1 4   ? -8.452  1.119   -16.905 1.00 42.63 ? 4   LYS A NZ  1 
ATOM   27   N N   . THR A 1 5   ? -9.817  0.265   -9.415  1.00 12.99 ? 5   THR A N   1 
ATOM   28   C CA  . THR A 1 5   ? -9.422  -0.089  -8.052  1.00 10.82 ? 5   THR A CA  1 
ATOM   29   C C   . THR A 1 5   ? -8.001  -0.664  -7.930  1.00 10.87 ? 5   THR A C   1 
ATOM   30   O O   . THR A 1 5   ? -7.642  -1.607  -8.649  1.00 11.44 ? 5   THR A O   1 
ATOM   31   C CB  . THR A 1 5   ? -10.476 -1.076  -7.427  1.00 13.48 ? 5   THR A CB  1 
ATOM   32   O OG1 . THR A 1 5   ? -11.732 -0.403  -7.271  1.00 15.57 ? 5   THR A OG1 1 
ATOM   33   C CG2 . THR A 1 5   ? -10.036 -1.615  -6.063  1.00 11.94 ? 5   THR A CG2 1 
ATOM   34   N N   . ILE A 1 6   ? -7.204  -0.057  -7.044  1.00 11.64 ? 6   ILE A N   1 
ATOM   35   C CA  . ILE A 1 6   ? -5.840  -0.514  -6.744  1.00 10.43 ? 6   ILE A CA  1 
ATOM   36   C C   . ILE A 1 6   ? -5.833  -0.950  -5.269  1.00 8.42  ? 6   ILE A C   1 
ATOM   37   O O   . ILE A 1 6   ? -6.404  -0.274  -4.400  1.00 10.15 ? 6   ILE A O   1 
ATOM   38   C CB  . ILE A 1 6   ? -4.738  0.545   -7.105  1.00 12.24 ? 6   ILE A CB  1 
ATOM   39   C CG1 . ILE A 1 6   ? -3.329  -0.054  -6.984  1.00 10.87 ? 6   ILE A CG1 1 
ATOM   40   C CG2 . ILE A 1 6   ? -4.934  1.849   -6.342  1.00 11.86 ? 6   ILE A CG2 1 
ATOM   41   C CD1 . ILE A 1 6   ? -2.246  0.765   -7.667  1.00 12.04 ? 6   ILE A CD1 1 
ATOM   42   N N   . TYR A 1 7   ? -5.199  -2.090  -5.007  1.00 9.20  ? 7   TYR A N   1 
ATOM   43   C CA  . TYR A 1 7   ? -5.161  -2.693  -3.680  1.00 8.21  ? 7   TYR A CA  1 
ATOM   44   C C   . TYR A 1 7   ? -3.718  -3.011  -3.273  1.00 8.04  ? 7   TYR A C   1 
ATOM   45   O O   . TYR A 1 7   ? -3.079  -3.890  -3.870  1.00 8.61  ? 7   TYR A O   1 
ATOM   46   C CB  . TYR A 1 7   ? -5.991  -3.979  -3.767  1.00 10.19 ? 7   TYR A CB  1 
ATOM   47   C CG  . TYR A 1 7   ? -6.508  -4.621  -2.502  1.00 8.66  ? 7   TYR A CG  1 
ATOM   48   C CD1 . TYR A 1 7   ? -6.973  -5.945  -2.546  1.00 9.20  ? 7   TYR A CD1 1 
ATOM   49   C CD2 . TYR A 1 7   ? -6.645  -3.906  -1.283  1.00 9.91  ? 7   TYR A CD2 1 
ATOM   50   C CE1 . TYR A 1 7   ? -7.571  -6.553  -1.427  1.00 9.48  ? 7   TYR A CE1 1 
ATOM   51   C CE2 . TYR A 1 7   ? -7.248  -4.506  -0.155  1.00 9.34  ? 7   TYR A CE2 1 
ATOM   52   C CZ  . TYR A 1 7   ? -7.710  -5.833  -0.239  1.00 7.93  ? 7   TYR A CZ  1 
ATOM   53   O OH  . TYR A 1 7   ? -8.338  -6.452  0.805   1.00 9.98  ? 7   TYR A OH  1 
ATOM   54   N N   . PHE A 1 8   ? -3.219  -2.297  -2.257  1.00 8.00  ? 8   PHE A N   1 
ATOM   55   C CA  . PHE A 1 8   ? -1.855  -2.472  -1.743  1.00 7.88  ? 8   PHE A CA  1 
ATOM   56   C C   . PHE A 1 8   ? -1.807  -3.464  -0.589  1.00 7.96  ? 8   PHE A C   1 
ATOM   57   O O   . PHE A 1 8   ? -2.482  -3.278  0.425   1.00 8.77  ? 8   PHE A O   1 
ATOM   58   C CB  . PHE A 1 8   ? -1.276  -1.132  -1.294  1.00 9.00  ? 8   PHE A CB  1 
ATOM   59   C CG  . PHE A 1 8   ? -1.022  -0.171  -2.421  1.00 8.61  ? 8   PHE A CG  1 
ATOM   60   C CD1 . PHE A 1 8   ? -1.849  0.953   -2.608  1.00 9.20  ? 8   PHE A CD1 1 
ATOM   61   C CD2 . PHE A 1 8   ? 0.068   -0.366  -3.291  1.00 8.79  ? 8   PHE A CD2 1 
ATOM   62   C CE1 . PHE A 1 8   ? -1.594  1.878   -3.658  1.00 10.08 ? 8   PHE A CE1 1 
ATOM   63   C CE2 . PHE A 1 8   ? 0.338   0.541   -4.342  1.00 10.75 ? 8   PHE A CE2 1 
ATOM   64   C CZ  . PHE A 1 8   ? -0.492  1.668   -4.527  1.00 10.09 ? 8   PHE A CZ  1 
ATOM   65   N N   . ILE A 1 9   ? -0.994  -4.508  -0.740  1.00 8.69  ? 9   ILE A N   1 
ATOM   66   C CA  . ILE A 1 9   ? -0.886  -5.571  0.259   1.00 8.24  ? 9   ILE A CA  1 
ATOM   67   C C   . ILE A 1 9   ? 0.509   -5.753  0.861   1.00 9.46  ? 9   ILE A C   1 
ATOM   68   O O   . ILE A 1 9   ? 1.502   -5.740  0.138   1.00 9.61  ? 9   ILE A O   1 
ATOM   69   C CB  . ILE A 1 9   ? -1.313  -6.971  -0.358  1.00 9.22  ? 9   ILE A CB  1 
ATOM   70   C CG1 . ILE A 1 9   ? -2.677  -6.910  -1.073  1.00 12.48 ? 9   ILE A CG1 1 
ATOM   71   C CG2 . ILE A 1 9   ? -1.294  -8.083  0.701   1.00 11.03 ? 9   ILE A CG2 1 
ATOM   72   C CD1 . ILE A 1 9   ? -3.867  -6.544  -0.213  1.00 13.36 ? 9   ILE A CD1 1 
ATOM   73   N N   . SER A 1 10  ? 0.557   -5.876  2.187   1.00 8.68  ? 10  SER A N   1 
ATOM   74   C CA  . SER A 1 10  ? 1.794   -6.186  2.906   1.00 8.71  ? 10  SER A CA  1 
ATOM   75   C C   . SER A 1 10  ? 1.446   -7.296  3.909   1.00 9.96  ? 10  SER A C   1 
ATOM   76   O O   . SER A 1 10  ? 0.299   -7.729  3.955   1.00 9.31  ? 10  SER A O   1 
ATOM   77   C CB  . SER A 1 10  ? 2.436   -4.968  3.561   1.00 9.22  ? 10  SER A CB  1 
ATOM   78   O OG  . SER A 1 10  ? 1.651   -4.407  4.583   1.00 8.41  ? 10  SER A OG  1 
ATOM   79   N N   . THR A 1 11  ? 2.415   -7.789  4.678   1.00 9.19  ? 11  THR A N   1 
ATOM   80   C CA  . THR A 1 11  ? 2.154   -8.882  5.635   1.00 9.92  ? 11  THR A CA  1 
ATOM   81   C C   . THR A 1 11  ? 1.162   -8.532  6.744   1.00 9.15  ? 11  THR A C   1 
ATOM   82   O O   . THR A 1 11  ? 0.263   -9.315  7.043   1.00 11.62 ? 11  THR A O   1 
ATOM   83   C CB  . THR A 1 11  ? 3.485   -9.459  6.224   1.00 11.46 ? 11  THR A CB  1 
ATOM   84   O OG1 . THR A 1 11  ? 4.163   -10.191 5.203   1.00 14.21 ? 11  THR A OG1 1 
ATOM   85   C CG2 . THR A 1 11  ? 3.243   -10.429 7.381   1.00 14.46 ? 11  THR A CG2 1 
ATOM   86   N N   . GLY A 1 12  ? 1.299   -7.327  7.290   1.00 9.78  ? 12  GLY A N   1 
ATOM   87   C CA  . GLY A 1 12  ? 0.426   -6.910  8.366   1.00 10.41 ? 12  GLY A CA  1 
ATOM   88   C C   . GLY A 1 12  ? -0.295  -5.594  8.222   1.00 8.22  ? 12  GLY A C   1 
ATOM   89   O O   . GLY A 1 12  ? -0.897  -5.145  9.198   1.00 8.39  ? 12  GLY A O   1 
ATOM   90   N N   . ASN A 1 13  ? -0.278  -5.004  7.023   1.00 9.09  ? 13  ASN A N   1 
ATOM   91   C CA  . ASN A 1 13  ? -0.915  -3.705  6.731   1.00 7.81  ? 13  ASN A CA  1 
ATOM   92   C C   . ASN A 1 13  ? -0.451  -2.673  7.771   1.00 7.54  ? 13  ASN A C   1 
ATOM   93   O O   . ASN A 1 13  ? -1.266  -1.943  8.341   1.00 7.70  ? 13  ASN A O   1 
ATOM   94   C CB  . ASN A 1 13  ? -2.444  -3.840  6.719   1.00 7.76  ? 13  ASN A CB  1 
ATOM   95   C CG  . ASN A 1 13  ? -3.166  -2.650  6.055   1.00 7.09  ? 13  ASN A CG  1 
ATOM   96   O OD1 . ASN A 1 13  ? -4.345  -2.428  6.314   1.00 7.63  ? 13  ASN A OD1 1 
ATOM   97   N ND2 . ASN A 1 13  ? -2.488  -1.944  5.164   1.00 7.56  ? 13  ASN A ND2 1 
ATOM   98   N N   . SER A 1 14  ? 0.862   -2.636  7.979   1.00 7.09  ? 14  SER A N   1 
ATOM   99   C CA  . SER A 1 14  ? 1.493   -1.785  8.988   1.00 7.89  ? 14  SER A CA  1 
ATOM   100  C C   . SER A 1 14  ? 2.121   -0.458  8.608   1.00 8.21  ? 14  SER A C   1 
ATOM   101  O O   . SER A 1 14  ? 1.843   0.561   9.262   1.00 7.80  ? 14  SER A O   1 
ATOM   102  C CB  . SER A 1 14  ? 2.525   -2.620  9.774   1.00 9.14  ? 14  SER A CB  1 
ATOM   103  O OG  . SER A 1 14  ? 3.208   -1.848  10.758  1.00 9.07  ? 14  SER A OG  1 
ATOM   104  N N   . ALA A 1 15  ? 2.958   -0.455  7.574   1.00 8.97  ? 15  ALA A N   1 
ATOM   105  C CA  . ALA A 1 15  ? 3.686   0.752   7.209   1.00 7.18  ? 15  ALA A CA  1 
ATOM   106  C C   . ALA A 1 15  ? 3.759   1.035   5.717   1.00 6.90  ? 15  ALA A C   1 
ATOM   107  O O   . ALA A 1 15  ? 3.158   1.990   5.253   1.00 7.84  ? 15  ALA A O   1 
ATOM   108  C CB  . ALA A 1 15  ? 5.092   0.696   7.824   1.00 9.30  ? 15  ALA A CB  1 
ATOM   109  N N   . ARG A 1 16  ? 4.494   0.205   4.962   1.00 6.79  ? 16  ARG A N   1 
ATOM   110  C CA  . ARG A 1 16  ? 4.619   0.368   3.507   1.00 7.48  ? 16  ARG A CA  1 
ATOM   111  C C   . ARG A 1 16  ? 3.271   0.437   2.797   1.00 6.59  ? 16  ARG A C   1 
ATOM   112  O O   . ARG A 1 16  ? 3.062   1.324   1.981   1.00 7.02  ? 16  ARG A O   1 
ATOM   113  C CB  . ARG A 1 16  ? 5.462   -0.751  2.886   1.00 7.74  ? 16  ARG A CB  1 
ATOM   114  C CG  . ARG A 1 16  ? 6.936   -0.655  3.250   1.00 7.94  ? 16  ARG A CG  1 
ATOM   115  C CD  . ARG A 1 16  ? 7.680   -1.948  2.999   1.00 9.16  ? 16  ARG A CD  1 
ATOM   116  N NE  . ARG A 1 16  ? 7.325   -2.952  3.993   1.00 10.09 ? 16  ARG A NE  1 
ATOM   117  C CZ  . ARG A 1 16  ? 7.891   -4.148  4.105   1.00 8.33  ? 16  ARG A CZ  1 
ATOM   118  N NH1 . ARG A 1 16  ? 8.864   -4.519  3.280   1.00 9.39  ? 16  ARG A NH1 1 
ATOM   119  N NH2 . ARG A 1 16  ? 7.507   -4.960  5.076   1.00 9.90  ? 16  ARG A NH2 1 
ATOM   120  N N   . SER A 1 17  ? 2.341   -0.449  3.161   1.00 6.28  ? 17  SER A N   1 
ATOM   121  C CA  . SER A 1 17  ? 1.023   -0.444  2.527   1.00 7.60  ? 17  SER A CA  1 
ATOM   122  C C   . SER A 1 17  ? 0.138   0.720   2.933   1.00 6.89  ? 17  SER A C   1 
ATOM   123  O O   . SER A 1 17  ? -0.677  1.176   2.143   1.00 7.36  ? 17  SER A O   1 
ATOM   124  C CB  . SER A 1 17  ? 0.304   -1.783  2.677   1.00 7.96  ? 17  SER A CB  1 
ATOM   125  O OG  . SER A 1 17  ? 0.239   -2.168  4.028   1.00 8.12  ? 17  SER A OG  1 
ATOM   126  N N   . GLN A 1 18  ? 0.357   1.231   4.150   1.00 7.21  ? 18  GLN A N   1 
ATOM   127  C CA  . GLN A 1 18  ? -0.375  2.388   4.677   1.00 7.82  ? 18  GLN A CA  1 
ATOM   128  C C   . GLN A 1 18  ? 0.111   3.664   3.992   1.00 7.47  ? 18  GLN A C   1 
ATOM   129  O O   . GLN A 1 18  ? -0.701  4.507   3.606   1.00 8.08  ? 18  GLN A O   1 
ATOM   130  C CB  . GLN A 1 18  ? -0.226  2.504   6.199   1.00 7.73  ? 18  GLN A CB  1 
ATOM   131  C CG  . GLN A 1 18  ? -0.839  1.348   6.981   1.00 9.57  ? 18  GLN A CG  1 
ATOM   132  C CD  . GLN A 1 18  ? -2.370  1.337   6.990   1.00 7.01  ? 18  GLN A CD  1 
ATOM   133  O OE1 . GLN A 1 18  ? -3.014  2.269   6.543   1.00 9.56  ? 18  GLN A OE1 1 
ATOM   134  N NE2 . GLN A 1 18  ? -2.936  0.275   7.519   1.00 8.66  ? 18  GLN A NE2 1 
ATOM   135  N N   . MET A 1 19  ? 1.428   3.769   3.783   1.00 7.57  ? 19  MET A N   1 
ATOM   136  C CA  . MET A 1 19  ? 2.030   4.910   3.095   1.00 7.71  ? 19  MET A CA  1 
ATOM   137  C C   . MET A 1 19  ? 1.647   4.903   1.613   1.00 6.93  ? 19  MET A C   1 
ATOM   138  O O   . MET A 1 19  ? 1.363   5.946   1.037   1.00 7.90  ? 19  MET A O   1 
ATOM   139  C CB  . MET A 1 19  ? 3.550   4.905   3.266   1.00 7.87  ? 19  MET A CB  1 
ATOM   140  C CG  . MET A 1 19  ? 3.971   5.130   4.715   1.00 7.88  ? 19  MET A CG  1 
ATOM   141  S SD  . MET A 1 19  ? 5.719   5.546   5.011   1.00 10.01 ? 19  MET A SD  1 
ATOM   142  C CE  . MET A 1 19  ? 6.498   3.992   4.611   1.00 12.79 ? 19  MET A CE  1 
ATOM   143  N N   . ALA A 1 20  ? 1.559   3.701   1.031   1.00 7.50  ? 20  ALA A N   1 
ATOM   144  C CA  . ALA A 1 20  ? 1.152   3.527   -0.365  1.00 7.45  ? 20  ALA A CA  1 
ATOM   145  C C   . ALA A 1 20  ? -0.292  3.967   -0.568  1.00 7.83  ? 20  ALA A C   1 
ATOM   146  O O   . ALA A 1 20  ? -0.588  4.645   -1.538  1.00 9.28  ? 20  ALA A O   1 
ATOM   147  C CB  . ALA A 1 20  ? 1.349   2.088   -0.813  1.00 8.26  ? 20  ALA A CB  1 
ATOM   148  N N   . GLU A 1 21  ? -1.163  3.640   0.388   1.00 8.55  ? 21  GLU A N   1 
ATOM   149  C CA  . GLU A 1 21  ? -2.568  4.042   0.319   1.00 9.01  ? 21  GLU A CA  1 
ATOM   150  C C   . GLU A 1 21  ? -2.687  5.576   0.440   1.00 9.26  ? 21  GLU A C   1 
ATOM   151  O O   . GLU A 1 21  ? -3.443  6.200   -0.302  1.00 9.92  ? 21  GLU A O   1 
ATOM   152  C CB  . GLU A 1 21  ? -3.378  3.372   1.422   1.00 8.99  ? 21  GLU A CB  1 
ATOM   153  C CG  . GLU A 1 21  ? -4.898  3.597   1.329   1.00 11.12 ? 21  GLU A CG  1 
ATOM   154  C CD  . GLU A 1 21  ? -5.672  3.037   2.505   1.00 12.70 ? 21  GLU A CD  1 
ATOM   155  O OE1 . GLU A 1 21  ? -6.879  3.327   2.599   1.00 15.63 ? 21  GLU A OE1 1 
ATOM   156  O OE2 . GLU A 1 21  ? -5.092  2.321   3.344   1.00 12.03 ? 21  GLU A OE2 1 
ATOM   157  N N   . GLY A 1 22  ? -1.888  6.164   1.335   1.00 8.72  ? 22  GLY A N   1 
ATOM   158  C CA  . GLY A 1 22  ? -1.872  7.610   1.546   1.00 9.35  ? 22  GLY A CA  1 
ATOM   159  C C   . GLY A 1 22  ? -1.429  8.364   0.307   1.00 9.55  ? 22  GLY A C   1 
ATOM   160  O O   . GLY A 1 22  ? -2.101  9.311   -0.121  1.00 10.95 ? 22  GLY A O   1 
ATOM   161  N N   . TRP A 1 23  ? -0.315  7.929   -0.285  1.00 9.38  ? 23  TRP A N   1 
ATOM   162  C CA  . TRP A 1 23  ? 0.186   8.542   -1.516  1.00 10.04 ? 23  TRP A CA  1 
ATOM   163  C C   . TRP A 1 23  ? -0.768  8.294   -2.684  1.00 9.77  ? 23  TRP A C   1 
ATOM   164  O O   . TRP A 1 23  ? -1.011  9.197   -3.481  1.00 10.81 ? 23  TRP A O   1 
ATOM   165  C CB  . TRP A 1 23  ? 1.564   7.997   -1.911  1.00 9.05  ? 23  TRP A CB  1 
ATOM   166  C CG  . TRP A 1 23  ? 2.766   8.519   -1.171  1.00 10.06 ? 23  TRP A CG  1 
ATOM   167  C CD1 . TRP A 1 23  ? 3.647   7.783   -0.430  1.00 10.44 ? 23  TRP A CD1 1 
ATOM   168  C CD2 . TRP A 1 23  ? 3.244   9.870   -1.127  1.00 10.75 ? 23  TRP A CD2 1 
ATOM   169  N NE1 . TRP A 1 23  ? 4.636   8.584   0.083   1.00 10.58 ? 23  TRP A NE1 1 
ATOM   170  C CE2 . TRP A 1 23  ? 4.414   9.871   -0.320  1.00 10.29 ? 23  TRP A CE2 1 
ATOM   171  C CE3 . TRP A 1 23  ? 2.800   11.085  -1.684  1.00 12.07 ? 23  TRP A CE3 1 
ATOM   172  C CZ2 . TRP A 1 23  ? 5.153   11.051  -0.055  1.00 11.52 ? 23  TRP A CZ2 1 
ATOM   173  C CZ3 . TRP A 1 23  ? 3.538   12.273  -1.417  1.00 13.33 ? 23  TRP A CZ3 1 
ATOM   174  C CH2 . TRP A 1 23  ? 4.701   12.235  -0.606  1.00 12.21 ? 23  TRP A CH2 1 
ATOM   175  N N   . GLY A 1 24  ? -1.310  7.073   -2.752  1.00 9.21  ? 24  GLY A N   1 
ATOM   176  C CA  . GLY A 1 24  ? -2.238  6.681   -3.806  1.00 10.12 ? 24  GLY A CA  1 
ATOM   177  C C   . GLY A 1 24  ? -3.505  7.510   -3.872  1.00 10.73 ? 24  GLY A C   1 
ATOM   178  O O   . GLY A 1 24  ? -3.927  7.897   -4.961  1.00 12.22 ? 24  GLY A O   1 
ATOM   179  N N   . LYS A 1 25  ? -4.081  7.819   -2.708  1.00 11.46 ? 25  LYS A N   1 
ATOM   180  C CA  . LYS A 1 25  ? -5.294  8.634   -2.633  1.00 12.60 ? 25  LYS A CA  1 
ATOM   181  C C   . LYS A 1 25  ? -5.067  10.065  -3.120  1.00 16.38 ? 25  LYS A C   1 
ATOM   182  O O   . LYS A 1 25  ? -5.935  10.641  -3.769  1.00 21.35 ? 25  LYS A O   1 
ATOM   183  C CB  . LYS A 1 25  ? -5.842  8.653   -1.209  1.00 14.75 ? 25  LYS A CB  1 
ATOM   184  C CG  . LYS A 1 25  ? -6.617  7.403   -0.827  1.00 20.61 ? 25  LYS A CG  1 
ATOM   185  C CD  . LYS A 1 25  ? -6.774  7.240   0.686   1.00 29.48 ? 25  LYS A CD  1 
ATOM   186  C CE  . LYS A 1 25  ? -7.753  8.237   1.290   1.00 34.45 ? 25  LYS A CE  1 
ATOM   187  N NZ  . LYS A 1 25  ? -7.831  8.085   2.770   1.00 37.27 ? 25  LYS A NZ  1 
ATOM   188  N N   . GLU A 1 26  ? -3.877  10.607  -2.866  1.00 14.24 ? 26  GLU A N   1 
ATOM   189  C CA  . GLU A 1 26  ? -3.564  11.970  -3.283  1.00 20.39 ? 26  GLU A CA  1 
ATOM   190  C C   . GLU A 1 26  ? -3.110  12.098  -4.745  1.00 21.17 ? 26  GLU A C   1 
ATOM   191  O O   . GLU A 1 26  ? -3.522  13.029  -5.444  1.00 20.92 ? 26  GLU A O   1 
ATOM   192  C CB  . GLU A 1 26  ? -2.533  12.590  -2.334  1.00 21.26 ? 26  GLU A CB  1 
ATOM   193  C CG  . GLU A 1 26  ? -2.493  14.116  -2.377  1.00 35.37 ? 26  GLU A CG  1 
ATOM   194  C CD  . GLU A 1 26  ? -2.229  14.742  -1.024  1.00 38.71 ? 26  GLU A CD  1 
ATOM   195  O OE1 . GLU A 1 26  ? -3.032  14.522  -0.090  1.00 48.69 ? 26  GLU A OE1 1 
ATOM   196  O OE2 . GLU A 1 26  ? -1.228  15.475  -0.895  1.00 46.21 ? 26  GLU A OE2 1 
ATOM   197  N N   . ILE A 1 27  ? -2.300  11.145  -5.207  1.00 12.64 ? 27  ILE A N   1 
ATOM   198  C CA  . ILE A 1 27  ? -1.771  11.157  -6.576  1.00 13.67 ? 27  ILE A CA  1 
ATOM   199  C C   . ILE A 1 27  ? -2.765  10.601  -7.610  1.00 15.83 ? 27  ILE A C   1 
ATOM   200  O O   . ILE A 1 27  ? -2.968  11.211  -8.662  1.00 16.57 ? 27  ILE A O   1 
ATOM   201  C CB  . ILE A 1 27  ? -0.390  10.397  -6.648  1.00 13.03 ? 27  ILE A CB  1 
ATOM   202  C CG1 . ILE A 1 27  ? 0.631   11.082  -5.727  1.00 14.25 ? 27  ILE A CG1 1 
ATOM   203  C CG2 . ILE A 1 27  ? 0.179   10.364  -8.082  1.00 16.04 ? 27  ILE A CG2 1 
ATOM   204  C CD1 . ILE A 1 27  ? 1.853   10.235  -5.396  1.00 15.50 ? 27  ILE A CD1 1 
ATOM   205  N N   . LEU A 1 28  ? -3.394  9.471   -7.281  1.00 16.92 ? 28  LEU A N   1 
ATOM   206  C CA  . LEU A 1 28  ? -4.344  8.788   -8.171  1.00 18.12 ? 28  LEU A CA  1 
ATOM   207  C C   . LEU A 1 28  ? -5.824  9.022   -7.843  1.00 26.09 ? 28  LEU A C   1 
ATOM   208  O O   . LEU A 1 28  ? -6.692  8.410   -8.473  1.00 23.58 ? 28  LEU A O   1 
ATOM   209  C CB  . LEU A 1 28  ? -4.083  7.275   -8.134  1.00 14.68 ? 28  LEU A CB  1 
ATOM   210  C CG  . LEU A 1 28  ? -2.683  6.667   -8.226  1.00 13.92 ? 28  LEU A CG  1 
ATOM   211  C CD1 . LEU A 1 28  ? -2.738  5.196   -7.836  1.00 17.32 ? 28  LEU A CD1 1 
ATOM   212  C CD2 . LEU A 1 28  ? -2.096  6.842   -9.613  1.00 16.97 ? 28  LEU A CD2 1 
ATOM   213  N N   . GLY A 1 29  ? -6.097  9.925   -6.898  1.00 26.82 ? 29  GLY A N   1 
ATOM   214  C CA  . GLY A 1 29  ? -7.453  10.239  -6.441  1.00 32.26 ? 29  GLY A CA  1 
ATOM   215  C C   . GLY A 1 29  ? -8.659  10.254  -7.364  1.00 26.24 ? 29  GLY A C   1 
ATOM   216  O O   . GLY A 1 29  ? -9.651  9.571   -7.089  1.00 37.09 ? 29  GLY A O   1 
ATOM   217  N N   . GLU A 1 30  ? -8.551  11.000  -8.466  1.00 30.27 ? 30  GLU A N   1 
ATOM   218  C CA  . GLU A 1 30  ? -9.608  11.160  -9.474  1.00 27.53 ? 30  GLU A CA  1 
ATOM   219  C C   . GLU A 1 30  ? -10.301 9.896   -9.981  1.00 37.52 ? 30  GLU A C   1 
ATOM   220  O O   . GLU A 1 30  ? -11.483 9.673   -9.701  1.00 41.39 ? 30  GLU A O   1 
ATOM   221  C CB  . GLU A 1 30  ? -9.064  11.921  -10.686 1.00 43.31 ? 30  GLU A CB  1 
ATOM   222  C CG  . GLU A 1 30  ? -9.283  13.409  -10.654 1.00 45.00 ? 30  GLU A CG  1 
ATOM   223  C CD  . GLU A 1 30  ? -7.991  14.165  -10.812 1.00 51.88 ? 30  GLU A CD  1 
ATOM   224  O OE1 . GLU A 1 30  ? -7.524  14.334  -11.959 1.00 48.27 ? 30  GLU A OE1 1 
ATOM   225  O OE2 . GLU A 1 30  ? -7.427  14.574  -9.781  1.00 47.38 ? 30  GLU A OE2 1 
ATOM   226  N N   . GLY A 1 31  ? -9.554  9.087   -10.727 1.00 27.98 ? 31  GLY A N   1 
ATOM   227  C CA  . GLY A 1 31  ? -10.101 7.870   -11.295 1.00 30.74 ? 31  GLY A CA  1 
ATOM   228  C C   . GLY A 1 31  ? -9.746  6.575   -10.596 1.00 16.53 ? 31  GLY A C   1 
ATOM   229  O O   . GLY A 1 31  ? -9.845  5.517   -11.222 1.00 15.27 ? 31  GLY A O   1 
ATOM   230  N N   . TRP A 1 32  ? -9.316  6.637   -9.333  1.00 16.43 ? 32  TRP A N   1 
ATOM   231  C CA  . TRP A 1 32  ? -8.950  5.427   -8.587  1.00 14.32 ? 32  TRP A CA  1 
ATOM   232  C C   . TRP A 1 32  ? -9.455  5.350   -7.154  1.00 14.56 ? 32  TRP A C   1 
ATOM   233  O O   . TRP A 1 32  ? -9.481  6.353   -6.429  1.00 17.46 ? 32  TRP A O   1 
ATOM   234  C CB  . TRP A 1 32  ? -7.420  5.215   -8.540  1.00 12.86 ? 32  TRP A CB  1 
ATOM   235  C CG  . TRP A 1 32  ? -6.741  4.870   -9.847  1.00 14.35 ? 32  TRP A CG  1 
ATOM   236  C CD1 . TRP A 1 32  ? -6.311  5.750   -10.803 1.00 14.78 ? 32  TRP A CD1 1 
ATOM   237  C CD2 . TRP A 1 32  ? -6.440  3.560   -10.347 1.00 13.73 ? 32  TRP A CD2 1 
ATOM   238  N NE1 . TRP A 1 32  ? -5.776  5.076   -11.870 1.00 15.65 ? 32  TRP A NE1 1 
ATOM   239  C CE2 . TRP A 1 32  ? -5.840  3.734   -11.625 1.00 13.78 ? 32  TRP A CE2 1 
ATOM   240  C CE3 . TRP A 1 32  ? -6.620  2.258   -9.847  1.00 15.03 ? 32  TRP A CE3 1 
ATOM   241  C CZ2 . TRP A 1 32  ? -5.418  2.637   -12.417 1.00 14.85 ? 32  TRP A CZ2 1 
ATOM   242  C CZ3 . TRP A 1 32  ? -6.194  1.152   -10.641 1.00 15.22 ? 32  TRP A CZ3 1 
ATOM   243  C CH2 . TRP A 1 32  ? -5.604  1.361   -11.913 1.00 16.37 ? 32  TRP A CH2 1 
ATOM   244  N N   . ASN A 1 33  ? -9.932  4.155   -6.799  1.00 17.73 ? 33  ASN A N   1 
ATOM   245  C CA  . ASN A 1 33  ? -10.364 3.809   -5.442  1.00 11.53 ? 33  ASN A CA  1 
ATOM   246  C C   . ASN A 1 33  ? -9.087  3.133   -4.926  1.00 11.37 ? 33  ASN A C   1 
ATOM   247  O O   . ASN A 1 33  ? -8.543  2.244   -5.599  1.00 12.78 ? 33  ASN A O   1 
ATOM   248  C CB  . ASN A 1 33  ? -11.503 2.781   -5.454  1.00 15.52 ? 33  ASN A CB  1 
ATOM   249  C CG  . ASN A 1 33  ? -12.810 3.341   -5.985  1.00 26.20 ? 33  ASN A CG  1 
ATOM   250  O OD1 . ASN A 1 33  ? -13.348 4.315   -5.459  1.00 24.64 ? 33  ASN A OD1 1 
ATOM   251  N ND2 . ASN A 1 33  ? -13.351 2.696   -7.010  1.00 25.04 ? 33  ASN A ND2 1 
ATOM   252  N N   . VAL A 1 34  ? -8.569  3.597   -3.789  1.00 10.91 ? 34  VAL A N   1 
ATOM   253  C CA  . VAL A 1 34  ? -7.326  3.056   -3.237  1.00 10.21 ? 34  VAL A CA  1 
ATOM   254  C C   . VAL A 1 34  ? -7.542  2.400   -1.869  1.00 9.78  ? 34  VAL A C   1 
ATOM   255  O O   . VAL A 1 34  ? -8.070  3.038   -0.947  1.00 12.42 ? 34  VAL A O   1 
ATOM   256  C CB  . VAL A 1 34  ? -6.241  4.172   -3.136  1.00 10.94 ? 34  VAL A CB  1 
ATOM   257  C CG1 . VAL A 1 34  ? -4.903  3.575   -2.774  1.00 12.42 ? 34  VAL A CG1 1 
ATOM   258  C CG2 . VAL A 1 34  ? -6.115  4.938   -4.444  1.00 13.23 ? 34  VAL A CG2 1 
ATOM   259  N N   . TYR A 1 35  ? -7.177  1.119   -1.761  1.00 9.47  ? 35  TYR A N   1 
ATOM   260  C CA  . TYR A 1 35  ? -7.316  0.376   -0.507  1.00 8.72  ? 35  TYR A CA  1 
ATOM   261  C C   . TYR A 1 35  ? -6.015  -0.316  -0.153  1.00 8.16  ? 35  TYR A C   1 
ATOM   262  O O   . TYR A 1 35  ? -5.126  -0.456  -0.997  1.00 9.08  ? 35  TYR A O   1 
ATOM   263  C CB  . TYR A 1 35  ? -8.391  -0.714  -0.612  1.00 9.96  ? 35  TYR A CB  1 
ATOM   264  C CG  . TYR A 1 35  ? -9.726  -0.263  -1.131  1.00 10.25 ? 35  TYR A CG  1 
ATOM   265  C CD1 . TYR A 1 35  ? -10.083 -0.484  -2.474  1.00 11.15 ? 35  TYR A CD1 1 
ATOM   266  C CD2 . TYR A 1 35  ? -10.627 0.432   -0.303  1.00 14.30 ? 35  TYR A CD2 1 
ATOM   267  C CE1 . TYR A 1 35  ? -11.303 -0.021  -2.990  1.00 12.50 ? 35  TYR A CE1 1 
ATOM   268  C CE2 . TYR A 1 35  ? -11.857 0.907   -0.806  1.00 14.33 ? 35  TYR A CE2 1 
ATOM   269  C CZ  . TYR A 1 35  ? -12.184 0.677   -2.154  1.00 11.23 ? 35  TYR A CZ  1 
ATOM   270  O OH  . TYR A 1 35  ? -13.357 1.168   -2.670  1.00 12.66 ? 35  TYR A OH  1 
ATOM   271  N N   . SER A 1 36  ? -5.891  -0.704  1.111   1.00 9.00  ? 36  SER A N   1 
ATOM   272  C CA  . SER A 1 36  ? -4.732  -1.450  1.577   1.00 7.75  ? 36  SER A CA  1 
ATOM   273  C C   . SER A 1 36  ? -5.170  -2.519  2.569   1.00 8.25  ? 36  SER A C   1 
ATOM   274  O O   . SER A 1 36  ? -6.204  -2.381  3.224   1.00 9.40  ? 36  SER A O   1 
ATOM   275  C CB  . SER A 1 36  ? -3.640  -0.557  2.176   1.00 8.98  ? 36  SER A CB  1 
ATOM   276  O OG  . SER A 1 36  ? -3.975  -0.062  3.455   1.00 8.91  ? 36  SER A OG  1 
ATOM   277  N N   . ALA A 1 37  ? -4.420  -3.616  2.625   1.00 7.54  ? 37  ALA A N   1 
ATOM   278  C CA  . ALA A 1 37  ? -4.725  -4.720  3.524   1.00 9.02  ? 37  ALA A CA  1 
ATOM   279  C C   . ALA A 1 37  ? -3.515  -5.588  3.779   1.00 8.12  ? 37  ALA A C   1 
ATOM   280  O O   . ALA A 1 37  ? -2.450  -5.366  3.220   1.00 8.75  ? 37  ALA A O   1 
ATOM   281  C CB  . ALA A 1 37  ? -5.865  -5.558  2.995   1.00 9.21  ? 37  ALA A CB  1 
ATOM   282  N N   . GLY A 1 38  ? -3.678  -6.533  4.692   1.00 8.68  ? 38  GLY A N   1 
ATOM   283  C CA  . GLY A 1 38  ? -2.602  -7.441  5.026   1.00 10.18 ? 38  GLY A CA  1 
ATOM   284  C C   . GLY A 1 38  ? -3.070  -8.864  5.210   1.00 9.33  ? 38  GLY A C   1 
ATOM   285  O O   . GLY A 1 38  ? -4.252  -9.116  5.385   1.00 11.77 ? 38  GLY A O   1 
ATOM   286  N N   . ILE A 1 39  ? -2.126  -9.799  5.122   1.00 9.99  ? 39  ILE A N   1 
ATOM   287  C CA  . ILE A 1 39  ? -2.380  -11.236 5.317   1.00 11.58 ? 39  ILE A CA  1 
ATOM   288  C C   . ILE A 1 39  ? -2.830  -11.401 6.779   1.00 10.95 ? 39  ILE A C   1 
ATOM   289  O O   . ILE A 1 39  ? -3.708  -12.205 7.089   1.00 11.56 ? 39  ILE A O   1 
ATOM   290  C CB  . ILE A 1 39  ? -1.075  -12.061 5.054   1.00 13.95 ? 39  ILE A CB  1 
ATOM   291  C CG1 . ILE A 1 39  ? -0.516  -11.758 3.650   1.00 18.10 ? 39  ILE A CG1 1 
ATOM   292  C CG2 . ILE A 1 39  ? -1.320  -13.569 5.257   1.00 15.44 ? 39  ILE A CG2 1 
ATOM   293  C CD1 . ILE A 1 39  ? -1.362  -12.234 2.491   1.00 20.55 ? 39  ILE A CD1 1 
ATOM   294  N N   . GLU A 1 40  ? -2.219  -10.582 7.637   1.00 10.16 ? 40  GLU A N   1 
ATOM   295  C CA  . GLU A 1 40  ? -2.480  -10.485 9.076   1.00 10.84 ? 40  GLU A CA  1 
ATOM   296  C C   . GLU A 1 40  ? -2.687  -8.990  9.348   1.00 8.93  ? 40  GLU A C   1 
ATOM   297  O O   . GLU A 1 40  ? -2.512  -8.172  8.447   1.00 10.24 ? 40  GLU A O   1 
ATOM   298  C CB  . GLU A 1 40  ? -1.265  -10.972 9.881   1.00 9.95  ? 40  GLU A CB  1 
ATOM   299  C CG  . GLU A 1 40  ? -0.850  -12.428 9.615   1.00 11.68 ? 40  GLU A CG  1 
ATOM   300  C CD  . GLU A 1 40  ? 0.378   -12.871 10.404  1.00 10.97 ? 40  GLU A CD  1 
ATOM   301  O OE1 . GLU A 1 40  ? 0.798   -12.179 11.365  1.00 12.68 ? 40  GLU A OE1 1 
ATOM   302  O OE2 . GLU A 1 40  ? 0.926   -13.944 10.065  1.00 18.77 ? 40  GLU A OE2 1 
ATOM   303  N N   . THR A 1 41  ? -3.142  -8.647  10.553  1.00 8.93  ? 41  THR A N   1 
ATOM   304  C CA  . THR A 1 41  ? -3.296  -7.239  10.949  1.00 8.32  ? 41  THR A CA  1 
ATOM   305  C C   . THR A 1 41  ? -2.338  -6.954  12.101  1.00 7.87  ? 41  THR A C   1 
ATOM   306  O O   . THR A 1 41  ? -2.465  -7.529  13.181  1.00 10.35 ? 41  THR A O   1 
ATOM   307  C CB  . THR A 1 41  ? -4.729  -6.853  11.358  1.00 9.68  ? 41  THR A CB  1 
ATOM   308  O OG1 . THR A 1 41  ? -5.209  -7.719  12.386  1.00 12.03 ? 41  THR A OG1 1 
ATOM   309  C CG2 . THR A 1 41  ? -5.641  -6.959  10.204  1.00 12.75 ? 41  THR A CG2 1 
ATOM   310  N N   . HIS A 1 42  ? -1.341  -6.115  11.835  1.00 8.10  ? 42  HIS A N   1 
ATOM   311  C CA  . HIS A 1 42  ? -0.322  -5.766  12.830  1.00 8.95  ? 42  HIS A CA  1 
ATOM   312  C C   . HIS A 1 42  ? -0.466  -4.359  13.410  1.00 8.32  ? 42  HIS A C   1 
ATOM   313  O O   . HIS A 1 42  ? 0.392   -3.912  14.180  1.00 10.11 ? 42  HIS A O   1 
ATOM   314  C CB  . HIS A 1 42  ? 1.084   -5.934  12.221  1.00 10.68 ? 42  HIS A CB  1 
ATOM   315  C CG  . HIS A 1 42  ? 1.457   -7.352  11.897  1.00 9.06  ? 42  HIS A CG  1 
ATOM   316  N ND1 . HIS A 1 42  ? 2.604   -7.670  11.203  1.00 10.30 ? 42  HIS A ND1 1 
ATOM   317  C CD2 . HIS A 1 42  ? 0.837   -8.529  12.154  1.00 9.27  ? 42  HIS A CD2 1 
ATOM   318  C CE1 . HIS A 1 42  ? 2.675   -8.982  11.044  1.00 10.86 ? 42  HIS A CE1 1 
ATOM   319  N NE2 . HIS A 1 42  ? 1.614   -9.527  11.612  1.00 10.99 ? 42  HIS A NE2 1 
ATOM   320  N N   . GLY A 1 43  ? -1.548  -3.675  13.055  1.00 9.34  ? 43  GLY A N   1 
ATOM   321  C CA  . GLY A 1 43  ? -1.755  -2.311  13.517  1.00 8.12  ? 43  GLY A CA  1 
ATOM   322  C C   . GLY A 1 43  ? -1.025  -1.347  12.605  1.00 8.31  ? 43  GLY A C   1 
ATOM   323  O O   . GLY A 1 43  ? -0.174  -1.761  11.815  1.00 10.15 ? 43  GLY A O   1 
ATOM   324  N N   . VAL A 1 44  ? -1.387  -0.071  12.668  1.00 9.71  ? 44  VAL A N   1 
ATOM   325  C CA  . VAL A 1 44  ? -0.734  0.946   11.859  1.00 8.95  ? 44  VAL A CA  1 
ATOM   326  C C   . VAL A 1 44  ? 0.465   1.427   12.675  1.00 8.87  ? 44  VAL A C   1 
ATOM   327  O O   . VAL A 1 44  ? 0.298   1.899   13.809  1.00 11.15 ? 44  VAL A O   1 
ATOM   328  C CB  . VAL A 1 44  ? -1.692  2.133   11.556  1.00 10.18 ? 44  VAL A CB  1 
ATOM   329  C CG1 . VAL A 1 44  ? -1.017  3.119   10.610  1.00 11.81 ? 44  VAL A CG1 1 
ATOM   330  C CG2 . VAL A 1 44  ? -2.990  1.634   10.936  1.00 12.34 ? 44  VAL A CG2 1 
ATOM   331  N N   . ASN A 1 45  ? 1.670   1.253   12.122  1.00 9.03  ? 45  ASN A N   1 
ATOM   332  C CA  . ASN A 1 45  ? 2.912   1.683   12.787  1.00 10.09 ? 45  ASN A CA  1 
ATOM   333  C C   . ASN A 1 45  ? 2.829   3.207   12.966  1.00 9.73  ? 45  ASN A C   1 
ATOM   334  O O   . ASN A 1 45  ? 2.601   3.912   11.989  1.00 9.30  ? 45  ASN A O   1 
ATOM   335  C CB  . ASN A 1 45  ? 4.114   1.316   11.905  1.00 9.36  ? 45  ASN A CB  1 
ATOM   336  C CG  . ASN A 1 45  ? 5.463   1.505   12.609  1.00 11.35 ? 45  ASN A CG  1 
ATOM   337  O OD1 . ASN A 1 45  ? 5.682   2.461   13.355  1.00 14.62 ? 45  ASN A OD1 1 
ATOM   338  N ND2 . ASN A 1 45  ? 6.388   0.599   12.342  1.00 9.80  ? 45  ASN A ND2 1 
ATOM   339  N N   . PRO A 1 46  ? 2.978   3.727   14.215  1.00 11.93 ? 46  PRO A N   1 
ATOM   340  C CA  . PRO A 1 46  ? 2.918   5.174   14.486  1.00 13.59 ? 46  PRO A CA  1 
ATOM   341  C C   . PRO A 1 46  ? 3.910   6.000   13.678  1.00 9.99  ? 46  PRO A C   1 
ATOM   342  O O   . PRO A 1 46  ? 3.612   7.119   13.278  1.00 11.18 ? 46  PRO A O   1 
ATOM   343  C CB  . PRO A 1 46  ? 3.206   5.251   15.984  1.00 16.80 ? 46  PRO A CB  1 
ATOM   344  C CG  . PRO A 1 46  ? 2.609   4.001   16.498  1.00 23.56 ? 46  PRO A CG  1 
ATOM   345  C CD  . PRO A 1 46  ? 3.102   2.988   15.494  1.00 12.94 ? 46  PRO A CD  1 
ATOM   346  N N   . LYS A 1 47  ? 5.054   5.395   13.363  1.00 10.81 ? 47  LYS A N   1 
ATOM   347  C CA  . LYS A 1 47  ? 6.075   6.062   12.562  1.00 11.68 ? 47  LYS A CA  1 
ATOM   348  C C   . LYS A 1 47  ? 5.649   6.247   11.102  1.00 10.86 ? 47  LYS A C   1 
ATOM   349  O O   . LYS A 1 47  ? 6.115   7.161   10.439  1.00 10.14 ? 47  LYS A O   1 
ATOM   350  C CB  . LYS A 1 47  ? 7.392   5.311   12.657  1.00 13.06 ? 47  LYS A CB  1 
ATOM   351  C CG  . LYS A 1 47  ? 8.074   5.434   14.012  1.00 21.35 ? 47  LYS A CG  1 
ATOM   352  C CD  . LYS A 1 47  ? 9.223   4.454   14.097  1.00 33.56 ? 47  LYS A CD  1 
ATOM   353  C CE  . LYS A 1 47  ? 9.983   4.537   15.401  1.00 47.77 ? 47  LYS A CE  1 
ATOM   354  N NZ  . LYS A 1 47  ? 10.987  3.432   15.455  1.00 26.88 ? 47  LYS A NZ  1 
ATOM   355  N N   . ALA A 1 48  ? 4.744   5.389   10.621  1.00 9.98  ? 48  ALA A N   1 
ATOM   356  C CA  . ALA A 1 48  ? 4.209   5.494   9.260   1.00 9.25  ? 48  ALA A CA  1 
ATOM   357  C C   . ALA A 1 48  ? 3.271   6.703   9.199   1.00 10.12 ? 48  ALA A C   1 
ATOM   358  O O   . ALA A 1 48  ? 3.292   7.457   8.229   1.00 9.21  ? 48  ALA A O   1 
ATOM   359  C CB  . ALA A 1 48  ? 3.467   4.241   8.875   1.00 11.15 ? 48  ALA A CB  1 
ATOM   360  N N   . ILE A 1 49  ? 2.485   6.898   10.264  1.00 10.01 ? 49  ILE A N   1 
ATOM   361  C CA  . ILE A 1 49  ? 1.567   8.044   10.379  1.00 9.44  ? 49  ILE A CA  1 
ATOM   362  C C   . ILE A 1 49  ? 2.368   9.350   10.420  1.00 9.08  ? 49  ILE A C   1 
ATOM   363  O O   . ILE A 1 49  ? 2.046   10.304  9.703   1.00 9.93  ? 49  ILE A O   1 
ATOM   364  C CB  . ILE A 1 49  ? 0.629   7.940   11.630  1.00 9.87  ? 49  ILE A CB  1 
ATOM   365  C CG1 . ILE A 1 49  ? -0.238  6.680   11.540  1.00 12.29 ? 49  ILE A CG1 1 
ATOM   366  C CG2 . ILE A 1 49  ? -0.275  9.191   11.750  1.00 12.37 ? 49  ILE A CG2 1 
ATOM   367  C CD1 . ILE A 1 49  ? -1.043  6.365   12.801  1.00 13.83 ? 49  ILE A CD1 1 
ATOM   368  N N   . GLU A 1 50  ? 3.444   9.341   11.208  1.00 10.03 ? 50  GLU A N   1 
ATOM   369  C CA  . GLU A 1 50  ? 4.337   10.489  11.360  1.00 10.87 ? 50  GLU A CA  1 
ATOM   370  C C   . GLU A 1 50  ? 5.074   10.812  10.056  1.00 9.73  ? 50  GLU A C   1 
ATOM   371  O O   . GLU A 1 50  ? 5.224   11.977  9.696   1.00 9.97  ? 50  GLU A O   1 
ATOM   372  C CB  . GLU A 1 50  ? 5.341   10.236  12.483  1.00 11.29 ? 50  GLU A CB  1 
ATOM   373  C CG  . GLU A 1 50  ? 4.721   10.192  13.873  1.00 19.26 ? 50  GLU A CG  1 
ATOM   374  C CD  . GLU A 1 50  ? 5.719   9.862   14.970  1.00 36.21 ? 50  GLU A CD  1 
ATOM   375  O OE1 . GLU A 1 50  ? 6.351   8.787   14.913  1.00 41.61 ? 50  GLU A OE1 1 
ATOM   376  O OE2 . GLU A 1 50  ? 5.867   10.682  15.899  1.00 50.49 ? 50  GLU A OE2 1 
ATOM   377  N N   . ALA A 1 51  ? 5.477   9.769   9.324   1.00 9.01  ? 51  ALA A N   1 
ATOM   378  C CA  . ALA A 1 51  ? 6.181   9.920   8.038   1.00 8.72  ? 51  ALA A CA  1 
ATOM   379  C C   . ALA A 1 51  ? 5.312   10.614  7.011   1.00 8.05  ? 51  ALA A C   1 
ATOM   380  O O   . ALA A 1 51  ? 5.778   11.506  6.313   1.00 8.94  ? 51  ALA A O   1 
ATOM   381  C CB  . ALA A 1 51  ? 6.665   8.564   7.506   1.00 11.24 ? 51  ALA A CB  1 
ATOM   382  N N   . MET A 1 52  ? 4.031   10.259  6.988   1.00 7.72  ? 52  MET A N   1 
ATOM   383  C CA  . MET A 1 52  ? 3.091   10.864  6.060   1.00 8.61  ? 52  MET A CA  1 
ATOM   384  C C   . MET A 1 52  ? 2.702   12.287  6.474   1.00 8.03  ? 52  MET A C   1 
ATOM   385  O O   . MET A 1 52  ? 2.559   13.155  5.622   1.00 8.81  ? 52  MET A O   1 
ATOM   386  C CB  . MET A 1 52  ? 1.865   9.981   5.866   1.00 8.76  ? 52  MET A CB  1 
ATOM   387  C CG  . MET A 1 52  ? 2.187   8.612   5.261   1.00 8.03  ? 52  MET A CG  1 
ATOM   388  S SD  . MET A 1 52  ? 3.184   8.612   3.733   1.00 8.87  ? 52  MET A SD  1 
ATOM   389  C CE  . MET A 1 52  ? 1.946   9.188   2.537   1.00 11.29 ? 52  MET A CE  1 
ATOM   390  N N   . LYS A 1 53  ? 2.607   12.535  7.785   1.00 9.17  ? 53  LYS A N   1 
ATOM   391  C CA  . LYS A 1 53  ? 2.272   13.863  8.318   1.00 10.21 ? 53  LYS A CA  1 
ATOM   392  C C   . LYS A 1 53  ? 3.347   14.875  7.900   1.00 11.54 ? 53  LYS A C   1 
ATOM   393  O O   . LYS A 1 53  ? 3.045   16.024  7.570   1.00 11.97 ? 53  LYS A O   1 
ATOM   394  C CB  . LYS A 1 53  ? 2.159   13.813  9.848   1.00 11.91 ? 53  LYS A CB  1 
ATOM   395  C CG  . LYS A 1 53  ? 1.752   15.147  10.497  1.00 17.56 ? 53  LYS A CG  1 
ATOM   396  C CD  . LYS A 1 53  ? 1.594   15.045  12.000  1.00 40.06 ? 53  LYS A CD  1 
ATOM   397  C CE  . LYS A 1 53  ? 2.913   15.003  12.759  1.00 43.47 ? 53  LYS A CE  1 
ATOM   398  N NZ  . LYS A 1 53  ? 2.694   15.041  14.232  1.00 45.78 ? 53  LYS A NZ  1 
ATOM   399  N N   . GLU A 1 54  ? 4.587   14.390  7.837   1.00 10.05 ? 54  GLU A N   1 
ATOM   400  C CA  . GLU A 1 54  ? 5.755   15.172  7.448   1.00 10.84 ? 54  GLU A CA  1 
ATOM   401  C C   . GLU A 1 54  ? 5.664   15.710  6.000   1.00 10.69 ? 54  GLU A C   1 
ATOM   402  O O   . GLU A 1 54  ? 6.205   16.776  5.690   1.00 10.64 ? 54  GLU A O   1 
ATOM   403  C CB  . GLU A 1 54  ? 6.998   14.304  7.657   1.00 14.18 ? 54  GLU A CB  1 
ATOM   404  C CG  . GLU A 1 54  ? 8.307   14.972  7.374   1.00 16.29 ? 54  GLU A CG  1 
ATOM   405  C CD  . GLU A 1 54  ? 9.470   14.277  8.018   1.00 11.41 ? 54  GLU A CD  1 
ATOM   406  O OE1 . GLU A 1 54  ? 10.127  13.429  7.363   1.00 9.43  ? 54  GLU A OE1 1 
ATOM   407  O OE2 . GLU A 1 54  ? 9.753   14.607  9.189   1.00 14.08 ? 54  GLU A OE2 1 
ATOM   408  N N   . VAL A 1 55  ? 4.991   14.960  5.123   1.00 9.25  ? 55  VAL A N   1 
ATOM   409  C CA  . VAL A 1 55  ? 4.801   15.376  3.728   1.00 10.46 ? 55  VAL A CA  1 
ATOM   410  C C   . VAL A 1 55  ? 3.390   15.928  3.506   1.00 10.31 ? 55  VAL A C   1 
ATOM   411  O O   . VAL A 1 55  ? 2.906   16.012  2.372   1.00 12.41 ? 55  VAL A O   1 
ATOM   412  C CB  . VAL A 1 55  ? 5.112   14.239  2.694   1.00 8.92  ? 55  VAL A CB  1 
ATOM   413  C CG1 . VAL A 1 55  ? 6.585   13.948  2.656   1.00 11.86 ? 55  VAL A CG1 1 
ATOM   414  C CG2 . VAL A 1 55  ? 4.337   12.979  2.998   1.00 10.24 ? 55  VAL A CG2 1 
ATOM   415  N N   . ASP A 1 56  ? 2.750   16.323  4.611   1.00 10.05 ? 56  ASP A N   1 
ATOM   416  C CA  . ASP A 1 56  ? 1.399   16.901  4.638   1.00 13.02 ? 56  ASP A CA  1 
ATOM   417  C C   . ASP A 1 56  ? 0.260   16.006  4.140   1.00 11.30 ? 56  ASP A C   1 
ATOM   418  O O   . ASP A 1 56  ? -0.678  16.474  3.487   1.00 13.16 ? 56  ASP A O   1 
ATOM   419  C CB  . ASP A 1 56  ? 1.360   18.276  3.938   1.00 14.96 ? 56  ASP A CB  1 
ATOM   420  C CG  . ASP A 1 56  ? 2.266   19.303  4.592   1.00 44.52 ? 56  ASP A CG  1 
ATOM   421  O OD1 . ASP A 1 56  ? 2.227   19.456  5.831   1.00 38.29 ? 56  ASP A OD1 1 
ATOM   422  O OD2 . ASP A 1 56  ? 3.020   19.965  3.855   1.00 52.62 ? 56  ASP A OD2 1 
ATOM   423  N N   . ILE A 1 57  ? 0.369   14.710  4.434   1.00 11.39 ? 57  ILE A N   1 
ATOM   424  C CA  . ILE A 1 57  ? -0.656  13.728  4.079   1.00 13.15 ? 57  ILE A CA  1 
ATOM   425  C C   . ILE A 1 57  ? -1.138  13.095  5.373   1.00 9.38  ? 57  ILE A C   1 
ATOM   426  O O   . ILE A 1 57  ? -0.356  12.570  6.156   1.00 11.25 ? 57  ILE A O   1 
ATOM   427  C CB  . ILE A 1 57  ? -0.152  12.657  3.066   1.00 11.42 ? 57  ILE A CB  1 
ATOM   428  C CG1 . ILE A 1 57  ? 0.129   13.342  1.725   1.00 12.66 ? 57  ILE A CG1 1 
ATOM   429  C CG2 . ILE A 1 57  ? -1.208  11.544  2.870   1.00 12.45 ? 57  ILE A CG2 1 
ATOM   430  C CD1 . ILE A 1 57  ? 0.547   12.446  0.621   1.00 26.27 ? 57  ILE A CD1 1 
ATOM   431  N N   . ASP A 1 58  ? -2.443  13.177  5.581   1.00 11.74 ? 58  ASP A N   1 
ATOM   432  C CA  . ASP A 1 58  ? -3.094  12.657  6.773   1.00 12.12 ? 58  ASP A CA  1 
ATOM   433  C C   . ASP A 1 58  ? -3.596  11.216  6.619   1.00 12.22 ? 58  ASP A C   1 
ATOM   434  O O   . ASP A 1 58  ? -4.518  10.944  5.840   1.00 12.57 ? 58  ASP A O   1 
ATOM   435  C CB  . ASP A 1 58  ? -4.253  13.602  7.153   1.00 13.42 ? 58  ASP A CB  1 
ATOM   436  C CG  . ASP A 1 58  ? -4.952  13.229  8.465   1.00 17.48 ? 58  ASP A CG  1 
ATOM   437  O OD1 . ASP A 1 58  ? -4.464  12.364  9.223   1.00 17.20 ? 58  ASP A OD1 1 
ATOM   438  O OD2 . ASP A 1 58  ? -6.011  13.831  8.736   1.00 21.26 ? 58  ASP A OD2 1 
ATOM   439  N N   . ILE A 1 59  ? -2.972  10.300  7.369   1.00 11.36 ? 59  ILE A N   1 
ATOM   440  C CA  . ILE A 1 59  ? -3.374  8.894   7.379   1.00 10.75 ? 59  ILE A CA  1 
ATOM   441  C C   . ILE A 1 59  ? -3.759  8.440   8.801   1.00 11.03 ? 59  ILE A C   1 
ATOM   442  O O   . ILE A 1 59  ? -3.851  7.245   9.078   1.00 11.00 ? 59  ILE A O   1 
ATOM   443  C CB  . ILE A 1 59  ? -2.307  7.921   6.728   1.00 11.58 ? 59  ILE A CB  1 
ATOM   444  C CG1 . ILE A 1 59  ? -1.046  7.769   7.574   1.00 12.55 ? 59  ILE A CG1 1 
ATOM   445  C CG2 . ILE A 1 59  ? -1.956  8.368   5.324   1.00 15.55 ? 59  ILE A CG2 1 
ATOM   446  C CD1 . ILE A 1 59  ? -0.342  6.424   7.362   1.00 11.93 ? 59  ILE A CD1 1 
ATOM   447  N N   . SER A 1 60  ? -4.074  9.409   9.670   1.00 12.07 ? 60  SER A N   1 
ATOM   448  C CA  . SER A 1 60  ? -4.437  9.137   11.073  1.00 13.76 ? 60  SER A CA  1 
ATOM   449  C C   . SER A 1 60  ? -5.704  8.304   11.304  1.00 13.52 ? 60  SER A C   1 
ATOM   450  O O   . SER A 1 60  ? -5.837  7.651   12.340  1.00 16.45 ? 60  SER A O   1 
ATOM   451  C CB  . SER A 1 60  ? -4.505  10.441  11.887  1.00 20.87 ? 60  SER A CB  1 
ATOM   452  O OG  . SER A 1 60  ? -5.561  11.279  11.445  1.00 20.66 ? 60  SER A OG  1 
ATOM   453  N N   . ASN A 1 61  ? -6.605  8.301   10.317  1.00 12.63 ? 61  ASN A N   1 
ATOM   454  C CA  . ASN A 1 61  ? -7.861  7.540   10.386  1.00 13.36 ? 61  ASN A CA  1 
ATOM   455  C C   . ASN A 1 61  ? -7.751  6.132   9.786   1.00 15.00 ? 61  ASN A C   1 
ATOM   456  O O   . ASN A 1 61  ? -8.750  5.402   9.719   1.00 15.26 ? 61  ASN A O   1 
ATOM   457  C CB  . ASN A 1 61  ? -9.006  8.306   9.692   1.00 14.95 ? 61  ASN A CB  1 
ATOM   458  C CG  . ASN A 1 61  ? -8.750  8.562   8.194   1.00 42.31 ? 61  ASN A CG  1 
ATOM   459  O OD1 . ASN A 1 61  ? -9.023  9.646   7.703   1.00 51.61 ? 61  ASN A OD1 1 
ATOM   460  N ND2 . ASN A 1 61  ? -8.232  7.569   7.477   1.00 40.52 ? 61  ASN A ND2 1 
ATOM   461  N N   . HIS A 1 62  ? -6.571  5.805   9.255   1.00 12.45 ? 62  HIS A N   1 
ATOM   462  C CA  . HIS A 1 62  ? -6.343  4.502   8.634   1.00 9.87  ? 62  HIS A CA  1 
ATOM   463  C C   . HIS A 1 62  ? -6.412  3.370   9.639   1.00 11.47 ? 62  HIS A C   1 
ATOM   464  O O   . HIS A 1 62  ? -6.136  3.557   10.824  1.00 12.05 ? 62  HIS A O   1 
ATOM   465  C CB  . HIS A 1 62  ? -4.985  4.451   7.930   1.00 9.86  ? 62  HIS A CB  1 
ATOM   466  C CG  . HIS A 1 62  ? -4.955  5.116   6.591   1.00 9.36  ? 62  HIS A CG  1 
ATOM   467  N ND1 . HIS A 1 62  ? -4.022  4.781   5.628   1.00 8.96  ? 62  HIS A ND1 1 
ATOM   468  C CD2 . HIS A 1 62  ? -5.701  6.110   6.054   1.00 11.60 ? 62  HIS A CD2 1 
ATOM   469  C CE1 . HIS A 1 62  ? -4.198  5.541   4.563   1.00 9.65  ? 62  HIS A CE1 1 
ATOM   470  N NE2 . HIS A 1 62  ? -5.211  6.360   4.795   1.00 12.59 ? 62  HIS A NE2 1 
ATOM   471  N N   . THR A 1 63  ? -6.861  2.219   9.159   1.00 10.62 ? 63  THR A N   1 
ATOM   472  C CA  . THR A 1 63  ? -6.964  1.020   9.970   1.00 9.66  ? 63  THR A CA  1 
ATOM   473  C C   . THR A 1 63  ? -6.151  -0.090  9.302   1.00 8.75  ? 63  THR A C   1 
ATOM   474  O O   . THR A 1 63  ? -5.855  -0.027  8.103   1.00 9.31  ? 63  THR A O   1 
ATOM   475  C CB  . THR A 1 63  ? -8.443  0.558   10.134  1.00 12.55 ? 63  THR A CB  1 
ATOM   476  O OG1 . THR A 1 63  ? -9.080  0.514   8.850   1.00 12.99 ? 63  THR A OG1 1 
ATOM   477  C CG2 . THR A 1 63  ? -9.222  1.509   11.043  1.00 14.06 ? 63  THR A CG2 1 
ATOM   478  N N   . SER A 1 64  ? -5.704  -1.040  10.119  1.00 9.20  ? 64  SER A N   1 
ATOM   479  C CA  . SER A 1 64  ? -4.956  -2.209  9.662   1.00 8.42  ? 64  SER A CA  1 
ATOM   480  C C   . SER A 1 64  ? -6.034  -3.262  9.430   1.00 8.11  ? 64  SER A C   1 
ATOM   481  O O   . SER A 1 64  ? -6.669  -3.721  10.374  1.00 9.55  ? 64  SER A O   1 
ATOM   482  C CB  . SER A 1 64  ? -3.997  -2.646  10.751  1.00 10.47 ? 64  SER A CB  1 
ATOM   483  O OG  . SER A 1 64  ? -3.176  -3.724  10.356  1.00 8.38  ? 64  SER A OG  1 
ATOM   484  N N   . ASP A 1 65  ? -6.241  -3.615  8.160   1.00 8.62  ? 65  ASP A N   1 
ATOM   485  C CA  . ASP A 1 65  ? -7.302  -4.540  7.744   1.00 9.16  ? 65  ASP A CA  1 
ATOM   486  C C   . ASP A 1 65  ? -6.838  -5.830  7.089   1.00 8.84  ? 65  ASP A C   1 
ATOM   487  O O   . ASP A 1 65  ? -5.812  -5.862  6.419   1.00 9.44  ? 65  ASP A O   1 
ATOM   488  C CB  . ASP A 1 65  ? -8.256  -3.840  6.754   1.00 11.10 ? 65  ASP A CB  1 
ATOM   489  C CG  . ASP A 1 65  ? -8.685  -2.449  7.206   1.00 12.59 ? 65  ASP A CG  1 
ATOM   490  O OD1 . ASP A 1 65  ? -9.148  -2.305  8.352   1.00 17.06 ? 65  ASP A OD1 1 
ATOM   491  O OD2 . ASP A 1 65  ? -8.557  -1.504  6.406   1.00 14.88 ? 65  ASP A OD2 1 
ATOM   492  N N   . LEU A 1 66  ? -7.616  -6.887  7.290   1.00 10.28 ? 66  LEU A N   1 
ATOM   493  C CA  . LEU A 1 66  ? -7.347  -8.182  6.680   1.00 10.53 ? 66  LEU A CA  1 
ATOM   494  C C   . LEU A 1 66  ? -7.745  -8.130  5.209   1.00 10.01 ? 66  LEU A C   1 
ATOM   495  O O   . LEU A 1 66  ? -8.654  -7.381  4.835   1.00 9.87  ? 66  LEU A O   1 
ATOM   496  C CB  . LEU A 1 66  ? -8.187  -9.266  7.357   1.00 11.68 ? 66  LEU A CB  1 
ATOM   497  C CG  . LEU A 1 66  ? -7.800  -9.815  8.729   1.00 12.21 ? 66  LEU A CG  1 
ATOM   498  C CD1 . LEU A 1 66  ? -8.859  -10.797 9.171   1.00 13.45 ? 66  LEU A CD1 1 
ATOM   499  C CD2 . LEU A 1 66  ? -6.439  -10.491 8.680   1.00 16.51 ? 66  LEU A CD2 1 
ATOM   500  N N   . ILE A 1 67  ? -7.063  -8.935  4.385   1.00 11.85 ? 67  ILE A N   1 
ATOM   501  C CA  . ILE A 1 67  ? -7.374  -9.052  2.953   1.00 12.26 ? 67  ILE A CA  1 
ATOM   502  C C   . ILE A 1 67  ? -8.806  -9.539  2.833   1.00 12.09 ? 67  ILE A C   1 
ATOM   503  O O   . ILE A 1 67  ? -9.261  -10.372 3.612   1.00 12.83 ? 67  ILE A O   1 
ATOM   504  C CB  . ILE A 1 67  ? -6.424  -10.029 2.193   1.00 21.44 ? 67  ILE A CB  1 
ATOM   505  C CG1 . ILE A 1 67  ? -5.011  -9.457  2.148   1.00 27.53 ? 67  ILE A CG1 1 
ATOM   506  C CG2 . ILE A 1 67  ? -6.874  -10.205 0.742   1.00 29.68 ? 67  ILE A CG2 1 
ATOM   507  C CD1 . ILE A 1 67  ? -4.038  -10.288 1.357   1.00 31.54 ? 67  ILE A CD1 1 
ATOM   508  N N   . ASP A 1 68  ? -9.505  -8.951  1.876   1.00 10.88 ? 68  ASP A N   1 
ATOM   509  C CA  . ASP A 1 68  ? -10.893 -9.250  1.629   1.00 11.98 ? 68  ASP A CA  1 
ATOM   510  C C   . ASP A 1 68  ? -11.067 -9.806  0.218   1.00 10.72 ? 68  ASP A C   1 
ATOM   511  O O   . ASP A 1 68  ? -10.630 -9.199  -0.753  1.00 10.23 ? 68  ASP A O   1 
ATOM   512  C CB  . ASP A 1 68  ? -11.701 -7.968  1.847   1.00 16.05 ? 68  ASP A CB  1 
ATOM   513  C CG  . ASP A 1 68  ? -13.186 -8.192  1.767   1.00 28.09 ? 68  ASP A CG  1 
ATOM   514  O OD1 . ASP A 1 68  ? -13.813 -8.503  2.800   1.00 24.69 ? 68  ASP A OD1 1 
ATOM   515  O OD2 . ASP A 1 68  ? -13.726 -8.031  0.662   1.00 17.46 ? 68  ASP A OD2 1 
ATOM   516  N N   . ASN A 1 69  ? -11.749 -10.947 0.126   1.00 11.78 ? 69  ASN A N   1 
ATOM   517  C CA  . ASN A 1 69  ? -12.006 -11.625 -1.151  1.00 12.23 ? 69  ASN A CA  1 
ATOM   518  C C   . ASN A 1 69  ? -12.828 -10.808 -2.138  1.00 11.50 ? 69  ASN A C   1 
ATOM   519  O O   . ASN A 1 69  ? -12.607 -10.879 -3.343  1.00 13.72 ? 69  ASN A O   1 
ATOM   520  C CB  . ASN A 1 69  ? -12.665 -12.986 -0.915  1.00 15.74 ? 69  ASN A CB  1 
ATOM   521  C CG  . ASN A 1 69  ? -11.672 -14.051 -0.487  1.00 15.95 ? 69  ASN A CG  1 
ATOM   522  O OD1 . ASN A 1 69  ? -10.518 -14.062 -0.923  1.00 18.88 ? 69  ASN A OD1 1 
ATOM   523  N ND2 . ASN A 1 69  ? -12.126 -14.969 0.357   1.00 19.26 ? 69  ASN A ND2 1 
ATOM   524  N N   . ASP A 1 70  ? -13.745 -9.998  -1.621  1.00 12.86 ? 70  ASP A N   1 
ATOM   525  C CA  . ASP A 1 70  ? -14.567 -9.147  -2.464  1.00 17.72 ? 70  ASP A CA  1 
ATOM   526  C C   . ASP A 1 70  ? -13.777 -7.994  -3.089  1.00 11.89 ? 70  ASP A C   1 
ATOM   527  O O   . ASP A 1 70  ? -14.026 -7.645  -4.242  1.00 13.27 ? 70  ASP A O   1 
ATOM   528  C CB  . ASP A 1 70  ? -15.789 -8.647  -1.704  1.00 17.68 ? 70  ASP A CB  1 
ATOM   529  C CG  . ASP A 1 70  ? -16.814 -9.747  -1.464  1.00 31.54 ? 70  ASP A CG  1 
ATOM   530  O OD1 . ASP A 1 70  ? -17.240 -10.386 -2.442  1.00 30.08 ? 70  ASP A OD1 1 
ATOM   531  O OD2 . ASP A 1 70  ? -17.238 -9.951  -0.308  1.00 33.09 ? 70  ASP A OD2 1 
ATOM   532  N N   . ILE A 1 71  ? -12.837 -7.400  -2.348  1.00 10.82 ? 71  ILE A N   1 
ATOM   533  C CA  . ILE A 1 71  ? -12.007 -6.325  -2.907  1.00 9.22  ? 71  ILE A CA  1 
ATOM   534  C C   . ILE A 1 71  ? -11.047 -6.937  -3.947  1.00 8.72  ? 71  ILE A C   1 
ATOM   535  O O   . ILE A 1 71  ? -10.836 -6.347  -5.003  1.00 9.90  ? 71  ILE A O   1 
ATOM   536  C CB  . ILE A 1 71  ? -11.233 -5.512  -1.827  1.00 9.97  ? 71  ILE A CB  1 
ATOM   537  C CG1 . ILE A 1 71  ? -12.193 -4.899  -0.793  1.00 10.56 ? 71  ILE A CG1 1 
ATOM   538  C CG2 . ILE A 1 71  ? -10.450 -4.371  -2.500  1.00 12.85 ? 71  ILE A CG2 1 
ATOM   539  C CD1 . ILE A 1 71  ? -11.506 -4.092  0.334   1.00 11.14 ? 71  ILE A CD1 1 
ATOM   540  N N   . LEU A 1 72  ? -10.523 -8.137  -3.661  1.00 9.64  ? 72  LEU A N   1 
ATOM   541  C CA  . LEU A 1 72  ? -9.629  -8.840  -4.601  1.00 10.91 ? 72  LEU A CA  1 
ATOM   542  C C   . LEU A 1 72  ? -10.309 -9.099  -5.941  1.00 10.96 ? 72  LEU A C   1 
ATOM   543  O O   . LEU A 1 72  ? -9.747  -8.782  -6.988  1.00 12.26 ? 72  LEU A O   1 
ATOM   544  C CB  . LEU A 1 72  ? -9.150  -10.186 -4.044  1.00 13.69 ? 72  LEU A CB  1 
ATOM   545  C CG  . LEU A 1 72  ? -8.090  -10.234 -2.946  1.00 11.50 ? 72  LEU A CG  1 
ATOM   546  C CD1 . LEU A 1 72  ? -7.867  -11.674 -2.556  1.00 15.84 ? 72  LEU A CD1 1 
ATOM   547  C CD2 . LEU A 1 72  ? -6.777  -9.610  -3.383  1.00 12.53 ? 72  LEU A CD2 1 
ATOM   548  N N   . LYS A 1 73  ? -11.556 -9.578  -5.881  1.00 11.02 ? 73  LYS A N   1 
ATOM   549  C CA  . LYS A 1 73  ? -12.361 -9.891  -7.067  1.00 12.77 ? 73  LYS A CA  1 
ATOM   550  C C   . LYS A 1 73  ? -12.680 -8.672  -7.937  1.00 13.49 ? 73  LYS A C   1 
ATOM   551  O O   . LYS A 1 73  ? -12.771 -8.788  -9.167  1.00 12.97 ? 73  LYS A O   1 
ATOM   552  C CB  . LYS A 1 73  ? -13.665 -10.590 -6.652  1.00 15.04 ? 73  LYS A CB  1 
ATOM   553  C CG  . LYS A 1 73  ? -13.647 -12.134 -6.693  1.00 40.83 ? 73  LYS A CG  1 
ATOM   554  C CD  . LYS A 1 73  ? -12.608 -12.763 -5.759  1.00 43.58 ? 73  LYS A CD  1 
ATOM   555  C CE  . LYS A 1 73  ? -12.727 -14.275 -5.675  1.00 49.61 ? 73  LYS A CE  1 
ATOM   556  N NZ  . LYS A 1 73  ? -12.371 -14.956 -6.947  1.00 48.55 ? 73  LYS A NZ  1 
ATOM   557  N N   . GLN A 1 74  ? -12.798 -7.510  -7.292  1.00 11.53 ? 74  GLN A N   1 
ATOM   558  C CA  . GLN A 1 74  ? -13.105 -6.250  -7.969  1.00 12.42 ? 74  GLN A CA  1 
ATOM   559  C C   . GLN A 1 74  ? -11.910 -5.350  -8.271  1.00 12.83 ? 74  GLN A C   1 
ATOM   560  O O   . GLN A 1 74  ? -12.076 -4.260  -8.830  1.00 14.46 ? 74  GLN A O   1 
ATOM   561  C CB  . GLN A 1 74  ? -14.143 -5.441  -7.180  1.00 13.50 ? 74  GLN A CB  1 
ATOM   562  C CG  . GLN A 1 74  ? -15.541 -6.053  -7.096  1.00 19.32 ? 74  GLN A CG  1 
ATOM   563  C CD  . GLN A 1 74  ? -16.309 -6.086  -8.420  1.00 28.41 ? 74  GLN A CD  1 
ATOM   564  O OE1 . GLN A 1 74  ? -17.259 -6.853  -8.564  1.00 37.39 ? 74  GLN A OE1 1 
ATOM   565  N NE2 . GLN A 1 74  ? -15.918 -5.245  -9.376  1.00 33.15 ? 74  GLN A NE2 1 
ATOM   566  N N   . SER A 1 75  ? -10.708 -5.821  -7.941  1.00 11.82 ? 75  SER A N   1 
ATOM   567  C CA  . SER A 1 75  ? -9.492  -5.051  -8.179  1.00 13.13 ? 75  SER A CA  1 
ATOM   568  C C   . SER A 1 75  ? -9.029  -5.085  -9.626  1.00 16.23 ? 75  SER A C   1 
ATOM   569  O O   . SER A 1 75  ? -9.192  -6.095  -10.316 1.00 15.30 ? 75  SER A O   1 
ATOM   570  C CB  . SER A 1 75  ? -8.352  -5.547  -7.288  1.00 11.86 ? 75  SER A CB  1 
ATOM   571  O OG  . SER A 1 75  ? -8.543  -5.214  -5.928  1.00 11.95 ? 75  SER A OG  1 
ATOM   572  N N   . ASP A 1 76  ? -8.541  -3.941  -10.099 1.00 13.65 ? 76  ASP A N   1 
ATOM   573  C CA  . ASP A 1 76  ? -7.985  -3.843  -11.440 1.00 13.68 ? 76  ASP A CA  1 
ATOM   574  C C   . ASP A 1 76  ? -6.498  -4.206  -11.317 1.00 17.18 ? 76  ASP A C   1 
ATOM   575  O O   . ASP A 1 76  ? -5.931  -4.874  -12.193 1.00 16.91 ? 76  ASP A O   1 
ATOM   576  C CB  . ASP A 1 76  ? -8.165  -2.428  -11.997 1.00 16.06 ? 76  ASP A CB  1 
ATOM   577  C CG  . ASP A 1 76  ? -9.605  -2.131  -12.371 1.00 16.89 ? 76  ASP A CG  1 
ATOM   578  O OD1 . ASP A 1 76  ? -9.980  -2.395  -13.534 1.00 18.57 ? 76  ASP A OD1 1 
ATOM   579  O OD2 . ASP A 1 76  ? -10.369 -1.652  -11.506 1.00 15.25 ? 76  ASP A OD2 1 
ATOM   580  N N   . LEU A 1 77  ? -5.907  -3.823  -10.182 1.00 13.44 ? 77  LEU A N   1 
ATOM   581  C CA  . LEU A 1 77  ? -4.498  -4.092  -9.897  1.00 13.43 ? 77  LEU A CA  1 
ATOM   582  C C   . LEU A 1 77  ? -4.258  -4.334  -8.407  1.00 11.47 ? 77  LEU A C   1 
ATOM   583  O O   . LEU A 1 77  ? -4.693  -3.534  -7.564  1.00 12.33 ? 77  LEU A O   1 
ATOM   584  C CB  . LEU A 1 77  ? -3.622  -2.912  -10.350 1.00 14.97 ? 77  LEU A CB  1 
ATOM   585  C CG  . LEU A 1 77  ? -2.220  -3.070  -10.969 1.00 32.57 ? 77  LEU A CG  1 
ATOM   586  C CD1 . LEU A 1 77  ? -1.401  -1.892  -10.505 1.00 15.46 ? 77  LEU A CD1 1 
ATOM   587  C CD2 . LEU A 1 77  ? -1.491  -4.363  -10.598 1.00 16.40 ? 77  LEU A CD2 1 
ATOM   588  N N   . VAL A 1 78  ? -3.616  -5.466  -8.097  1.00 11.35 ? 78  VAL A N   1 
ATOM   589  C CA  . VAL A 1 78  ? -3.247  -5.820  -6.728  1.00 11.70 ? 78  VAL A CA  1 
ATOM   590  C C   . VAL A 1 78  ? -1.720  -5.685  -6.691  1.00 10.93 ? 78  VAL A C   1 
ATOM   591  O O   . VAL A 1 78  ? -1.014  -6.300  -7.506  1.00 12.86 ? 78  VAL A O   1 
ATOM   592  C CB  . VAL A 1 78  ? -3.657  -7.275  -6.343  1.00 11.75 ? 78  VAL A CB  1 
ATOM   593  C CG1 . VAL A 1 78  ? -3.143  -7.640  -4.937  1.00 14.89 ? 78  VAL A CG1 1 
ATOM   594  C CG2 . VAL A 1 78  ? -5.161  -7.432  -6.374  1.00 10.90 ? 78  VAL A CG2 1 
ATOM   595  N N   . VAL A 1 79  ? -1.220  -4.855  -5.777  1.00 10.38 ? 79  VAL A N   1 
ATOM   596  C CA  . VAL A 1 79  ? 0.216   -4.635  -5.636  1.00 11.33 ? 79  VAL A CA  1 
ATOM   597  C C   . VAL A 1 79  ? 0.718   -5.147  -4.292  1.00 9.46  ? 79  VAL A C   1 
ATOM   598  O O   . VAL A 1 79  ? 0.253   -4.701  -3.240  1.00 10.34 ? 79  VAL A O   1 
ATOM   599  C CB  . VAL A 1 79  ? 0.582   -3.135  -5.770  1.00 9.09  ? 79  VAL A CB  1 
ATOM   600  C CG1 . VAL A 1 79  ? 2.063   -2.920  -5.573  1.00 14.11 ? 79  VAL A CG1 1 
ATOM   601  C CG2 . VAL A 1 79  ? 0.196   -2.601  -7.120  1.00 12.19 ? 79  VAL A CG2 1 
ATOM   602  N N   . THR A 1 80  ? 1.660   -6.087  -4.331  1.00 9.48  ? 80  THR A N   1 
ATOM   603  C CA  . THR A 1 80  ? 2.258   -6.621  -3.116  1.00 9.93  ? 80  THR A CA  1 
ATOM   604  C C   . THR A 1 80  ? 3.560   -5.859  -2.872  1.00 10.13 ? 80  THR A C   1 
ATOM   605  O O   . THR A 1 80  ? 4.303   -5.571  -3.812  1.00 10.90 ? 80  THR A O   1 
ATOM   606  C CB  . THR A 1 80  ? 2.470   -8.127  -3.196  1.00 12.39 ? 80  THR A CB  1 
ATOM   607  O OG1 . THR A 1 80  ? 3.297   -8.452  -4.317  1.00 12.98 ? 80  THR A OG1 1 
ATOM   608  C CG2 . THR A 1 80  ? 1.131   -8.842  -3.351  1.00 13.18 ? 80  THR A CG2 1 
ATOM   609  N N   . LEU A 1 81  ? 3.822   -5.520  -1.608  1.00 10.54 ? 81  LEU A N   1 
ATOM   610  C CA  . LEU A 1 81  ? 4.989   -4.711  -1.236  1.00 10.14 ? 81  LEU A CA  1 
ATOM   611  C C   . LEU A 1 81  ? 6.155   -5.382  -0.510  1.00 10.95 ? 81  LEU A C   1 
ATOM   612  O O   . LEU A 1 81  ? 7.178   -4.740  -0.247  1.00 12.52 ? 81  LEU A O   1 
ATOM   613  C CB  . LEU A 1 81  ? 4.506   -3.467  -0.470  1.00 10.46 ? 81  LEU A CB  1 
ATOM   614  C CG  . LEU A 1 81  ? 3.465   -2.612  -1.219  1.00 8.88  ? 81  LEU A CG  1 
ATOM   615  C CD1 . LEU A 1 81  ? 2.835   -1.644  -0.295  1.00 13.03 ? 81  LEU A CD1 1 
ATOM   616  C CD2 . LEU A 1 81  ? 4.057   -1.883  -2.386  1.00 13.59 ? 81  LEU A CD2 1 
ATOM   617  N N   . CYS A 1 82  ? 5.974   -6.654  -0.156  1.00 12.04 ? 82  CYS A N   1 
ATOM   618  C CA  . CYS A 1 82  ? 6.993   -7.464  0.527   1.00 13.43 ? 82  CYS A CA  1 
ATOM   619  C C   . CYS A 1 82  ? 6.842   -8.913  0.041   1.00 16.36 ? 82  CYS A C   1 
ATOM   620  O O   . CYS A 1 82  ? 5.759   -9.297  -0.412  1.00 13.29 ? 82  CYS A O   1 
ATOM   621  C CB  . CYS A 1 82  ? 6.845   -7.369  2.047   1.00 13.03 ? 82  CYS A CB  1 
ATOM   622  S SG  . CYS A 1 82  ? 5.222   -7.822  2.654   1.00 11.43 ? 82  CYS A SG  1 
ATOM   623  N N   . SER A 1 83  ? 7.911   -9.712  0.135   1.00 15.85 ? 83  SER A N   1 
ATOM   624  C CA  . SER A 1 83  ? 7.903   -11.103 -0.355  1.00 16.78 ? 83  SER A CA  1 
ATOM   625  C C   . SER A 1 83  ? 6.920   -12.097 0.273   1.00 13.76 ? 83  SER A C   1 
ATOM   626  O O   . SER A 1 83  ? 6.324   -12.894 -0.454  1.00 15.68 ? 83  SER A O   1 
ATOM   627  C CB  . SER A 1 83  ? 9.320   -11.696 -0.395  1.00 21.32 ? 83  SER A CB  1 
ATOM   628  O OG  . SER A 1 83  ? 9.706   -12.263 0.846   1.00 34.64 ? 83  SER A OG  1 
ATOM   629  N N   . ASP A 1 84  ? 6.714   -12.030 1.593   1.00 14.79 ? 84  ASP A N   1 
ATOM   630  C CA  . ASP A 1 84  ? 5.774   -12.944 2.271   1.00 17.12 ? 84  ASP A CA  1 
ATOM   631  C C   . ASP A 1 84  ? 4.334   -12.710 1.807   1.00 17.98 ? 84  ASP A C   1 
ATOM   632  O O   . ASP A 1 84  ? 3.594   -13.664 1.588   1.00 16.99 ? 84  ASP A O   1 
ATOM   633  C CB  . ASP A 1 84  ? 5.855   -12.825 3.804   1.00 18.45 ? 84  ASP A CB  1 
ATOM   634  C CG  . ASP A 1 84  ? 7.122   -13.429 4.378   1.00 29.13 ? 84  ASP A CG  1 
ATOM   635  O OD1 . ASP A 1 84  ? 7.361   -14.631 4.145   1.00 39.41 ? 84  ASP A OD1 1 
ATOM   636  O OD2 . ASP A 1 84  ? 7.867   -12.716 5.085   1.00 35.55 ? 84  ASP A OD2 1 
ATOM   637  N N   . ALA A 1 85  ? 3.976   -11.438 1.612   1.00 15.38 ? 85  ALA A N   1 
ATOM   638  C CA  . ALA A 1 85  ? 2.651   -11.035 1.134   1.00 15.04 ? 85  ALA A CA  1 
ATOM   639  C C   . ALA A 1 85  ? 2.421   -11.496 -0.304  1.00 15.60 ? 85  ALA A C   1 
ATOM   640  O O   . ALA A 1 85  ? 1.316   -11.902 -0.655  1.00 14.93 ? 85  ALA A O   1 
ATOM   641  C CB  . ALA A 1 85  ? 2.503   -9.541  1.217   1.00 17.88 ? 85  ALA A CB  1 
ATOM   642  N N   . ASP A 1 86  ? 3.486   -11.453 -1.111  1.00 14.96 ? 86  ASP A N   1 
ATOM   643  C CA  . ASP A 1 86  ? 3.461   -11.874 -2.517  1.00 16.13 ? 86  ASP A CA  1 
ATOM   644  C C   . ASP A 1 86  ? 3.169   -13.366 -2.656  1.00 19.16 ? 86  ASP A C   1 
ATOM   645  O O   . ASP A 1 86  ? 2.366   -13.772 -3.494  1.00 19.77 ? 86  ASP A O   1 
ATOM   646  C CB  . ASP A 1 86  ? 4.792   -11.523 -3.201  1.00 18.14 ? 86  ASP A CB  1 
ATOM   647  C CG  . ASP A 1 86  ? 4.713   -11.585 -4.721  1.00 20.29 ? 86  ASP A CG  1 
ATOM   648  O OD1 . ASP A 1 86  ? 5.590   -12.232 -5.328  1.00 21.83 ? 86  ASP A OD1 1 
ATOM   649  O OD2 . ASP A 1 86  ? 3.782   -10.986 -5.304  1.00 19.86 ? 86  ASP A OD2 1 
ATOM   650  N N   . ASN A 1 87  ? 3.764   -14.152 -1.762  1.00 16.67 ? 87  ASN A N   1 
ATOM   651  C CA  . ASN A 1 87  ? 3.600   -15.601 -1.753  1.00 18.13 ? 87  ASN A CA  1 
ATOM   652  C C   . ASN A 1 87  ? 2.344   -16.089 -1.029  1.00 19.22 ? 87  ASN A C   1 
ATOM   653  O O   . ASN A 1 87  ? 1.806   -17.148 -1.372  1.00 21.91 ? 87  ASN A O   1 
ATOM   654  C CB  . ASN A 1 87  ? 4.852   -16.257 -1.163  1.00 26.57 ? 87  ASN A CB  1 
ATOM   655  C CG  . ASN A 1 87  ? 6.101   -15.970 -1.983  1.00 19.44 ? 87  ASN A CG  1 
ATOM   656  O OD1 . ASN A 1 87  ? 6.076   -16.006 -3.214  1.00 38.50 ? 87  ASN A OD1 1 
ATOM   657  N ND2 . ASN A 1 87  ? 7.205   -15.697 -1.300  1.00 37.38 ? 87  ASN A ND2 1 
ATOM   658  N N   . ASN A 1 88  ? 1.874   -15.309 -0.054  1.00 17.45 ? 88  ASN A N   1 
ATOM   659  C CA  . ASN A 1 88  ? 0.680   -15.665 0.717   1.00 15.37 ? 88  ASN A CA  1 
ATOM   660  C C   . ASN A 1 88  ? -0.627  -15.111 0.161   1.00 14.88 ? 88  ASN A C   1 
ATOM   661  O O   . ASN A 1 88  ? -1.701  -15.512 0.608   1.00 17.09 ? 88  ASN A O   1 
ATOM   662  C CB  . ASN A 1 88  ? 0.823   -15.273 2.196   1.00 16.48 ? 88  ASN A CB  1 
ATOM   663  C CG  . ASN A 1 88  ? 1.747   -16.196 2.970   1.00 20.31 ? 88  ASN A CG  1 
ATOM   664  O OD1 . ASN A 1 88  ? 1.728   -17.416 2.791   1.00 20.05 ? 88  ASN A OD1 1 
ATOM   665  N ND2 . ASN A 1 88  ? 2.551   -15.615 3.852   1.00 17.94 ? 88  ASN A ND2 1 
ATOM   666  N N   . CYS A 1 89  ? -0.541  -14.198 -0.812  1.00 17.41 ? 89  CYS A N   1 
ATOM   667  C CA  . CYS A 1 89  ? -1.725  -13.602 -1.448  1.00 14.73 ? 89  CYS A CA  1 
ATOM   668  C C   . CYS A 1 89  ? -2.512  -14.725 -2.134  1.00 14.76 ? 89  CYS A C   1 
ATOM   669  O O   . CYS A 1 89  ? -1.904  -15.591 -2.775  1.00 15.18 ? 89  CYS A O   1 
ATOM   670  C CB  . CYS A 1 89  ? -1.306  -12.559 -2.499  1.00 15.44 ? 89  CYS A CB  1 
ATOM   671  S SG  . CYS A 1 89  ? -2.661  -11.722 -3.389  1.00 17.27 ? 89  CYS A SG  1 
ATOM   672  N N   . PRO A 1 90  ? -3.854  -14.750 -1.968  1.00 15.83 ? 90  PRO A N   1 
ATOM   673  C CA  . PRO A 1 90  ? -4.668  -15.805 -2.601  1.00 16.26 ? 90  PRO A CA  1 
ATOM   674  C C   . PRO A 1 90  ? -4.555  -15.804 -4.123  1.00 16.31 ? 90  PRO A C   1 
ATOM   675  O O   . PRO A 1 90  ? -4.129  -14.808 -4.721  1.00 15.43 ? 90  PRO A O   1 
ATOM   676  C CB  . PRO A 1 90  ? -6.090  -15.432 -2.177  1.00 21.48 ? 90  PRO A CB  1 
ATOM   677  C CG  . PRO A 1 90  ? -5.890  -14.787 -0.858  1.00 20.93 ? 90  PRO A CG  1 
ATOM   678  C CD  . PRO A 1 90  ? -4.711  -13.894 -1.125  1.00 15.99 ? 90  PRO A CD  1 
ATOM   679  N N   . ILE A 1 91  ? -4.890  -16.944 -4.738  1.00 17.38 ? 91  ILE A N   1 
ATOM   680  C CA  . ILE A 1 91  ? -4.889  -17.069 -6.198  1.00 15.16 ? 91  ILE A CA  1 
ATOM   681  C C   . ILE A 1 91  ? -5.985  -16.104 -6.663  1.00 15.76 ? 91  ILE A C   1 
ATOM   682  O O   . ILE A 1 91  ? -7.124  -16.151 -6.195  1.00 17.19 ? 91  ILE A O   1 
ATOM   683  C CB  . ILE A 1 91  ? -5.177  -18.528 -6.671  1.00 17.00 ? 91  ILE A CB  1 
ATOM   684  C CG1 . ILE A 1 91  ? -4.051  -19.457 -6.196  1.00 20.94 ? 91  ILE A CG1 1 
ATOM   685  C CG2 . ILE A 1 91  ? -5.292  -18.587 -8.207  1.00 20.95 ? 91  ILE A CG2 1 
ATOM   686  C CD1 . ILE A 1 91  ? -4.311  -20.948 -6.410  1.00 30.49 ? 91  ILE A CD1 1 
ATOM   687  N N   . LEU A 1 92  ? -5.577  -15.186 -7.522  1.00 13.46 ? 92  LEU A N   1 
ATOM   688  C CA  . LEU A 1 92  ? -6.439  -14.137 -8.036  1.00 11.47 ? 92  LEU A CA  1 
ATOM   689  C C   . LEU A 1 92  ? -7.265  -14.520 -9.250  1.00 12.76 ? 92  LEU A C   1 
ATOM   690  O O   . LEU A 1 92  ? -6.954  -15.506 -9.934  1.00 11.74 ? 92  LEU A O   1 
ATOM   691  C CB  . LEU A 1 92  ? -5.570  -12.924 -8.390  1.00 15.31 ? 92  LEU A CB  1 
ATOM   692  C CG  . LEU A 1 92  ? -4.731  -12.260 -7.300  1.00 14.50 ? 92  LEU A CG  1 
ATOM   693  C CD1 . LEU A 1 92  ? -4.049  -11.065 -7.906  1.00 16.28 ? 92  LEU A CD1 1 
ATOM   694  C CD2 . LEU A 1 92  ? -5.584  -11.839 -6.111  1.00 14.63 ? 92  LEU A CD2 1 
ATOM   695  N N   . PRO A 1 93  ? -8.397  -13.793 -9.497  1.00 11.26 ? 93  PRO A N   1 
ATOM   696  C CA  . PRO A 1 93  ? -9.215  -14.086 -10.673 1.00 12.09 ? 93  PRO A CA  1 
ATOM   697  C C   . PRO A 1 93  ? -8.354  -13.821 -11.908 1.00 11.97 ? 93  PRO A C   1 
ATOM   698  O O   . PRO A 1 93  ? -7.468  -12.958 -11.865 1.00 11.43 ? 93  PRO A O   1 
ATOM   699  C CB  . PRO A 1 93  ? -10.323 -13.042 -10.562 1.00 13.55 ? 93  PRO A CB  1 
ATOM   700  C CG  . PRO A 1 93  ? -10.533 -12.978 -9.117  1.00 14.57 ? 93  PRO A CG  1 
ATOM   701  C CD  . PRO A 1 93  ? -9.135  -12.905 -8.574  1.00 15.46 ? 93  PRO A CD  1 
ATOM   702  N N   . PRO A 1 94  ? -8.587  -14.542 -13.035 1.00 11.39 ? 94  PRO A N   1 
ATOM   703  C CA  . PRO A 1 94  ? -7.791  -14.353 -14.246 1.00 11.75 ? 94  PRO A CA  1 
ATOM   704  C C   . PRO A 1 94  ? -7.717  -12.939 -14.823 1.00 11.15 ? 94  PRO A C   1 
ATOM   705  O O   . PRO A 1 94  ? -6.712  -12.581 -15.418 1.00 14.74 ? 94  PRO A O   1 
ATOM   706  C CB  . PRO A 1 94  ? -8.425  -15.332 -15.228 1.00 12.02 ? 94  PRO A CB  1 
ATOM   707  C CG  . PRO A 1 94  ? -8.984  -16.379 -14.348 1.00 13.23 ? 94  PRO A CG  1 
ATOM   708  C CD  . PRO A 1 94  ? -9.600  -15.595 -13.242 1.00 11.44 ? 94  PRO A CD  1 
ATOM   709  N N   . ASN A 1 95  ? -8.730  -12.118 -14.542 1.00 11.73 ? 95  ASN A N   1 
ATOM   710  C CA  . ASN A 1 95  ? -8.782  -10.734 -15.029 1.00 13.06 ? 95  ASN A CA  1 
ATOM   711  C C   . ASN A 1 95  ? -8.159  -9.675  -14.108 1.00 14.03 ? 95  ASN A C   1 
ATOM   712  O O   . ASN A 1 95  ? -8.094  -8.498  -14.471 1.00 19.04 ? 95  ASN A O   1 
ATOM   713  C CB  . ASN A 1 95  ? -10.229 -10.345 -15.385 1.00 12.81 ? 95  ASN A CB  1 
ATOM   714  C CG  . ASN A 1 95  ? -11.165 -10.268 -14.171 1.00 15.83 ? 95  ASN A CG  1 
ATOM   715  O OD1 . ASN A 1 95  ? -11.056 -11.036 -13.212 1.00 12.81 ? 95  ASN A OD1 1 
ATOM   716  N ND2 . ASN A 1 95  ? -12.122 -9.351  -14.241 1.00 21.81 ? 95  ASN A ND2 1 
ATOM   717  N N   . VAL A 1 96  ? -7.732  -10.099 -12.918 1.00 12.59 ? 96  VAL A N   1 
ATOM   718  C CA  . VAL A 1 96  ? -7.141  -9.195  -11.930 1.00 14.76 ? 96  VAL A CA  1 
ATOM   719  C C   . VAL A 1 96  ? -5.624  -9.283  -12.036 1.00 16.03 ? 96  VAL A C   1 
ATOM   720  O O   . VAL A 1 96  ? -5.032  -10.352 -11.842 1.00 19.77 ? 96  VAL A O   1 
ATOM   721  C CB  . VAL A 1 96  ? -7.625  -9.532  -10.477 1.00 13.63 ? 96  VAL A CB  1 
ATOM   722  C CG1 . VAL A 1 96  ? -6.954  -8.614  -9.448  1.00 14.56 ? 96  VAL A CG1 1 
ATOM   723  C CG2 . VAL A 1 96  ? -9.141  -9.387  -10.377 1.00 13.90 ? 96  VAL A CG2 1 
ATOM   724  N N   . LYS A 1 97  ? -5.009  -8.151  -12.367 1.00 15.95 ? 97  LYS A N   1 
ATOM   725  C CA  . LYS A 1 97  ? -3.562  -8.069  -12.512 1.00 16.77 ? 97  LYS A CA  1 
ATOM   726  C C   . LYS A 1 97  ? -2.844  -7.969  -11.169 1.00 17.33 ? 97  LYS A C   1 
ATOM   727  O O   . LYS A 1 97  ? -3.352  -7.363  -10.218 1.00 18.06 ? 97  LYS A O   1 
ATOM   728  C CB  . LYS A 1 97  ? -3.187  -6.897  -13.423 1.00 20.31 ? 97  LYS A CB  1 
ATOM   729  C CG  . LYS A 1 97  ? -3.642  -7.090  -14.868 1.00 37.07 ? 97  LYS A CG  1 
ATOM   730  C CD  . LYS A 1 97  ? -3.155  -5.984  -15.787 1.00 45.94 ? 97  LYS A CD  1 
ATOM   731  C CE  . LYS A 1 97  ? -3.631  -6.207  -17.218 1.00 53.62 ? 97  LYS A CE  1 
ATOM   732  N NZ  . LYS A 1 97  ? -5.118  -6.209  -17.340 1.00 47.25 ? 97  LYS A NZ  1 
ATOM   733  N N   . LYS A 1 98  ? -1.680  -8.614  -11.099 1.00 18.64 ? 98  LYS A N   1 
ATOM   734  C CA  . LYS A 1 98  ? -0.859  -8.635  -9.895  1.00 20.57 ? 98  LYS A CA  1 
ATOM   735  C C   . LYS A 1 98  ? 0.550   -8.181  -10.221 1.00 18.86 ? 98  LYS A C   1 
ATOM   736  O O   . LYS A 1 98  ? 1.156   -8.651  -11.190 1.00 17.74 ? 98  LYS A O   1 
ATOM   737  C CB  . LYS A 1 98  ? -0.795  -10.047 -9.316  1.00 25.55 ? 98  LYS A CB  1 
ATOM   738  C CG  . LYS A 1 98  ? -0.210  -10.151 -7.912  1.00 28.01 ? 98  LYS A CG  1 
ATOM   739  C CD  . LYS A 1 98  ? 0.217   -11.578 -7.648  1.00 46.03 ? 98  LYS A CD  1 
ATOM   740  C CE  . LYS A 1 98  ? 0.569   -11.806 -6.196  1.00 35.04 ? 98  LYS A CE  1 
ATOM   741  N NZ  . LYS A 1 98  ? 0.994   -13.214 -5.961  1.00 45.73 ? 98  LYS A NZ  1 
ATOM   742  N N   . GLU A 1 99  ? 1.056   -7.255  -9.412  1.00 13.65 ? 99  GLU A N   1 
ATOM   743  C CA  . GLU A 1 99  ? 2.404   -6.730  -9.562  1.00 13.59 ? 99  GLU A CA  1 
ATOM   744  C C   . GLU A 1 99  ? 3.085   -6.685  -8.205  1.00 12.08 ? 99  GLU A C   1 
ATOM   745  O O   . GLU A 1 99  ? 2.435   -6.489  -7.184  1.00 15.17 ? 99  GLU A O   1 
ATOM   746  C CB  . GLU A 1 99  ? 2.394   -5.327  -10.183 1.00 14.15 ? 99  GLU A CB  1 
ATOM   747  C CG  . GLU A 1 99  ? 2.147   -5.288  -11.701 1.00 18.40 ? 99  GLU A CG  1 
ATOM   748  C CD  . GLU A 1 99  ? 2.205   -3.889  -12.295 1.00 22.48 ? 99  GLU A CD  1 
ATOM   749  O OE1 . GLU A 1 99  ? 3.009   -3.062  -11.818 1.00 19.06 ? 99  GLU A OE1 1 
ATOM   750  O OE2 . GLU A 1 99  ? 1.452   -3.619  -13.255 1.00 24.04 ? 99  GLU A OE2 1 
ATOM   751  N N   . HIS A 1 100 ? 4.386   -6.956  -8.197  1.00 13.14 ? 100 HIS A N   1 
ATOM   752  C CA  . HIS A 1 100 ? 5.171   -6.905  -6.972  1.00 11.70 ? 100 HIS A CA  1 
ATOM   753  C C   . HIS A 1 100 ? 6.112   -5.706  -7.045  1.00 12.12 ? 100 HIS A C   1 
ATOM   754  O O   . HIS A 1 100 ? 6.966   -5.636  -7.933  1.00 13.58 ? 100 HIS A O   1 
ATOM   755  C CB  . HIS A 1 100 ? 5.976   -8.199  -6.758  1.00 14.49 ? 100 HIS A CB  1 
ATOM   756  C CG  . HIS A 1 100 ? 6.817   -8.185  -5.516  1.00 14.98 ? 100 HIS A CG  1 
ATOM   757  N ND1 . HIS A 1 100 ? 6.275   -8.124  -4.252  1.00 18.53 ? 100 HIS A ND1 1 
ATOM   758  C CD2 . HIS A 1 100 ? 8.163   -8.167  -5.348  1.00 21.79 ? 100 HIS A CD2 1 
ATOM   759  C CE1 . HIS A 1 100 ? 7.246   -8.062  -3.360  1.00 17.75 ? 100 HIS A CE1 1 
ATOM   760  N NE2 . HIS A 1 100 ? 8.402   -8.087  -4.000  1.00 18.86 ? 100 HIS A NE2 1 
ATOM   761  N N   . TRP A 1 101 ? 5.877   -4.722  -6.172  1.00 10.97 ? 101 TRP A N   1 
ATOM   762  C CA  . TRP A 1 101 ? 6.731   -3.533  -6.073  1.00 11.79 ? 101 TRP A CA  1 
ATOM   763  C C   . TRP A 1 101 ? 7.384   -3.660  -4.690  1.00 10.94 ? 101 TRP A C   1 
ATOM   764  O O   . TRP A 1 101 ? 6.797   -3.268  -3.668  1.00 11.25 ? 101 TRP A O   1 
ATOM   765  C CB  . TRP A 1 101 ? 5.938   -2.216  -6.137  1.00 11.65 ? 101 TRP A CB  1 
ATOM   766  C CG  . TRP A 1 101 ? 5.071   -1.928  -7.349  1.00 10.94 ? 101 TRP A CG  1 
ATOM   767  C CD1 . TRP A 1 101 ? 4.894   -2.695  -8.476  1.00 12.34 ? 101 TRP A CD1 1 
ATOM   768  C CD2 . TRP A 1 101 ? 4.196   -0.806  -7.495  1.00 10.73 ? 101 TRP A CD2 1 
ATOM   769  N NE1 . TRP A 1 101 ? 3.952   -2.125  -9.303  1.00 13.26 ? 101 TRP A NE1 1 
ATOM   770  C CE2 . TRP A 1 101 ? 3.504   -0.960  -8.726  1.00 12.41 ? 101 TRP A CE2 1 
ATOM   771  C CE3 . TRP A 1 101 ? 3.918   0.324   -6.694  1.00 11.05 ? 101 TRP A CE3 1 
ATOM   772  C CZ2 . TRP A 1 101 ? 2.545   -0.028  -9.184  1.00 13.19 ? 101 TRP A CZ2 1 
ATOM   773  C CZ3 . TRP A 1 101 ? 2.962   1.258   -7.139  1.00 12.87 ? 101 TRP A CZ3 1 
ATOM   774  C CH2 . TRP A 1 101 ? 2.288   1.072   -8.375  1.00 13.53 ? 101 TRP A CH2 1 
ATOM   775  N N   . GLY A 1 102 ? 8.569   -4.262  -4.656  1.00 14.43 ? 102 GLY A N   1 
ATOM   776  C CA  . GLY A 1 102 ? 9.268   -4.464  -3.398  1.00 12.73 ? 102 GLY A CA  1 
ATOM   777  C C   . GLY A 1 102 ? 9.954   -3.240  -2.819  1.00 13.14 ? 102 GLY A C   1 
ATOM   778  O O   . GLY A 1 102 ? 10.561  -2.458  -3.548  1.00 13.98 ? 102 GLY A O   1 
ATOM   779  N N   . PHE A 1 103 ? 9.757   -3.025  -1.518  1.00 10.97 ? 103 PHE A N   1 
ATOM   780  C CA  . PHE A 1 103 ? 10.385  -1.916  -0.788  1.00 10.19 ? 103 PHE A CA  1 
ATOM   781  C C   . PHE A 1 103 ? 10.955  -2.486  0.490   1.00 10.82 ? 103 PHE A C   1 
ATOM   782  O O   . PHE A 1 103 ? 10.379  -3.409  1.064   1.00 10.39 ? 103 PHE A O   1 
ATOM   783  C CB  . PHE A 1 103 ? 9.378   -0.806  -0.430  1.00 9.83  ? 103 PHE A CB  1 
ATOM   784  C CG  . PHE A 1 103 ? 8.788   -0.119  -1.615  1.00 8.98  ? 103 PHE A CG  1 
ATOM   785  C CD1 . PHE A 1 103 ? 7.551   -0.533  -2.126  1.00 9.71  ? 103 PHE A CD1 1 
ATOM   786  C CD2 . PHE A 1 103 ? 9.490   0.903   -2.270  1.00 10.20 ? 103 PHE A CD2 1 
ATOM   787  C CE1 . PHE A 1 103 ? 7.010   0.054   -3.292  1.00 10.91 ? 103 PHE A CE1 1 
ATOM   788  C CE2 . PHE A 1 103 ? 8.971   1.505   -3.437  1.00 11.42 ? 103 PHE A CE2 1 
ATOM   789  C CZ  . PHE A 1 103 ? 7.719   1.079   -3.955  1.00 10.07 ? 103 PHE A CZ  1 
ATOM   790  N N   . ASP A 1 104 ? 12.083  -1.935  0.932   1.00 9.97  ? 104 ASP A N   1 
ATOM   791  C CA  . ASP A 1 104 ? 12.730  -2.366  2.176   1.00 9.90  ? 104 ASP A CA  1 
ATOM   792  C C   . ASP A 1 104 ? 11.826  -2.107  3.380   1.00 8.90  ? 104 ASP A C   1 
ATOM   793  O O   . ASP A 1 104 ? 11.064  -1.137  3.387   1.00 9.31  ? 104 ASP A O   1 
ATOM   794  C CB  . ASP A 1 104 ? 14.047  -1.606  2.393   1.00 12.89 ? 104 ASP A CB  1 
ATOM   795  C CG  . ASP A 1 104 ? 15.124  -1.960  1.369   1.00 13.91 ? 104 ASP A CG  1 
ATOM   796  O OD1 . ASP A 1 104 ? 15.001  -2.986  0.665   1.00 14.91 ? 104 ASP A OD1 1 
ATOM   797  O OD2 . ASP A 1 104 ? 16.112  -1.200  1.277   1.00 16.13 ? 104 ASP A OD2 1 
ATOM   798  N N   . ASP A 1 105 ? 11.883  -3.001  4.367   1.00 10.23 ? 105 ASP A N   1 
ATOM   799  C CA  . ASP A 1 105 ? 11.090  -2.867  5.591   1.00 9.75  ? 105 ASP A CA  1 
ATOM   800  C C   . ASP A 1 105 ? 11.760  -1.843  6.517   1.00 9.42  ? 105 ASP A C   1 
ATOM   801  O O   . ASP A 1 105 ? 12.869  -2.083  6.995   1.00 11.04 ? 105 ASP A O   1 
ATOM   802  C CB  . ASP A 1 105 ? 10.962  -4.225  6.305   1.00 11.20 ? 105 ASP A CB  1 
ATOM   803  C CG  . ASP A 1 105 ? 9.931   -4.216  7.443   1.00 10.06 ? 105 ASP A CG  1 
ATOM   804  O OD1 . ASP A 1 105 ? 9.421   -3.136  7.822   1.00 10.32 ? 105 ASP A OD1 1 
ATOM   805  O OD2 . ASP A 1 105 ? 9.633   -5.304  7.967   1.00 13.87 ? 105 ASP A OD2 1 
ATOM   806  N N   . PRO A 1 106 ? 11.089  -0.702  6.785   1.00 9.21  ? 106 PRO A N   1 
ATOM   807  C CA  . PRO A 1 106 ? 11.697  0.305   7.666   1.00 9.79  ? 106 PRO A CA  1 
ATOM   808  C C   . PRO A 1 106 ? 11.564  0.033   9.168   1.00 12.31 ? 106 PRO A C   1 
ATOM   809  O O   . PRO A 1 106 ? 12.203  0.713   9.979   1.00 11.79 ? 106 PRO A O   1 
ATOM   810  C CB  . PRO A 1 106 ? 10.968  1.576   7.255   1.00 10.87 ? 106 PRO A CB  1 
ATOM   811  C CG  . PRO A 1 106 ? 9.583   1.089   6.947   1.00 12.55 ? 106 PRO A CG  1 
ATOM   812  C CD  . PRO A 1 106 ? 9.832   -0.189  6.199   1.00 9.41  ? 106 PRO A CD  1 
ATOM   813  N N   . ALA A 1 107 ? 10.771  -0.974  9.531   1.00 10.43 ? 107 ALA A N   1 
ATOM   814  C CA  . ALA A 1 107 ? 10.545  -1.317  10.937  1.00 12.24 ? 107 ALA A CA  1 
ATOM   815  C C   . ALA A 1 107 ? 11.812  -1.698  11.702  1.00 10.83 ? 107 ALA A C   1 
ATOM   816  O O   . ALA A 1 107 ? 12.614  -2.513  11.244  1.00 11.20 ? 107 ALA A O   1 
ATOM   817  C CB  . ALA A 1 107 ? 9.522   -2.400  11.048  1.00 12.57 ? 107 ALA A CB  1 
ATOM   818  N N   . GLY A 1 108 ? 12.002  -1.043  12.849  1.00 12.38 ? 108 GLY A N   1 
ATOM   819  C CA  . GLY A 1 108 ? 13.160  -1.272  13.700  1.00 11.25 ? 108 GLY A CA  1 
ATOM   820  C C   . GLY A 1 108 ? 14.433  -0.577  13.274  1.00 10.61 ? 108 GLY A C   1 
ATOM   821  O O   . GLY A 1 108 ? 15.465  -0.702  13.929  1.00 12.61 ? 108 GLY A O   1 
ATOM   822  N N   . LYS A 1 109 ? 14.359  0.127   12.150  1.00 10.83 ? 109 LYS A N   1 
ATOM   823  C CA  . LYS A 1 109 ? 15.498  0.858   11.620  1.00 11.82 ? 109 LYS A CA  1 
ATOM   824  C C   . LYS A 1 109 ? 15.434  2.310   12.077  1.00 9.68  ? 109 LYS A C   1 
ATOM   825  O O   . LYS A 1 109 ? 14.462  2.728   12.718  1.00 11.23 ? 109 LYS A O   1 
ATOM   826  C CB  . LYS A 1 109 ? 15.489  0.810   10.089  1.00 12.47 ? 109 LYS A CB  1 
ATOM   827  C CG  . LYS A 1 109 ? 15.553  -0.576  9.464   1.00 17.12 ? 109 LYS A CG  1 
ATOM   828  C CD  . LYS A 1 109 ? 16.868  -1.283  9.776   1.00 44.50 ? 109 LYS A CD  1 
ATOM   829  C CE  . LYS A 1 109 ? 16.972  -2.623  9.062   1.00 42.55 ? 109 LYS A CE  1 
ATOM   830  N NZ  . LYS A 1 109 ? 15.904  -3.573  9.469   1.00 38.00 ? 109 LYS A NZ  1 
ATOM   831  N N   . GLU A 1 110 ? 16.459  3.079   11.722  1.00 11.36 ? 110 GLU A N   1 
ATOM   832  C CA  . GLU A 1 110 ? 16.506  4.500   12.059  1.00 11.02 ? 110 GLU A CA  1 
ATOM   833  C C   . GLU A 1 110 ? 15.394  5.229   11.290  1.00 8.83  ? 110 GLU A C   1 
ATOM   834  O O   . GLU A 1 110 ? 14.946  4.755   10.234  1.00 9.74  ? 110 GLU A O   1 
ATOM   835  C CB  . GLU A 1 110 ? 17.873  5.079   11.693  1.00 13.44 ? 110 GLU A CB  1 
ATOM   836  C CG  . GLU A 1 110 ? 19.035  4.557   12.539  1.00 14.47 ? 110 GLU A CG  1 
ATOM   837  C CD  . GLU A 1 110 ? 20.393  5.049   12.053  1.00 31.52 ? 110 GLU A CD  1 
ATOM   838  O OE1 . GLU A 1 110 ? 20.766  4.755   10.896  1.00 23.80 ? 110 GLU A OE1 1 
ATOM   839  O OE2 . GLU A 1 110 ? 21.087  5.742   12.826  1.00 24.92 ? 110 GLU A OE2 1 
ATOM   840  N N   . TRP A 1 111 ? 14.945  6.363   11.827  1.00 9.61  ? 111 TRP A N   1 
ATOM   841  C CA  . TRP A 1 111 ? 13.880  7.175   11.234  1.00 8.78  ? 111 TRP A CA  1 
ATOM   842  C C   . TRP A 1 111 ? 14.159  7.555   9.776   1.00 8.20  ? 111 TRP A C   1 
ATOM   843  O O   . TRP A 1 111 ? 13.237  7.614   8.963   1.00 8.43  ? 111 TRP A O   1 
ATOM   844  C CB  . TRP A 1 111 ? 13.617  8.401   12.131  1.00 9.67  ? 111 TRP A CB  1 
ATOM   845  C CG  . TRP A 1 111 ? 12.750  9.480   11.563  1.00 9.54  ? 111 TRP A CG  1 
ATOM   846  C CD1 . TRP A 1 111 ? 13.155  10.726  11.176  1.00 9.90  ? 111 TRP A CD1 1 
ATOM   847  C CD2 . TRP A 1 111 ? 11.342  9.421   11.320  1.00 10.99 ? 111 TRP A CD2 1 
ATOM   848  N NE1 . TRP A 1 111 ? 12.093  11.449  10.707  1.00 11.58 ? 111 TRP A NE1 1 
ATOM   849  C CE2 . TRP A 1 111 ? 10.965  10.682  10.781  1.00 10.06 ? 111 TRP A CE2 1 
ATOM   850  C CE3 . TRP A 1 111 ? 10.354  8.432   11.500  1.00 11.62 ? 111 TRP A CE3 1 
ATOM   851  C CZ2 . TRP A 1 111 ? 9.633   10.986  10.424  1.00 14.48 ? 111 TRP A CZ2 1 
ATOM   852  C CZ3 . TRP A 1 111 ? 9.022   8.735   11.144  1.00 17.23 ? 111 TRP A CZ3 1 
ATOM   853  C CH2 . TRP A 1 111 ? 8.686   10.003  10.613  1.00 13.51 ? 111 TRP A CH2 1 
ATOM   854  N N   . SER A 1 112 ? 15.439  7.719   9.447   1.00 8.21  ? 112 SER A N   1 
ATOM   855  C CA  . SER A 1 112 ? 15.872  8.037   8.088   1.00 8.26  ? 112 SER A CA  1 
ATOM   856  C C   . SER A 1 112 ? 15.413  7.006   7.039   1.00 8.02  ? 112 SER A C   1 
ATOM   857  O O   . SER A 1 112 ? 15.198  7.356   5.880   1.00 9.41  ? 112 SER A O   1 
ATOM   858  C CB  . SER A 1 112 ? 17.391  8.180   8.056   1.00 10.23 ? 112 SER A CB  1 
ATOM   859  O OG  . SER A 1 112 ? 18.026  7.050   8.632   1.00 10.29 ? 112 SER A OG  1 
ATOM   860  N N   . GLU A 1 113 ? 15.225  5.757   7.477   1.00 8.74  ? 113 GLU A N   1 
ATOM   861  C CA  . GLU A 1 113 ? 14.759  4.684   6.596   1.00 8.09  ? 113 GLU A CA  1 
ATOM   862  C C   . GLU A 1 113 ? 13.257  4.791   6.332   1.00 8.02  ? 113 GLU A C   1 
ATOM   863  O O   . GLU A 1 113 ? 12.801  4.419   5.252   1.00 8.23  ? 113 GLU A O   1 
ATOM   864  C CB  . GLU A 1 113 ? 15.149  3.307   7.141   1.00 10.82 ? 113 GLU A CB  1 
ATOM   865  C CG  . GLU A 1 113 ? 16.662  3.068   7.194   1.00 13.17 ? 113 GLU A CG  1 
ATOM   866  C CD  . GLU A 1 113 ? 17.278  2.826   5.827   1.00 21.44 ? 113 GLU A CD  1 
ATOM   867  O OE1 . GLU A 1 113 ? 17.312  1.655   5.394   1.00 24.66 ? 113 GLU A OE1 1 
ATOM   868  O OE2 . GLU A 1 113 ? 17.735  3.801   5.194   1.00 25.94 ? 113 GLU A OE2 1 
ATOM   869  N N   . PHE A 1 114 ? 12.496  5.333   7.292   1.00 9.02  ? 114 PHE A N   1 
ATOM   870  C CA  . PHE A 1 114 ? 11.057  5.567   7.101   1.00 8.33  ? 114 PHE A CA  1 
ATOM   871  C C   . PHE A 1 114 ? 10.896  6.689   6.083   1.00 6.72  ? 114 PHE A C   1 
ATOM   872  O O   . PHE A 1 114 ? 10.057  6.606   5.196   1.00 8.06  ? 114 PHE A O   1 
ATOM   873  C CB  . PHE A 1 114 ? 10.350  5.955   8.407   1.00 8.19  ? 114 PHE A CB  1 
ATOM   874  C CG  . PHE A 1 114 ? 9.931   4.783   9.233   1.00 10.85 ? 114 PHE A CG  1 
ATOM   875  C CD1 . PHE A 1 114 ? 10.813  4.229   10.175  1.00 10.19 ? 114 PHE A CD1 1 
ATOM   876  C CD2 . PHE A 1 114 ? 8.655   4.200   9.058   1.00 9.93  ? 114 PHE A CD2 1 
ATOM   877  C CE1 . PHE A 1 114 ? 10.443  3.092   10.942  1.00 12.42 ? 114 PHE A CE1 1 
ATOM   878  C CE2 . PHE A 1 114 ? 8.264   3.065   9.812   1.00 11.53 ? 114 PHE A CE2 1 
ATOM   879  C CZ  . PHE A 1 114 ? 9.161   2.508   10.758  1.00 13.04 ? 114 PHE A CZ  1 
ATOM   880  N N   . GLN A 1 115 ? 11.757  7.703   6.183   1.00 7.11  ? 115 GLN A N   1 
ATOM   881  C CA  . GLN A 1 115 ? 11.759  8.845   5.265   1.00 7.12  ? 115 GLN A CA  1 
ATOM   882  C C   . GLN A 1 115 ? 12.131  8.383   3.847   1.00 7.87  ? 115 GLN A C   1 
ATOM   883  O O   . GLN A 1 115 ? 11.448  8.719   2.882   1.00 8.18  ? 115 GLN A O   1 
ATOM   884  C CB  . GLN A 1 115 ? 12.752  9.909   5.749   1.00 7.78  ? 115 GLN A CB  1 
ATOM   885  C CG  . GLN A 1 115 ? 12.389  10.573  7.078   1.00 9.23  ? 115 GLN A CG  1 
ATOM   886  C CD  . GLN A 1 115 ? 13.391  11.625  7.519   1.00 7.86  ? 115 GLN A CD  1 
ATOM   887  O OE1 . GLN A 1 115 ? 13.040  12.788  7.741   1.00 10.92 ? 115 GLN A OE1 1 
ATOM   888  N NE2 . GLN A 1 115 ? 14.649  11.227  7.645   1.00 7.58  ? 115 GLN A NE2 1 
ATOM   889  N N   . ARG A 1 116 ? 13.163  7.541   3.755   1.00 7.76  ? 116 ARG A N   1 
ATOM   890  C CA  . ARG A 1 116 ? 13.625  7.003   2.472   1.00 8.64  ? 116 ARG A CA  1 
ATOM   891  C C   . ARG A 1 116 ? 12.566  6.145   1.764   1.00 7.97  ? 116 ARG A C   1 
ATOM   892  O O   . ARG A 1 116 ? 12.246  6.403   0.607   1.00 8.43  ? 116 ARG A O   1 
ATOM   893  C CB  . ARG A 1 116 ? 14.913  6.190   2.655   1.00 9.88  ? 116 ARG A CB  1 
ATOM   894  C CG  . ARG A 1 116 ? 15.421  5.543   1.356   1.00 13.30 ? 116 ARG A CG  1 
ATOM   895  C CD  . ARG A 1 116 ? 16.669  4.704   1.546   1.00 11.35 ? 116 ARG A CD  1 
ATOM   896  N NE  . ARG A 1 116 ? 16.498  3.528   2.406   1.00 14.12 ? 116 ARG A NE  1 
ATOM   897  C CZ  . ARG A 1 116 ? 16.030  2.338   2.019   1.00 13.01 ? 116 ARG A CZ  1 
ATOM   898  N NH1 . ARG A 1 116 ? 15.644  2.119   0.767   1.00 15.28 ? 116 ARG A NH1 1 
ATOM   899  N NH2 . ARG A 1 116 ? 16.037  1.327   2.876   1.00 16.38 ? 116 ARG A NH2 1 
ATOM   900  N N   . VAL A 1 117 ? 12.011  5.160   2.474   1.00 8.52  ? 117 VAL A N   1 
ATOM   901  C CA  . VAL A 1 117 ? 11.010  4.255   1.910   1.00 7.90  ? 117 VAL A CA  1 
ATOM   902  C C   . VAL A 1 117 ? 9.725   5.001   1.527   1.00 7.45  ? 117 VAL A C   1 
ATOM   903  O O   . VAL A 1 117 ? 9.150   4.727   0.470   1.00 7.96  ? 117 VAL A O   1 
ATOM   904  C CB  . VAL A 1 117 ? 10.769  3.041   2.853   1.00 8.82  ? 117 VAL A CB  1 
ATOM   905  C CG1 . VAL A 1 117 ? 9.639   2.143   2.338   1.00 9.89  ? 117 VAL A CG1 1 
ATOM   906  C CG2 . VAL A 1 117 ? 12.052  2.209   2.978   1.00 9.77  ? 117 VAL A CG2 1 
ATOM   907  N N   . ARG A 1 118 ? 9.325   5.988   2.336   1.00 7.74  ? 118 ARG A N   1 
ATOM   908  C CA  . ARG A 1 118 ? 8.152   6.818   2.044   1.00 8.05  ? 118 ARG A CA  1 
ATOM   909  C C   . ARG A 1 118 ? 8.299   7.487   0.675   1.00 8.25  ? 118 ARG A C   1 
ATOM   910  O O   . ARG A 1 118 ? 7.379   7.457   -0.140  1.00 7.53  ? 118 ARG A O   1 
ATOM   911  C CB  . ARG A 1 118 ? 7.991   7.908   3.118   1.00 7.92  ? 118 ARG A CB  1 
ATOM   912  C CG  . ARG A 1 118 ? 6.933   8.962   2.831   1.00 9.00  ? 118 ARG A CG  1 
ATOM   913  C CD  . ARG A 1 118 ? 7.154   10.220  3.664   1.00 9.26  ? 118 ARG A CD  1 
ATOM   914  N NE  . ARG A 1 118 ? 8.407   10.903  3.344   1.00 9.23  ? 118 ARG A NE  1 
ATOM   915  C CZ  . ARG A 1 118 ? 9.091   11.680  4.181   1.00 9.03  ? 118 ARG A CZ  1 
ATOM   916  N NH1 . ARG A 1 118 ? 8.655   11.895  5.415   1.00 9.01  ? 118 ARG A NH1 1 
ATOM   917  N NH2 . ARG A 1 118 ? 10.219  12.243  3.782   1.00 10.40 ? 118 ARG A NH2 1 
ATOM   918  N N   . ASP A 1 119 ? 9.469   8.075   0.444   1.00 7.49  ? 119 ASP A N   1 
ATOM   919  C CA  . ASP A 1 119 ? 9.750   8.775   -0.800  1.00 8.19  ? 119 ASP A CA  1 
ATOM   920  C C   . ASP A 1 119 ? 9.925   7.867   -2.017  1.00 7.99  ? 119 ASP A C   1 
ATOM   921  O O   . ASP A 1 119 ? 9.573   8.259   -3.128  1.00 9.38  ? 119 ASP A O   1 
ATOM   922  C CB  . ASP A 1 119 ? 10.912  9.745   -0.608  1.00 8.99  ? 119 ASP A CB  1 
ATOM   923  C CG  . ASP A 1 119 ? 10.588  10.861  0.387   1.00 10.12 ? 119 ASP A CG  1 
ATOM   924  O OD1 . ASP A 1 119 ? 9.393   11.128  0.632   1.00 11.01 ? 119 ASP A OD1 1 
ATOM   925  O OD2 . ASP A 1 119 ? 11.529  11.454  0.942   1.00 13.43 ? 119 ASP A OD2 1 
ATOM   926  N N   . GLU A 1 120 ? 10.406  6.642   -1.799  1.00 8.45  ? 120 GLU A N   1 
ATOM   927  C CA  . GLU A 1 120 ? 10.544  5.665   -2.887  1.00 8.12  ? 120 GLU A CA  1 
ATOM   928  C C   . GLU A 1 120 ? 9.143   5.233   -3.350  1.00 9.27  ? 120 GLU A C   1 
ATOM   929  O O   . GLU A 1 120 ? 8.900   5.070   -4.556  1.00 8.38  ? 120 GLU A O   1 
ATOM   930  C CB  . GLU A 1 120 ? 11.323  4.440   -2.423  1.00 9.21  ? 120 GLU A CB  1 
ATOM   931  C CG  . GLU A 1 120 ? 12.810  4.669   -2.249  1.00 10.90 ? 120 GLU A CG  1 
ATOM   932  C CD  . GLU A 1 120 ? 13.541  3.465   -1.666  1.00 13.41 ? 120 GLU A CD  1 
ATOM   933  O OE1 . GLU A 1 120 ? 14.771  3.561   -1.475  1.00 13.28 ? 120 GLU A OE1 1 
ATOM   934  O OE2 . GLU A 1 120 ? 12.902  2.423   -1.398  1.00 14.91 ? 120 GLU A OE2 1 
ATOM   935  N N   . ILE A 1 121 ? 8.216   5.101   -2.394  1.00 7.65  ? 121 ILE A N   1 
ATOM   936  C CA  . ILE A 1 121 ? 6.833   4.716   -2.682  1.00 8.75  ? 121 ILE A CA  1 
ATOM   937  C C   . ILE A 1 121 ? 6.143   5.822   -3.499  1.00 7.28  ? 121 ILE A C   1 
ATOM   938  O O   . ILE A 1 121 ? 5.404   5.524   -4.446  1.00 8.60  ? 121 ILE A O   1 
ATOM   939  C CB  . ILE A 1 121 ? 6.053   4.374   -1.376  1.00 7.93  ? 121 ILE A CB  1 
ATOM   940  C CG1 . ILE A 1 121 ? 6.597   3.080   -0.754  1.00 7.87  ? 121 ILE A CG1 1 
ATOM   941  C CG2 . ILE A 1 121 ? 4.580   4.188   -1.663  1.00 9.96  ? 121 ILE A CG2 1 
ATOM   942  C CD1 . ILE A 1 121 ? 6.114   2.785   0.658   1.00 9.32  ? 121 ILE A CD1 1 
ATOM   943  N N   . LYS A 1 122 ? 6.428   7.083   -3.161  1.00 8.89  ? 122 LYS A N   1 
ATOM   944  C CA  . LYS A 1 122 ? 5.891   8.240   -3.885  1.00 8.54  ? 122 LYS A CA  1 
ATOM   945  C C   . LYS A 1 122 ? 6.289   8.156   -5.367  1.00 8.41  ? 122 LYS A C   1 
ATOM   946  O O   . LYS A 1 122 ? 5.432   8.229   -6.245  1.00 9.44  ? 122 LYS A O   1 
ATOM   947  C CB  . LYS A 1 122 ? 6.451   9.543   -3.310  1.00 10.18 ? 122 LYS A CB  1 
ATOM   948  C CG  . LYS A 1 122 ? 5.978   10.791  -4.060  1.00 12.13 ? 122 LYS A CG  1 
ATOM   949  C CD  . LYS A 1 122 ? 6.662   12.081  -3.606  1.00 16.28 ? 122 LYS A CD  1 
ATOM   950  C CE  . LYS A 1 122 ? 8.128   12.135  -3.942  1.00 19.95 ? 122 LYS A CE  1 
ATOM   951  N NZ  . LYS A 1 122 ? 8.724   13.386  -3.394  1.00 21.82 ? 122 LYS A NZ  1 
ATOM   952  N N   . LEU A 1 123 ? 7.585   7.945   -5.615  1.00 8.82  ? 123 LEU A N   1 
ATOM   953  C CA  . LEU A 1 123 ? 8.108   7.849   -6.981  1.00 9.81  ? 123 LEU A CA  1 
ATOM   954  C C   . LEU A 1 123 ? 7.530   6.702   -7.804  1.00 9.79  ? 123 LEU A C   1 
ATOM   955  O O   . LEU A 1 123 ? 7.270   6.875   -8.992  1.00 10.16 ? 123 LEU A O   1 
ATOM   956  C CB  . LEU A 1 123 ? 9.637   7.791   -6.981  1.00 11.92 ? 123 LEU A CB  1 
ATOM   957  C CG  . LEU A 1 123 ? 10.375  9.021   -6.437  1.00 12.58 ? 123 LEU A CG  1 
ATOM   958  C CD1 . LEU A 1 123 ? 11.874  8.817   -6.575  1.00 22.19 ? 123 LEU A CD1 1 
ATOM   959  C CD2 . LEU A 1 123 ? 9.936   10.296  -7.149  1.00 18.13 ? 123 LEU A CD2 1 
ATOM   960  N N   . ALA A 1 124 ? 7.255   5.573   -7.148  1.00 9.66  ? 124 ALA A N   1 
ATOM   961  C CA  . ALA A 1 124 ? 6.678   4.401   -7.813  1.00 8.46  ? 124 ALA A CA  1 
ATOM   962  C C   . ALA A 1 124 ? 5.228   4.658   -8.225  1.00 10.06 ? 124 ALA A C   1 
ATOM   963  O O   . ALA A 1 124 ? 4.808   4.260   -9.319  1.00 10.63 ? 124 ALA A O   1 
ATOM   964  C CB  . ALA A 1 124 ? 6.757   3.201   -6.908  1.00 10.64 ? 124 ALA A CB  1 
ATOM   965  N N   . ILE A 1 125 ? 4.489   5.371   -7.375  1.00 9.46  ? 125 ILE A N   1 
ATOM   966  C CA  . ILE A 1 125 ? 3.092   5.712   -7.653  1.00 9.76  ? 125 ILE A CA  1 
ATOM   967  C C   . ILE A 1 125 ? 2.990   6.799   -8.740  1.00 10.52 ? 125 ILE A C   1 
ATOM   968  O O   . ILE A 1 125 ? 2.076   6.761   -9.565  1.00 11.66 ? 125 ILE A O   1 
ATOM   969  C CB  . ILE A 1 125 ? 2.326   6.055   -6.345  1.00 10.91 ? 125 ILE A CB  1 
ATOM   970  C CG1 . ILE A 1 125 ? 2.236   4.784   -5.491  1.00 11.01 ? 125 ILE A CG1 1 
ATOM   971  C CG2 . ILE A 1 125 ? 0.910   6.566   -6.636  1.00 13.29 ? 125 ILE A CG2 1 
ATOM   972  C CD1 . ILE A 1 125 ? 1.666   4.966   -4.116  1.00 10.97 ? 125 ILE A CD1 1 
ATOM   973  N N   . GLU A 1 126 ? 3.952   7.724   -8.767  1.00 10.10 ? 126 GLU A N   1 
ATOM   974  C CA  . GLU A 1 126 ? 3.997   8.768   -9.798  1.00 10.10 ? 126 GLU A CA  1 
ATOM   975  C C   . GLU A 1 126 ? 4.328   8.145   -11.167 1.00 13.04 ? 126 GLU A C   1 
ATOM   976  O O   . GLU A 1 126 ? 3.764   8.547   -12.183 1.00 12.65 ? 126 GLU A O   1 
ATOM   977  C CB  . GLU A 1 126 ? 4.997   9.864   -9.424  1.00 11.24 ? 126 GLU A CB  1 
ATOM   978  C CG  . GLU A 1 126 ? 4.491   10.765  -8.291  1.00 11.55 ? 126 GLU A CG  1 
ATOM   979  C CD  . GLU A 1 126 ? 5.464   11.853  -7.857  1.00 11.89 ? 126 GLU A CD  1 
ATOM   980  O OE1 . GLU A 1 126 ? 6.663   11.789  -8.197  1.00 12.45 ? 126 GLU A OE1 1 
ATOM   981  O OE2 . GLU A 1 126 ? 5.021   12.786  -7.154  1.00 14.89 ? 126 GLU A OE2 1 
ATOM   982  N N   . LYS A 1 127 ? 5.190   7.121   -11.169 1.00 11.28 ? 127 LYS A N   1 
ATOM   983  C CA  . LYS A 1 127 ? 5.560   6.396   -12.395 1.00 14.07 ? 127 LYS A CA  1 
ATOM   984  C C   . LYS A 1 127 ? 4.337   5.622   -12.921 1.00 13.21 ? 127 LYS A C   1 
ATOM   985  O O   . LYS A 1 127 ? 4.094   5.570   -14.134 1.00 14.86 ? 127 LYS A O   1 
ATOM   986  C CB  . LYS A 1 127 ? 6.720   5.433   -12.121 1.00 15.87 ? 127 LYS A CB  1 
ATOM   987  C CG  . LYS A 1 127 ? 7.291   4.769   -13.392 1.00 21.71 ? 127 LYS A CG  1 
ATOM   988  C CD  . LYS A 1 127 ? 8.402   3.756   -13.118 1.00 33.59 ? 127 LYS A CD  1 
ATOM   989  C CE  . LYS A 1 127 ? 9.674   4.405   -12.585 1.00 34.56 ? 127 LYS A CE  1 
ATOM   990  N NZ  . LYS A 1 127 ? 10.190  5.479   -13.479 1.00 41.42 ? 127 LYS A NZ  1 
ATOM   991  N N   . PHE A 1 128 ? 3.545   5.080   -11.992 1.00 12.47 ? 128 PHE A N   1 
ATOM   992  C CA  . PHE A 1 128 ? 2.333   4.332   -12.323 1.00 13.74 ? 128 PHE A CA  1 
ATOM   993  C C   . PHE A 1 128 ? 1.284   5.228   -12.992 1.00 15.25 ? 128 PHE A C   1 
ATOM   994  O O   . PHE A 1 128 ? 0.622   4.807   -13.948 1.00 14.71 ? 128 PHE A O   1 
ATOM   995  C CB  . PHE A 1 128 ? 1.744   3.668   -11.063 1.00 13.67 ? 128 PHE A CB  1 
ATOM   996  C CG  . PHE A 1 128 ? 0.461   2.914   -11.315 1.00 12.41 ? 128 PHE A CG  1 
ATOM   997  C CD1 . PHE A 1 128 ? 0.467   1.720   -12.062 1.00 13.38 ? 128 PHE A CD1 1 
ATOM   998  C CD2 . PHE A 1 128 ? -0.772  3.444   -10.890 1.00 13.08 ? 128 PHE A CD2 1 
ATOM   999  C CE1 . PHE A 1 128 ? -0.743  1.066   -12.399 1.00 13.94 ? 128 PHE A CE1 1 
ATOM   1000 C CE2 . PHE A 1 128 ? -1.988  2.809   -11.213 1.00 15.66 ? 128 PHE A CE2 1 
ATOM   1001 C CZ  . PHE A 1 128 ? -1.975  1.613   -11.975 1.00 16.60 ? 128 PHE A CZ  1 
ATOM   1002 N N   . LYS A 1 129 ? 1.133   6.445   -12.467 1.00 14.25 ? 129 LYS A N   1 
ATOM   1003 C CA  . LYS A 1 129 ? 0.178   7.436   -12.975 1.00 16.28 ? 129 LYS A CA  1 
ATOM   1004 C C   . LYS A 1 129 ? 0.433   7.789   -14.445 1.00 18.63 ? 129 LYS A C   1 
ATOM   1005 O O   . LYS A 1 129 ? -0.505  8.009   -15.215 1.00 17.53 ? 129 LYS A O   1 
ATOM   1006 C CB  . LYS A 1 129 ? 0.272   8.714   -12.130 1.00 19.03 ? 129 LYS A CB  1 
ATOM   1007 C CG  . LYS A 1 129 ? -0.857  9.718   -12.350 1.00 23.88 ? 129 LYS A CG  1 
ATOM   1008 C CD  . LYS A 1 129 ? -0.492  11.111  -11.844 1.00 37.56 ? 129 LYS A CD  1 
ATOM   1009 C CE  . LYS A 1 129 ? -1.709  12.028  -11.822 1.00 48.36 ? 129 LYS A CE  1 
ATOM   1010 N NZ  . LYS A 1 129 ? -2.374  12.126  -13.150 1.00 50.05 ? 129 LYS A NZ  1 
ATOM   1011 N N   . LEU A 1 130 ? 1.710   7.766   -14.822 1.00 19.15 ? 130 LEU A N   1 
ATOM   1012 C CA  . LEU A 1 130 ? 2.156   8.103   -16.170 1.00 20.18 ? 130 LEU A CA  1 
ATOM   1013 C C   . LEU A 1 130 ? 1.990   6.996   -17.224 1.00 33.03 ? 130 LEU A C   1 
ATOM   1014 O O   . LEU A 1 130 ? 2.212   7.243   -18.413 1.00 32.01 ? 130 LEU A O   1 
ATOM   1015 C CB  . LEU A 1 130 ? 3.612   8.587   -16.107 1.00 19.38 ? 130 LEU A CB  1 
ATOM   1016 C CG  . LEU A 1 130 ? 4.075   9.696   -17.061 1.00 30.36 ? 130 LEU A CG  1 
ATOM   1017 C CD1 . LEU A 1 130 ? 3.270   10.971  -16.855 1.00 35.32 ? 130 LEU A CD1 1 
ATOM   1018 C CD2 . LEU A 1 130 ? 5.544   9.961   -16.826 1.00 32.07 ? 130 LEU A CD2 1 
ATOM   1019 N N   . ARG A 1 131 ? 1.548   5.806   -16.799 1.00 24.16 ? 131 ARG A N   1 
ATOM   1020 C CA  . ARG A 1 131 ? 1.331   4.663   -17.706 1.00 35.32 ? 131 ARG A CA  1 
ATOM   1021 C C   . ARG A 1 131 ? 0.070   4.840   -18.580 1.00 37.00 ? 131 ARG A C   1 
ATOM   1022 O O   . ARG A 1 131 ? -0.818  3.955   -18.571 1.00 42.71 ? 131 ARG A O   1 
ATOM   1023 C CB  . ARG A 1 131 ? 1.198   3.349   -16.924 1.00 25.22 ? 131 ARG A CB  1 
ATOM   1024 C CG  . ARG A 1 131 ? 2.426   2.790   -16.237 1.00 20.83 ? 131 ARG A CG  1 
ATOM   1025 C CD  . ARG A 1 131 ? 2.022   1.425   -15.708 1.00 19.60 ? 131 ARG A CD  1 
ATOM   1026 N NE  . ARG A 1 131 ? 2.966   0.808   -14.781 1.00 24.14 ? 131 ARG A NE  1 
ATOM   1027 C CZ  . ARG A 1 131 ? 2.711   -0.304  -14.095 1.00 23.02 ? 131 ARG A CZ  1 
ATOM   1028 N NH1 . ARG A 1 131 ? 1.542   -0.923  -14.229 1.00 25.88 ? 131 ARG A NH1 1 
ATOM   1029 N NH2 . ARG A 1 131 ? 3.614   -0.791  -13.257 1.00 25.48 ? 131 ARG A NH2 1 
ATOM   1030 O OXT . ARG A 1 131 ? -0.026  5.873   -19.273 1.00 40.53 ? 131 ARG A OXT 1 
HETATM 1031 C C   . BCT B 2 .   ? 4.551   -3.030  5.860   1.00 7.73  ? 132 BCT A C   1 
HETATM 1032 O O1  . BCT B 2 .   ? 3.381   -2.585  5.646   1.00 10.34 ? 132 BCT A O1  1 
HETATM 1033 O O2  . BCT B 2 .   ? 4.837   -4.286  5.947   1.00 9.86  ? 132 BCT A O2  1 
HETATM 1034 O O3  . BCT B 2 .   ? 5.466   -2.157  5.980   1.00 8.18  ? 132 BCT A O3  1 
HETATM 1035 K K   . K   C 3 .   ? -6.329  -0.594  5.357   1.00 10.71 ? 133 K   A K   1 
HETATM 1036 C C   . TRS D 4 .   ? 6.506   -5.967  10.009  1.00 11.35 ? 134 TRS A C   1 
HETATM 1037 C C1  . TRS D 4 .   ? 6.668   -7.513  10.267  1.00 14.30 ? 134 TRS A C1  1 
HETATM 1038 C C2  . TRS D 4 .   ? 7.598   -5.325  10.916  1.00 13.67 ? 134 TRS A C2  1 
HETATM 1039 C C3  . TRS D 4 .   ? 5.161   -5.438  10.497  1.00 14.24 ? 134 TRS A C3  1 
HETATM 1040 N N   . TRS D 4 .   ? 6.742   -5.822  8.618   1.00 16.98 ? 134 TRS A N   1 
HETATM 1041 O O1  . TRS D 4 .   ? 7.931   -7.782  9.626   1.00 23.61 ? 134 TRS A O1  1 
HETATM 1042 O O2  . TRS D 4 .   ? 7.260   -5.560  12.292  1.00 14.15 ? 134 TRS A O2  1 
HETATM 1043 O O3  . TRS D 4 .   ? 4.020   -5.985  9.773   1.00 12.30 ? 134 TRS A O3  1 
HETATM 1044 O O   . HOH E 5 .   ? -4.181  -13.632 9.375   1.00 15.44 ? 135 HOH A O   1 
HETATM 1045 O O   . HOH E 5 .   ? 5.963   -1.806  10.851  1.00 10.88 ? 136 HOH A O   1 
HETATM 1046 O O   . HOH E 5 .   ? 2.904   -5.146  7.520   1.00 11.24 ? 137 HOH A O   1 
HETATM 1047 O O   . HOH E 5 .   ? 13.582  -0.007  -0.608  1.00 13.71 ? 138 HOH A O   1 
HETATM 1048 O O   . HOH E 5 .   ? 12.554  4.616   13.426  1.00 14.74 ? 139 HOH A O   1 
HETATM 1049 O O   . HOH E 5 .   ? -13.038 -10.950 -11.052 1.00 14.40 ? 140 HOH A O   1 
HETATM 1050 O O   . HOH E 5 .   ? 18.858  1.975   10.146  1.00 19.84 ? 141 HOH A O   1 
HETATM 1051 O O   . HOH E 5 .   ? 10.006  -7.102  3.994   1.00 21.48 ? 142 HOH A O   1 
HETATM 1052 O O   . HOH E 5 .   ? 10.620  3.929   -6.354  1.00 15.29 ? 143 HOH A O   1 
HETATM 1053 O O   . HOH E 5 .   ? -7.783  0.538   3.027   1.00 10.60 ? 144 HOH A O   1 
HETATM 1054 O O   . HOH E 5 .   ? 6.849   -2.693  8.339   1.00 10.35 ? 145 HOH A O   1 
HETATM 1055 O O   . HOH E 5 .   ? -6.239  -0.774  13.023  1.00 17.41 ? 146 HOH A O   1 
HETATM 1056 O O   . HOH E 5 .   ? 2.742   -2.621  13.186  1.00 12.92 ? 147 HOH A O   1 
HETATM 1057 O O   . HOH E 5 .   ? -0.418  11.208  8.586   1.00 11.21 ? 148 HOH A O   1 
HETATM 1058 O O   . HOH E 5 .   ? 2.576   13.885  -7.012  1.00 23.78 ? 149 HOH A O   1 
HETATM 1059 O O   . HOH E 5 .   ? -1.374  -7.298  15.767  1.00 11.30 ? 150 HOH A O   1 
HETATM 1060 O O   . HOH E 5 .   ? 5.478   19.255  4.498   1.00 25.86 ? 151 HOH A O   1 
HETATM 1061 O O   . HOH E 5 .   ? 22.220  7.022   9.425   1.00 23.87 ? 152 HOH A O   1 
HETATM 1062 O O   . HOH E 5 .   ? -2.021  4.329   -14.824 1.00 19.41 ? 153 HOH A O   1 
HETATM 1063 O O   . HOH E 5 .   ? -9.894  -3.125  11.707  1.00 41.53 ? 154 HOH A O   1 
HETATM 1064 O O   . HOH E 5 .   ? 14.069  7.885   -0.966  1.00 15.70 ? 155 HOH A O   1 
HETATM 1065 O O   . HOH E 5 .   ? 8.363   13.820  -7.477  1.00 15.77 ? 156 HOH A O   1 
HETATM 1066 O O   . HOH E 5 .   ? -8.976  -2.643  3.210   1.00 16.66 ? 157 HOH A O   1 
HETATM 1067 O O   . HOH E 5 .   ? 8.719   13.609  -0.261  1.00 27.36 ? 158 HOH A O   1 
HETATM 1068 O O   . HOH E 5 .   ? 10.293  -8.613  1.321   1.00 30.50 ? 159 HOH A O   1 
HETATM 1069 O O   . HOH E 5 .   ? -19.502 7.051   -13.868 1.00 37.29 ? 160 HOH A O   1 
HETATM 1070 O O   . HOH E 5 .   ? -8.074  10.851  13.122  1.00 33.89 ? 161 HOH A O   1 
HETATM 1071 O O   . HOH E 5 .   ? -1.477  3.035   15.535  1.00 19.10 ? 162 HOH A O   1 
HETATM 1072 O O   . HOH E 5 .   ? 5.482   4.874   -16.307 1.00 30.01 ? 163 HOH A O   1 
HETATM 1073 O O   . HOH E 5 .   ? -0.867  -16.145 9.012   1.00 18.79 ? 164 HOH A O   1 
HETATM 1074 O O   . HOH E 5 .   ? -9.259  4.200   1.439   1.00 28.01 ? 165 HOH A O   1 
HETATM 1075 O O   . HOH E 5 .   ? 12.897  1.189   -3.952  1.00 29.93 ? 166 HOH A O   1 
HETATM 1076 O O   . HOH E 5 .   ? 8.772   8.491   -10.650 1.00 13.31 ? 167 HOH A O   1 
HETATM 1077 O O   . HOH E 5 .   ? 3.851   11.206  -13.072 1.00 20.57 ? 168 HOH A O   1 
HETATM 1078 O O   . HOH E 5 .   ? -4.327  5.876   -14.088 1.00 23.37 ? 169 HOH A O   1 
HETATM 1079 O O   . HOH E 5 .   ? -9.611  -6.757  9.550   1.00 18.86 ? 170 HOH A O   1 
HETATM 1080 O O   . HOH E 5 .   ? -10.144 0.530   5.790   1.00 19.69 ? 171 HOH A O   1 
HETATM 1081 O O   . HOH E 5 .   ? -2.819  -15.179 -8.550  1.00 20.89 ? 172 HOH A O   1 
HETATM 1082 O O   . HOH E 5 .   ? -18.572 -7.661  -1.103  1.00 42.19 ? 173 HOH A O   1 
HETATM 1083 O O   . HOH E 5 .   ? 11.202  7.552   -14.896 1.00 31.67 ? 174 HOH A O   1 
HETATM 1084 O O   . HOH E 5 .   ? -5.160  9.173   3.624   1.00 20.77 ? 175 HOH A O   1 
HETATM 1085 O O   . HOH E 5 .   ? -5.782  -19.121 -3.025  1.00 27.95 ? 176 HOH A O   1 
HETATM 1086 O O   . HOH E 5 .   ? -1.691  12.957  10.581  1.00 25.19 ? 177 HOH A O   1 
HETATM 1087 O O   . HOH E 5 .   ? -4.916  -15.498 -11.779 1.00 19.15 ? 178 HOH A O   1 
HETATM 1088 O O   . HOH E 5 .   ? -21.300 -10.427 -2.458  1.00 28.19 ? 179 HOH A O   1 
HETATM 1089 O O   . HOH E 5 .   ? -1.647  -14.497 -6.130  1.00 21.74 ? 180 HOH A O   1 
HETATM 1090 O O   . HOH E 5 .   ? -10.536 -0.241  3.186   1.00 14.17 ? 181 HOH A O   1 
HETATM 1091 O O   . HOH E 5 .   ? 0.384   14.052  -8.541  1.00 25.43 ? 182 HOH A O   1 
HETATM 1092 O O   . HOH E 5 .   ? -7.290  9.345   15.084  1.00 27.02 ? 183 HOH A O   1 
HETATM 1093 O O   . HOH E 5 .   ? 10.206  15.446  1.051   1.00 25.01 ? 184 HOH A O   1 
HETATM 1094 O O   . HOH E 5 .   ? 13.164  8.422   -3.404  1.00 22.82 ? 185 HOH A O   1 
HETATM 1095 O O   . HOH E 5 .   ? -12.118 -7.129  -11.283 1.00 27.83 ? 186 HOH A O   1 
HETATM 1096 O O   . HOH E 5 .   ? -13.353 -0.122  -9.524  1.00 26.02 ? 187 HOH A O   1 
HETATM 1097 O O   . HOH E 5 .   ? 10.977  1.403   -6.296  1.00 28.18 ? 188 HOH A O   1 
HETATM 1098 O O   . HOH E 5 .   ? -13.893 0.323   -5.121  1.00 18.52 ? 189 HOH A O   1 
HETATM 1099 O O   . HOH E 5 .   ? -13.020 -12.299 2.420   1.00 27.81 ? 190 HOH A O   1 
HETATM 1100 O O   . HOH E 5 .   ? -8.042  2.574   6.420   1.00 18.48 ? 191 HOH A O   1 
HETATM 1101 O O   . HOH E 5 .   ? 2.070   8.765   14.942  1.00 26.30 ? 192 HOH A O   1 
HETATM 1102 O O   . HOH E 5 .   ? 2.840   -15.442 11.353  1.00 36.75 ? 193 HOH A O   1 
HETATM 1103 O O   . HOH E 5 .   ? 5.827   -4.514  -11.817 1.00 57.96 ? 194 HOH A O   1 
HETATM 1104 O O   . HOH E 5 .   ? -17.457 10.190  -13.177 1.00 43.19 ? 195 HOH A O   1 
HETATM 1105 O O   . HOH E 5 .   ? 5.899   2.172   -10.719 1.00 23.93 ? 196 HOH A O   1 
HETATM 1106 O O   . HOH E 5 .   ? 0.257   -9.142  16.693  1.00 17.49 ? 197 HOH A O   1 
HETATM 1107 O O   . HOH E 5 .   ? -11.213 5.333   10.960  1.00 18.75 ? 198 HOH A O   1 
HETATM 1108 O O   . HOH E 5 .   ? -5.721  1.824   5.663   1.00 15.19 ? 199 HOH A O   1 
HETATM 1109 O O   . HOH E 5 .   ? 10.337  -6.141  -0.003  1.00 26.33 ? 200 HOH A O   1 
HETATM 1110 O O   . HOH E 5 .   ? -2.653  1.637   -15.853 1.00 27.70 ? 201 HOH A O   1 
HETATM 1111 O O   . HOH E 5 .   ? -4.119  14.504  3.628   1.00 23.87 ? 202 HOH A O   1 
HETATM 1112 O O   . HOH E 5 .   ? 10.095  -5.033  -7.058  1.00 25.83 ? 203 HOH A O   1 
HETATM 1113 O O   . HOH E 5 .   ? -2.099  6.161   -16.725 1.00 37.59 ? 204 HOH A O   1 
HETATM 1114 O O   . HOH E 5 .   ? -6.822  -3.844  13.168  1.00 31.36 ? 205 HOH A O   1 
HETATM 1115 O O   . HOH E 5 .   ? -8.540  4.670   4.394   1.00 36.21 ? 206 HOH A O   1 
HETATM 1116 O O   . HOH E 5 .   ? -4.138  5.152   11.787  1.00 21.38 ? 207 HOH A O   1 
HETATM 1117 O O   . HOH E 5 .   ? 2.630   15.486  -4.872  1.00 36.99 ? 208 HOH A O   1 
HETATM 1118 O O   . HOH E 5 .   ? 6.730   10.982  -13.941 1.00 22.11 ? 209 HOH A O   1 
HETATM 1119 O O   . HOH E 5 .   ? -1.947  17.181  0.942   1.00 37.84 ? 210 HOH A O   1 
HETATM 1120 O O   . HOH E 5 .   ? 1.873   12.713  -14.446 1.00 18.87 ? 211 HOH A O   1 
HETATM 1121 O O   . HOH E 5 .   ? 10.149  14.224  -5.602  1.00 25.21 ? 212 HOH A O   1 
HETATM 1122 O O   . HOH E 5 .   ? -15.497 -5.474  -12.160 1.00 32.40 ? 213 HOH A O   1 
HETATM 1123 O O   . HOH E 5 .   ? 13.852  -5.155  4.192   1.00 28.75 ? 214 HOH A O   1 
HETATM 1124 O O   . HOH E 5 .   ? -23.021 -7.978  -1.922  1.00 22.60 ? 215 HOH A O   1 
HETATM 1125 O O   . HOH E 5 .   ? 8.854   -15.146 0.658   1.00 21.59 ? 216 HOH A O   1 
HETATM 1126 O O   . HOH E 5 .   ? 9.948   4.287   -9.062  1.00 25.04 ? 217 HOH A O   1 
HETATM 1127 O O   . HOH E 5 .   ? -11.081 -6.997  6.071   1.00 21.17 ? 218 HOH A O   1 
HETATM 1128 O O   . HOH E 5 .   ? 5.344   23.626  3.381   1.00 39.77 ? 219 HOH A O   1 
HETATM 1129 O O   . HOH E 5 .   ? 11.181  12.748  -2.590  1.00 39.80 ? 220 HOH A O   1 
HETATM 1130 O O   . HOH E 5 .   ? -10.088 5.535   -2.259  1.00 26.65 ? 221 HOH A O   1 
HETATM 1131 O O   . HOH E 5 .   ? -17.384 12.138  -14.887 1.00 43.02 ? 222 HOH A O   1 
HETATM 1132 O O   . HOH E 5 .   ? 16.718  -0.635  -1.416  1.00 23.87 ? 223 HOH A O   1 
HETATM 1133 O O   . HOH E 5 .   ? -16.469 -0.184  -5.520  1.00 20.58 ? 224 HOH A O   1 
HETATM 1134 O O   . HOH E 5 .   ? -4.186  10.679  1.182   1.00 18.94 ? 225 HOH A O   1 
HETATM 1135 O O   . HOH E 5 .   ? 5.713   14.034  11.711  1.00 26.93 ? 226 HOH A O   1 
HETATM 1136 O O   . HOH E 5 .   ? 17.148  1.258   14.788  1.00 23.95 ? 227 HOH A O   1 
HETATM 1137 O O   . HOH E 5 .   ? -9.726  5.221   6.535   1.00 27.29 ? 228 HOH A O   1 
HETATM 1138 O O   . HOH E 5 .   ? -13.437 -6.445  4.993   1.00 28.78 ? 229 HOH A O   1 
HETATM 1139 O O   . HOH E 5 .   ? 13.571  -1.657  -3.198  1.00 25.72 ? 230 HOH A O   1 
HETATM 1140 O O   . HOH E 5 .   ? 4.928   -16.704 5.004   1.00 24.97 ? 231 HOH A O   1 
HETATM 1141 O O   . HOH E 5 .   ? 9.440   0.529   13.953  1.00 6.46  ? 232 HOH A O   1 
HETATM 1142 O O   . HOH E 5 .   ? 12.621  13.046  -5.852  1.00 26.79 ? 233 HOH A O   1 
HETATM 1143 O O   . HOH E 5 .   ? 12.436  -9.977  1.216   1.00 38.72 ? 234 HOH A O   1 
HETATM 1144 O O   . HOH E 5 .   ? -0.673  12.816  13.096  1.00 25.34 ? 235 HOH A O   1 
HETATM 1145 O O   . HOH E 5 .   ? 3.241   -9.817  14.791  1.00 34.19 ? 236 HOH A O   1 
HETATM 1146 O O   . HOH E 5 .   ? 2.034   -14.030 7.211   1.00 19.20 ? 237 HOH A O   1 
HETATM 1147 O O   . HOH E 5 .   ? 13.451  10.925  -3.746  1.00 36.60 ? 238 HOH A O   1 
HETATM 1148 O O   . HOH E 5 .   ? 8.113   11.550  14.013  1.00 40.08 ? 239 HOH A O   1 
HETATM 1149 O O   . HOH E 5 .   ? 3.246   22.417  4.653   1.00 44.31 ? 240 HOH A O   1 
HETATM 1150 O O   . HOH E 5 .   ? 5.309   -7.372  -10.671 1.00 39.87 ? 241 HOH A O   1 
HETATM 1151 O O   . HOH E 5 .   ? 11.119  -7.333  -2.657  1.00 36.32 ? 242 HOH A O   1 
HETATM 1152 O O   . HOH E 5 .   ? -7.447  0.987   -19.359 1.00 48.50 ? 243 HOH A O   1 
HETATM 1153 O O   . HOH E 5 .   ? 2.895   -19.063 1.013   1.00 25.87 ? 244 HOH A O   1 
HETATM 1154 O O   . HOH E 5 .   ? 5.329   16.593  10.668  1.00 27.55 ? 245 HOH A O   1 
HETATM 1155 O O   . HOH E 5 .   ? -9.049  5.602   -13.864 1.00 24.88 ? 246 HOH A O   1 
HETATM 1156 O O   . HOH E 5 .   ? -12.125 -0.790  -14.725 1.00 30.19 ? 247 HOH A O   1 
HETATM 1157 O O   . HOH E 5 .   ? 7.754   0.969   15.127  1.00 40.53 ? 248 HOH A O   1 
HETATM 1158 O O   . HOH E 5 .   ? 20.224  1.429   14.439  1.00 37.58 ? 249 HOH A O   1 
HETATM 1159 O O   . HOH E 5 .   ? -7.983  13.774  6.802   1.00 73.86 ? 250 HOH A O   1 
HETATM 1160 O O   . HOH E 5 .   ? -17.292 -0.132  -8.223  1.00 37.13 ? 251 HOH A O   1 
HETATM 1161 O O   . HOH E 5 .   ? 1.798   11.655  13.804  1.00 38.70 ? 252 HOH A O   1 
HETATM 1162 O O   . HOH E 5 .   ? -16.727 4.864   -10.228 1.00 30.36 ? 253 HOH A O   1 
HETATM 1163 O O   . HOH E 5 .   ? -13.459 -2.366  -10.988 1.00 44.57 ? 254 HOH A O   1 
HETATM 1164 O O   . HOH E 5 .   ? -16.062 -2.463  -7.407  1.00 30.57 ? 255 HOH A O   1 
HETATM 1165 O O   . HOH E 5 .   ? -2.888  12.015  14.762  1.00 38.33 ? 256 HOH A O   1 
HETATM 1166 O O   . HOH E 5 .   ? -14.271 -10.788 4.421   1.00 65.78 ? 257 HOH A O   1 
HETATM 1167 O O   . HOH E 5 .   ? -13.424 -17.405 -5.548  1.00 49.22 ? 258 HOH A O   1 
HETATM 1168 O O   . HOH E 5 .   ? 13.239  -6.334  -4.185  1.00 38.54 ? 259 HOH A O   1 
HETATM 1169 O O   . HOH E 5 .   ? 0.432   -16.189 -4.366  1.00 33.96 ? 260 HOH A O   1 
HETATM 1170 O O   . HOH E 5 .   ? -6.915  -1.410  -16.188 1.00 86.22 ? 261 HOH A O   1 
HETATM 1171 O O   . HOH E 5 .   ? 6.975   18.869  7.264   1.00 24.39 ? 262 HOH A O   1 
HETATM 1172 O O   . HOH E 5 .   ? 11.995  5.679   -10.198 1.00 35.80 ? 263 HOH A O   1 
HETATM 1173 O O   . HOH E 5 .   ? -16.119 13.359  -17.151 1.00 33.25 ? 264 HOH A O   1 
HETATM 1174 O O   . HOH E 5 .   ? 19.523  0.280   12.216  1.00 32.03 ? 265 HOH A O   1 
HETATM 1175 O O   . HOH E 5 .   ? 6.011   14.679  -5.446  1.00 34.04 ? 266 HOH A O   1 
HETATM 1176 O O   . HOH E 5 .   ? -9.208  -14.552 -4.815  1.00 38.37 ? 267 HOH A O   1 
HETATM 1177 O O   . HOH E 5 .   ? 3.590   13.094  -4.683  1.00 56.30 ? 268 HOH A O   1 
HETATM 1178 O O   . HOH E 5 .   ? 13.368  -7.062  6.149   1.00 42.95 ? 269 HOH A O   1 
HETATM 1179 O O   . HOH E 5 .   ? 2.339   -16.753 -6.133  1.00 38.07 ? 270 HOH A O   1 
HETATM 1180 O O   . HOH E 5 .   ? -14.122 11.731  -16.557 1.00 33.33 ? 271 HOH A O   1 
HETATM 1181 O O   . HOH E 5 .   ? -13.737 -1.849  -6.338  1.00 41.84 ? 272 HOH A O   1 
HETATM 1182 O O   . HOH E 5 .   ? -10.394 -6.299  -13.023 1.00 41.49 ? 273 HOH A O   1 
HETATM 1183 O O   . HOH E 5 .   ? 14.688  -6.038  8.050   1.00 47.51 ? 274 HOH A O   1 
HETATM 1184 O O   . HOH E 5 .   ? -16.733 -11.370 -4.526  1.00 49.37 ? 275 HOH A O   1 
HETATM 1185 O O   . HOH E 5 .   ? -17.807 16.108  -16.474 1.00 40.46 ? 276 HOH A O   1 
HETATM 1186 O O   . HOH E 5 .   ? -2.519  9.346   14.924  1.00 22.86 ? 277 HOH A O   1 
HETATM 1187 O O   . HOH E 5 .   ? 8.051   -10.252 3.450   1.00 52.84 ? 278 HOH A O   1 
HETATM 1188 O O   . HOH E 5 .   ? -6.788  13.165  4.550   1.00 32.32 ? 279 HOH A O   1 
HETATM 1189 O O   . HOH E 5 .   ? 13.332  -4.193  -1.413  1.00 30.93 ? 280 HOH A O   1 
HETATM 1190 O O   . HOH E 5 .   ? -9.430  -5.312  2.953   1.00 10.43 ? 281 HOH A O   1 
HETATM 1191 O O   . HOH E 5 .   ? -16.388 -8.756  3.493   1.00 38.04 ? 282 HOH A O   1 
HETATM 1192 O O   . HOH E 5 .   ? 13.035  -4.104  9.022   1.00 42.05 ? 283 HOH A O   1 
HETATM 1193 O O   . HOH E 5 .   ? -19.517 13.870  -15.600 1.00 47.22 ? 284 HOH A O   1 
HETATM 1194 O O   . HOH E 5 .   ? -10.436 -4.242  9.580   1.00 29.89 ? 285 HOH A O   1 
HETATM 1195 O O   . HOH E 5 .   ? 14.922  0.500   -5.381  1.00 45.13 ? 286 HOH A O   1 
HETATM 1196 O O   . HOH E 5 .   ? -3.971  -7.720  17.282  1.00 35.79 ? 287 HOH A O   1 
HETATM 1197 O O   . HOH E 5 .   ? 0.154   -5.589  -14.939 1.00 46.69 ? 288 HOH A O   1 
HETATM 1198 O O   . HOH E 5 .   ? -9.104  7.529   -3.664  1.00 32.91 ? 289 HOH A O   1 
HETATM 1199 O O   . HOH E 5 .   ? -8.218  -3.366  -15.488 1.00 34.41 ? 290 HOH A O   1 
HETATM 1200 O O   . HOH E 5 .   ? 19.350  -0.100  4.447   1.00 28.68 ? 291 HOH A O   1 
HETATM 1201 O O   . HOH E 5 .   ? -7.301  -5.878  -14.309 1.00 32.09 ? 292 HOH A O   1 
HETATM 1202 O O   . HOH E 5 .   ? 14.923  -2.786  5.440   1.00 65.80 ? 293 HOH A O   1 
HETATM 1203 O O   . HOH E 5 .   ? 3.302   -12.802 12.176  1.00 40.18 ? 294 HOH A O   1 
HETATM 1204 O O   . HOH E 5 .   ? -4.765  7.897   14.882  1.00 28.56 ? 295 HOH A O   1 
HETATM 1205 O O   . HOH E 5 .   ? 16.167  5.872   -2.238  1.00 22.96 ? 296 HOH A O   1 
HETATM 1206 O O   . HOH E 5 .   ? 18.349  7.175   -0.422  1.00 25.92 ? 297 HOH A O   1 
HETATM 1207 O O   . HOH E 5 .   ? 8.260   15.710  -4.880  1.00 51.41 ? 298 HOH A O   1 
HETATM 1208 O O   . HOH E 5 .   ? 9.787   -1.068  -6.533  1.00 39.46 ? 299 HOH A O   1 
HETATM 1209 O O   . HOH E 5 .   ? -6.446  4.664   -15.570 1.00 41.81 ? 300 HOH A O   1 
HETATM 1210 O O   . HOH E 5 .   ? -0.347  8.403   16.124  1.00 56.35 ? 301 HOH A O   1 
HETATM 1211 O O   . HOH E 5 .   ? -7.654  -7.061  -16.770 1.00 49.25 ? 302 HOH A O   1 
HETATM 1212 O O   . HOH E 5 .   ? 8.187   -1.614  -9.121  1.00 73.14 ? 303 HOH A O   1 
HETATM 1213 O O   . HOH E 5 .   ? -12.914 12.012  -9.611  1.00 28.76 ? 304 HOH A O   1 
HETATM 1214 O O   . HOH E 5 .   ? -15.508 11.461  -10.615 1.00 34.00 ? 305 HOH A O   1 
HETATM 1215 O O   . HOH E 5 .   ? -15.100 10.261  -13.903 1.00 35.05 ? 306 HOH A O   1 
HETATM 1216 O O   . HOH E 5 .   ? -11.506 10.113  -13.782 1.00 30.21 ? 307 HOH A O   1 
HETATM 1217 O O   . HOH E 5 .   ? -15.883 8.683   -11.546 1.00 34.50 ? 308 HOH A O   1 
HETATM 1218 O O   . HOH E 5 .   ? 2.485   -12.744 4.844   1.00 18.38 ? 309 HOH A O   1 
HETATM 1219 O O   . HOH E 5 .   ? 6.328   -7.535  6.626   1.00 22.80 ? 310 HOH A O   1 
HETATM 1220 O O   . HOH E 5 .   ? 0.534   -16.401 6.580   1.00 20.56 ? 311 HOH A O   1 
HETATM 1221 O O   . HOH E 5 .   ? -21.444 -0.382  -9.364  1.00 31.58 ? 312 HOH A O   1 
HETATM 1222 O O   . HOH E 5 .   ? 6.566   2.700   15.934  1.00 33.19 ? 313 HOH A O   1 
HETATM 1223 O O   . HOH E 5 .   ? 7.763   3.620   17.778  1.00 25.24 ? 314 HOH A O   1 
HETATM 1224 O O   . HOH E 5 .   ? -3.804  4.268   14.399  1.00 33.39 ? 315 HOH A O   1 
HETATM 1225 O O   . HOH E 5 .   ? -16.479 -8.469  1.365   1.00 34.44 ? 316 HOH A O   1 
HETATM 1226 O O   . HOH E 5 .   ? -15.183 -15.161 0.455   1.00 34.27 ? 317 HOH A O   1 
HETATM 1227 O O   . HOH E 5 .   ? -14.084 -17.526 -1.200  1.00 36.33 ? 318 HOH A O   1 
HETATM 1228 O O   . HOH E 5 .   ? 5.002   -6.865  4.961   1.00 40.27 ? 319 HOH A O   1 
HETATM 1229 O O   . HOH E 5 .   ? 5.447   -10.007 3.206   1.00 38.69 ? 320 HOH A O   1 
HETATM 1230 O O   . HOH E 5 .   ? -3.841  -15.199 1.953   1.00 33.07 ? 321 HOH A O   1 
HETATM 1231 O O   . HOH E 5 .   ? 0.318   14.631  -13.306 1.00 31.46 ? 322 HOH A O   1 
HETATM 1232 O O   . HOH E 5 .   ? -4.645  -12.951 -12.380 1.00 34.90 ? 323 HOH A O   1 
HETATM 1233 O O   . HOH E 5 .   ? -13.435 9.540   -12.057 1.00 52.81 ? 324 HOH A O   1 
HETATM 1234 O O   . HOH E 5 .   ? 8.364   16.651  10.604  1.00 34.91 ? 325 HOH A O   1 
HETATM 1235 O O   . HOH E 5 .   ? 10.986  10.580  -3.696  1.00 46.43 ? 326 HOH A O   1 
HETATM 1236 O O   . HOH E 5 .   ? 10.675  -7.533  7.078   1.00 48.83 ? 327 HOH A O   1 
HETATM 1237 O O   . HOH E 5 .   ? 1.424   -18.648 -4.059  1.00 50.56 ? 328 HOH A O   1 
HETATM 1238 O O   . HOH E 5 .   ? -5.292  2.051   -16.254 1.00 47.69 ? 329 HOH A O   1 
HETATM 1239 O O   . HOH E 5 .   ? -3.988  10.468  -15.042 1.00 35.31 ? 330 HOH A O   1 
HETATM 1240 O O   . HOH E 5 .   ? 14.717  6.678   -4.626  1.00 32.78 ? 331 HOH A O   1 
HETATM 1241 O O   . HOH E 5 .   ? 13.028  5.413   -6.439  1.00 33.46 ? 332 HOH A O   1 
HETATM 1242 O O   . HOH E 5 .   ? 0.180   -7.881  -13.651 1.00 55.42 ? 333 HOH A O   1 
HETATM 1243 O O   . HOH E 5 .   ? -13.218 13.905  -11.360 1.00 43.71 ? 334 HOH A O   1 
HETATM 1244 O O   . HOH E 5 .   ? 8.556   -4.040  -10.234 1.00 36.06 ? 335 HOH A O   1 
HETATM 1245 O O   . HOH E 5 .   ? -16.126 2.870   -7.776  1.00 33.71 ? 336 HOH A O   1 
HETATM 1246 O O   . HOH E 5 .   ? 5.485   -9.359  13.329  1.00 43.54 ? 337 HOH A O   1 
HETATM 1247 O O   . HOH E 5 .   ? 20.356  8.626   -1.691  1.00 39.12 ? 338 HOH A O   1 
HETATM 1248 O O   . HOH E 5 .   ? -18.988 0.006   -10.218 1.00 43.32 ? 339 HOH A O   1 
HETATM 1249 O O   . HOH E 5 .   ? -1.399  15.404  -6.199  1.00 41.05 ? 340 HOH A O   1 
HETATM 1250 O O   . HOH E 5 .   ? -12.220 -16.837 -3.235  1.00 38.91 ? 341 HOH A O   1 
HETATM 1251 O O   . HOH E 5 .   ? 9.304   1.699   -9.645  1.00 44.20 ? 342 HOH A O   1 
HETATM 1252 O O   . HOH E 5 .   ? -14.007 -14.700 2.797   1.00 51.55 ? 343 HOH A O   1 
HETATM 1253 O O   . HOH E 5 .   ? -5.374  -6.463  14.949  1.00 35.64 ? 344 HOH A O   1 
HETATM 1254 O O   . HOH E 5 .   ? 6.859   0.561   -8.951  1.00 64.04 ? 345 HOH A O   1 
HETATM 1255 O O   . HOH E 5 .   ? 6.376   -11.528 -7.985  1.00 48.53 ? 346 HOH A O   1 
HETATM 1256 O O   . HOH E 5 .   ? -11.392 14.032  -13.332 1.00 58.89 ? 347 HOH A O   1 
HETATM 1257 O O   . HOH E 5 .   ? -1.073  -0.654  -15.523 1.00 32.00 ? 348 HOH A O   1 
HETATM 1258 O O   . HOH E 5 .   ? 7.898   14.013  13.033  1.00 56.02 ? 349 HOH A O   1 
HETATM 1259 O O   . HOH E 5 .   ? 3.495   18.443  10.945  1.00 62.84 ? 350 HOH A O   1 
HETATM 1260 O O   . HOH E 5 .   ? 5.989   -15.320 12.356  1.00 37.96 ? 351 HOH A O   1 
HETATM 1261 O O   . HOH E 5 .   ? 14.746  -4.448  -3.512  1.00 67.77 ? 352 HOH A O   1 
HETATM 1262 O O   . HOH E 5 .   ? 13.632  -7.100  10.472  1.00 60.04 ? 353 HOH A O   1 
HETATM 1263 O O   . HOH E 5 .   ? -11.997 5.842   5.724   1.00 75.81 ? 354 HOH A O   1 
# 
